data_8SGO
#
_entry.id   8SGO
#
_cell.length_a   1.00
_cell.length_b   1.00
_cell.length_c   1.00
_cell.angle_alpha   90.00
_cell.angle_beta   90.00
_cell.angle_gamma   90.00
#
_symmetry.space_group_name_H-M   'P 1'
#
loop_
_entity.id
_entity.type
_entity.pdbx_description
1 polymer 'Gamma-aminobutyric acid receptor subunit beta-2'
2 polymer 'Gamma-aminobutyric acid receptor subunit alpha-1'
3 polymer 'Gamma-aminobutyric acid receptor subunit gamma-2'
4 polymer 'Kappa Fab Light Chain'
5 polymer 'IgG2b Fab Heavy Chain'
6 branched beta-D-mannopyranose-(1-4)-2-acetamido-2-deoxy-beta-D-glucopyranose-(1-4)-2-acetamido-2-deoxy-beta-D-glucopyranose
7 branched alpha-D-mannopyranose-(1-2)-alpha-D-mannopyranose-(1-2)-alpha-D-mannopyranose-(1-3)-[alpha-D-mannopyranose-(1-2)-alpha-D-mannopyranose-(1-6)-[alpha-D-mannopyranose-(1-3)]alpha-D-mannopyranose-(1-6)]beta-D-mannopyranose-(1-4)-2-acetamido-2-deoxy-beta-D-glucopyranose-(1-4)-2-acetamido-2-deoxy-beta-D-glucopyranose
8 branched 2-acetamido-2-deoxy-beta-D-glucopyranose-(1-4)-2-acetamido-2-deoxy-beta-D-glucopyranose
9 non-polymer 2-acetamido-2-deoxy-beta-D-glucopyranose
10 non-polymer 'GAMMA-AMINO-BUTANOIC ACID'
11 non-polymer PHOSPHATIDYLETHANOLAMINE
12 non-polymer O-[(R)-[(2S)-2-(hexadecanoyloxy)-3-(octadecanoyloxy)propoxy](hydroxy)phosphoryl]-D-serine
13 non-polymer 'Pregnenolone sulfate'
#
loop_
_entity_poly.entity_id
_entity_poly.type
_entity_poly.pdbx_seq_one_letter_code
_entity_poly.pdbx_strand_id
1 'polypeptide(L)'
;QSVNDPSNMSLVKETVDRLLKGYDIRLRPDFGGPPVAVGMNIDIASIDMVSEVNMDYTLTMYFQQAWRDKRLSYNVIPLN
LTLDNRVADQLWVPDTYFLNDKKSFVHGVTVKNRMIRLHPDGTVLYGLRITTTAACMMDLRRYPLDEQNCTLEIESYGYT
TDDIEFYWRGDDNAVTGVTKIELPQFSIVDYKLITKKVVFSTGSYPRLSLSFKLKRNIGYFILQTYMPSILITILSWVSF
WINYDASAARVALGITTVLTMTTINTHLRETLPKIPYVKAIDMYLMGCFVFVFMALLEYALVNYIFFSQPARAAAIDRWS
RIFFPVVFSFFNIVYWLYYVNVDGSGATNFSLLKQAGDVEENPG
;
A,C
2 'polypeptide(L)'
;QPSLQDELKDNTTVFTRILDRLLDGYDNRLRPGLGERVTEVKTDIFVTSFGPVSDHDMEYTIDVFFRQSWKDERLKFKGP
MTVLRLNNLMASKIWTPDTFFHNGKKSVAHNMTMPNKLLRITEDGTLLYTMRLTVRAECPMHLEDFPMDAHACPLKFGSY
AYTRAEVVYEWTREPARSVVVAEDGSRLNQYDLLGQTVDSGIVQSSTGEYVVMTTHFHLKRKIGYFVIQTYLPCIMTVIL
SQVSFWLNRESVPARTVFGVTTVLTMTTLSISARNSLPKVAYATAMDWFIAVCYAFVFSALIEFATVNYFTKSQPARAAK
IDRLSRIAFPLLFGIFNLVYWATYLNREPQLKAPTPHQ
;
B,D
3 'polypeptide(L)'
;WSHPQFEKGGGSGGGSGGSSAWSHPQFEKLEVLFQGPQKSDDDYEDYASNKTWVLTPKVPEGDVTVILNNLLEGYDNKLR
PDIGVKPTLIHTDMYVNSIGPVNAINMEYTIDIFFAQTWYDRRLKFNSTIKVLRLNSNMVGKIWIPDTFFRNSKKADAHW
ITTPNRMLRIWNDGRVLYTLRLTIDAECQLQLHNFPMDEHSCPLEFSSYGYPREEIVYQWKRSSVEVGDTRSWRLYQFSF
VGLRNTTEVVKTTSGDYVVMSVYFDLSRRMGYFTIQTYIPCTLIVVLSWVSFWINKDAVPARTSLGITTVLTMTTLSTIA
RKSLPKVSYVTAMDLFVSVCFIFVFSALVEYGTLHYFVSSQPARAAKMDSYARIFFPTAFCLFNLVYWVSYLYLSRGSGA
TNFSLLKQAGDVEENPG
;
E
4 'polypeptide(L)'
;NIVMTQSPKSMSMSVGERVTLSCKASEYVGTYVSWYQQKPEQSPKLLIYGASNRYTGVPDRFTGSGSATDFTLTIGSVQA
EDLADYHCGQSYSYPTFGAGTKLELKRADAAPTVSIFPPSSEQLTSGGASVVCFLNNFYPKDINVKWKIDGSERQNGVLN
SWTDQDSKDSTYSMSSTLTLTKDEYERHNSYTCEATHKTSTSPIVKSFNRNEC
;
I,L
5 'polypeptide(L)'
;EVQLQQSGAELVKPGASVKLSCTASGFNIKDTYMYWVKQRPEQGLEWIGRIDPANGDTKYDPKFQGKATITTDTFSNTAY
LQLSSLTSEDTAVYYCARKGLRWAMDYWGQGTSVTVSTAKTTPPSVYPLAPGCGDTTGSSVTLGCLVKGYFPESVTVTWN
SGSLSSSVHTFPALLQSGLYTMSSSVTVPSSTWPSQTVTCSVAHPASSTTVDKKLEPSGPISTINPCPPCKECHKCPAPN
LEGGPSVFIFPPNIKDVLMISLTPKVTCVVVDVSEDDPDVQISWFVNNVEVHTAQTQTHREDYNSTIRVVSTLPIQHQDW
MSGKEFKCKVNNKDLPSPIERTISKIKGLVRAPQVYILPPPAEQLSRKDVSLTCLVVGFNPGDISVEWTSNGHTEENYKD
TAPVLDSDGSYFIYSKLNMKTSKWEKTDSFSCNVRHEGLKNYYLKKTISRSPGK
;
J,K
#
# COMPACT_ATOMS: atom_id res chain seq x y z
N SER A 7 -12.64 -53.90 4.11
CA SER A 7 -12.08 -53.39 5.35
C SER A 7 -12.83 -52.14 5.81
N ASN A 8 -12.32 -51.50 6.86
CA ASN A 8 -12.97 -50.29 7.37
C ASN A 8 -12.78 -49.13 6.41
N MET A 9 -11.61 -49.05 5.77
CA MET A 9 -11.37 -47.97 4.81
C MET A 9 -12.28 -48.11 3.60
N SER A 10 -12.47 -49.33 3.11
CA SER A 10 -13.37 -49.53 1.97
C SER A 10 -14.80 -49.18 2.34
N LEU A 11 -15.24 -49.55 3.55
CA LEU A 11 -16.58 -49.20 3.98
C LEU A 11 -16.76 -47.70 4.06
N VAL A 12 -15.77 -46.99 4.64
CA VAL A 12 -15.87 -45.54 4.73
C VAL A 12 -15.90 -44.93 3.34
N LYS A 13 -15.05 -45.44 2.43
CA LYS A 13 -15.00 -44.87 1.09
C LYS A 13 -16.35 -45.05 0.39
N GLU A 14 -16.96 -46.22 0.54
CA GLU A 14 -18.24 -46.45 -0.11
C GLU A 14 -19.33 -45.58 0.51
N THR A 15 -19.28 -45.39 1.83
CA THR A 15 -20.27 -44.52 2.47
C THR A 15 -20.15 -43.09 1.97
N VAL A 16 -18.93 -42.57 1.87
CA VAL A 16 -18.75 -41.19 1.43
C VAL A 16 -19.13 -41.05 -0.04
N ASP A 17 -18.77 -42.04 -0.87
CA ASP A 17 -19.14 -41.97 -2.28
C ASP A 17 -20.65 -42.02 -2.45
N ARG A 18 -21.36 -42.71 -1.54
CA ARG A 18 -22.81 -42.70 -1.59
C ARG A 18 -23.37 -41.35 -1.16
N LEU A 19 -22.80 -40.76 -0.10
CA LEU A 19 -23.30 -39.48 0.37
C LEU A 19 -23.14 -38.39 -0.68
N LEU A 20 -21.98 -38.32 -1.32
CA LEU A 20 -21.72 -37.24 -2.26
C LEU A 20 -22.30 -37.49 -3.64
N LYS A 21 -22.78 -38.70 -3.93
CA LYS A 21 -23.41 -38.99 -5.21
C LYS A 21 -24.90 -38.71 -5.13
N GLY A 22 -25.41 -37.92 -6.08
CA GLY A 22 -26.79 -37.50 -6.04
C GLY A 22 -27.01 -36.44 -4.99
N TYR A 23 -26.18 -35.39 -5.01
CA TYR A 23 -26.23 -34.30 -4.05
C TYR A 23 -26.29 -32.98 -4.81
N ASP A 24 -27.25 -32.14 -4.46
CA ASP A 24 -27.44 -30.85 -5.11
C ASP A 24 -27.03 -29.75 -4.16
N ILE A 25 -26.02 -28.96 -4.57
CA ILE A 25 -25.54 -27.88 -3.73
C ILE A 25 -26.45 -26.67 -3.78
N ARG A 26 -27.23 -26.52 -4.86
CA ARG A 26 -28.07 -25.34 -4.99
C ARG A 26 -29.26 -25.35 -4.04
N LEU A 27 -29.54 -26.47 -3.40
CA LEU A 27 -30.71 -26.62 -2.55
C LEU A 27 -30.28 -26.83 -1.11
N ARG A 28 -30.75 -25.94 -0.23
CA ARG A 28 -30.51 -26.09 1.20
C ARG A 28 -31.24 -27.33 1.72
N PRO A 29 -30.82 -27.87 2.86
CA PRO A 29 -31.57 -28.96 3.46
C PRO A 29 -33.00 -28.53 3.76
N ASP A 30 -33.95 -29.42 3.47
CA ASP A 30 -35.37 -29.12 3.57
C ASP A 30 -35.72 -27.90 2.71
N PHE A 31 -35.57 -28.06 1.40
CA PHE A 31 -35.77 -26.94 0.49
C PHE A 31 -37.22 -26.49 0.40
N GLY A 32 -38.16 -27.31 0.84
CA GLY A 32 -39.55 -26.91 0.80
C GLY A 32 -40.19 -26.78 2.16
N GLY A 33 -39.71 -27.53 3.14
CA GLY A 33 -40.34 -27.58 4.43
C GLY A 33 -39.85 -26.49 5.36
N PRO A 34 -39.60 -26.84 6.62
CA PRO A 34 -39.26 -25.83 7.63
C PRO A 34 -37.86 -25.30 7.43
N PRO A 35 -37.50 -24.21 8.08
CA PRO A 35 -36.13 -23.70 7.98
C PRO A 35 -35.14 -24.59 8.70
N VAL A 36 -33.89 -24.51 8.26
CA VAL A 36 -32.80 -25.23 8.88
C VAL A 36 -32.26 -24.40 10.04
N ALA A 37 -31.82 -25.07 11.09
CA ALA A 37 -31.37 -24.42 12.32
C ALA A 37 -29.85 -24.53 12.41
N VAL A 38 -29.18 -23.39 12.35
CA VAL A 38 -27.72 -23.31 12.30
C VAL A 38 -27.26 -22.77 13.65
N GLY A 39 -26.52 -23.58 14.41
CA GLY A 39 -26.03 -23.19 15.71
C GLY A 39 -24.60 -22.72 15.62
N MET A 40 -24.31 -21.60 16.26
CA MET A 40 -23.03 -20.91 16.14
C MET A 40 -22.22 -21.05 17.41
N ASN A 41 -20.93 -21.35 17.24
CA ASN A 41 -19.94 -21.26 18.30
C ASN A 41 -18.82 -20.32 17.87
N ILE A 42 -18.23 -19.63 18.83
CA ILE A 42 -17.12 -18.71 18.56
C ILE A 42 -16.09 -18.90 19.66
N ASP A 43 -14.83 -19.06 19.26
CA ASP A 43 -13.72 -19.15 20.20
C ASP A 43 -12.75 -18.03 19.84
N ILE A 44 -12.80 -16.92 20.57
CA ILE A 44 -12.00 -15.75 20.21
C ILE A 44 -10.55 -16.00 20.57
N ALA A 45 -9.68 -15.97 19.56
CA ALA A 45 -8.26 -16.13 19.79
C ALA A 45 -7.63 -14.84 20.32
N SER A 46 -7.93 -13.71 19.68
CA SER A 46 -7.36 -12.45 20.14
C SER A 46 -8.12 -11.28 19.52
N ILE A 47 -8.18 -10.18 20.27
CA ILE A 47 -8.59 -8.89 19.75
C ILE A 47 -7.33 -8.06 19.56
N ASP A 48 -6.89 -7.92 18.31
CA ASP A 48 -5.52 -7.47 18.04
C ASP A 48 -5.33 -5.98 18.33
N MET A 49 -5.95 -5.11 17.54
CA MET A 49 -5.70 -3.68 17.63
C MET A 49 -7.00 -2.91 17.55
N VAL A 50 -7.19 -1.97 18.46
CA VAL A 50 -8.40 -1.16 18.53
C VAL A 50 -7.98 0.27 18.22
N SER A 51 -8.30 0.73 17.01
CA SER A 51 -7.88 2.04 16.53
C SER A 51 -8.99 3.05 16.71
N GLU A 52 -8.66 4.19 17.31
CA GLU A 52 -9.60 5.31 17.36
C GLU A 52 -9.54 6.17 16.11
N VAL A 53 -8.54 5.98 15.26
CA VAL A 53 -8.42 6.78 14.05
C VAL A 53 -9.17 6.13 12.90
N ASN A 54 -9.10 4.81 12.78
CA ASN A 54 -9.88 4.07 11.79
C ASN A 54 -11.23 3.62 12.31
N MET A 55 -11.49 3.77 13.61
CA MET A 55 -12.77 3.38 14.20
C MET A 55 -13.08 1.92 13.90
N ASP A 56 -12.12 1.05 14.16
CA ASP A 56 -12.33 -0.38 13.96
C ASP A 56 -11.39 -1.16 14.85
N TYR A 57 -11.73 -2.44 15.02
CA TYR A 57 -10.94 -3.38 15.79
C TYR A 57 -10.78 -4.67 14.98
N THR A 58 -9.70 -5.40 15.26
CA THR A 58 -9.38 -6.64 14.58
C THR A 58 -9.48 -7.80 15.56
N LEU A 59 -10.18 -8.86 15.17
CA LEU A 59 -10.26 -10.05 16.03
C LEU A 59 -10.09 -11.31 15.20
N THR A 60 -9.41 -12.29 15.79
CA THR A 60 -9.21 -13.61 15.20
C THR A 60 -10.01 -14.62 15.99
N MET A 61 -10.85 -15.39 15.31
CA MET A 61 -11.77 -16.30 15.98
C MET A 61 -11.81 -17.64 15.26
N TYR A 62 -12.26 -18.65 15.99
CA TYR A 62 -12.58 -19.96 15.41
C TYR A 62 -14.08 -20.05 15.22
N PHE A 63 -14.55 -19.49 14.12
CA PHE A 63 -15.98 -19.47 13.83
C PHE A 63 -16.45 -20.86 13.44
N GLN A 64 -17.49 -21.36 14.12
CA GLN A 64 -17.98 -22.71 13.89
C GLN A 64 -19.51 -22.71 13.79
N GLN A 65 -20.04 -23.45 12.83
CA GLN A 65 -21.47 -23.57 12.65
C GLN A 65 -21.85 -25.05 12.59
N ALA A 66 -23.09 -25.35 12.98
CA ALA A 66 -23.57 -26.72 13.06
C ALA A 66 -25.04 -26.78 12.66
N TRP A 67 -25.33 -27.47 11.56
CA TRP A 67 -26.69 -27.70 11.12
C TRP A 67 -26.89 -29.20 10.92
N ARG A 68 -28.09 -29.59 10.50
CA ARG A 68 -28.44 -31.00 10.31
C ARG A 68 -28.92 -31.21 8.89
N ASP A 69 -28.09 -31.87 8.08
CA ASP A 69 -28.41 -32.21 6.70
C ASP A 69 -28.83 -33.68 6.64
N LYS A 70 -30.12 -33.93 6.43
CA LYS A 70 -30.61 -35.30 6.42
C LYS A 70 -30.13 -36.08 5.20
N ARG A 71 -29.48 -35.43 4.25
CA ARG A 71 -28.96 -36.15 3.09
C ARG A 71 -27.60 -36.76 3.41
N LEU A 72 -26.84 -36.15 4.31
CA LEU A 72 -25.55 -36.68 4.73
C LEU A 72 -25.68 -37.49 6.02
N SER A 73 -26.55 -38.49 5.98
CA SER A 73 -26.80 -39.36 7.11
C SER A 73 -26.42 -40.77 6.74
N TYR A 74 -25.70 -41.45 7.63
CA TYR A 74 -25.25 -42.81 7.39
C TYR A 74 -25.37 -43.60 8.69
N ASN A 75 -25.48 -44.92 8.54
CA ASN A 75 -25.65 -45.79 9.70
C ASN A 75 -24.81 -47.05 9.65
N VAL A 76 -24.02 -47.26 8.60
CA VAL A 76 -23.25 -48.50 8.52
C VAL A 76 -22.02 -48.45 9.42
N ILE A 77 -21.49 -47.26 9.69
CA ILE A 77 -20.32 -47.11 10.55
C ILE A 77 -20.68 -46.20 11.72
N PRO A 78 -20.11 -46.41 12.91
CA PRO A 78 -20.49 -45.62 14.08
C PRO A 78 -19.64 -44.39 14.36
N LEU A 79 -18.56 -44.16 13.62
CA LEU A 79 -17.64 -43.08 13.94
C LEU A 79 -18.02 -41.79 13.23
N ASN A 80 -17.49 -40.68 13.75
CA ASN A 80 -17.73 -39.35 13.17
C ASN A 80 -16.65 -39.08 12.12
N LEU A 81 -17.07 -39.02 10.86
CA LEU A 81 -16.14 -38.80 9.78
C LEU A 81 -15.61 -37.37 9.78
N THR A 82 -14.31 -37.22 9.65
CA THR A 82 -13.66 -35.93 9.47
C THR A 82 -13.04 -35.92 8.08
N LEU A 83 -13.73 -35.29 7.13
CA LEU A 83 -13.24 -35.27 5.76
C LEU A 83 -12.24 -34.14 5.56
N ASP A 84 -11.52 -34.22 4.45
CA ASP A 84 -10.61 -33.15 4.07
C ASP A 84 -11.39 -31.87 3.81
N ASN A 85 -10.78 -30.73 4.11
CA ASN A 85 -11.50 -29.47 3.97
C ASN A 85 -11.82 -29.12 2.53
N ARG A 86 -11.47 -29.96 1.57
CA ARG A 86 -11.80 -29.69 0.18
C ARG A 86 -13.20 -30.18 -0.18
N VAL A 87 -13.82 -30.99 0.68
CA VAL A 87 -15.19 -31.44 0.45
C VAL A 87 -16.21 -30.38 0.80
N ALA A 88 -15.81 -29.34 1.53
CA ALA A 88 -16.73 -28.25 1.85
C ALA A 88 -17.11 -27.44 0.62
N ASP A 89 -16.47 -27.69 -0.52
CA ASP A 89 -16.88 -27.07 -1.78
C ASP A 89 -17.92 -27.90 -2.51
N GLN A 90 -18.23 -29.09 -2.01
CA GLN A 90 -19.25 -29.94 -2.61
C GLN A 90 -20.49 -30.09 -1.75
N LEU A 91 -20.45 -29.63 -0.51
CA LEU A 91 -21.60 -29.65 0.37
C LEU A 91 -22.27 -28.29 0.39
N TRP A 92 -23.41 -28.22 1.08
CA TRP A 92 -24.13 -26.97 1.27
C TRP A 92 -23.73 -26.38 2.62
N VAL A 93 -23.30 -25.12 2.62
CA VAL A 93 -22.96 -24.42 3.85
C VAL A 93 -23.70 -23.09 3.88
N PRO A 94 -24.18 -22.64 5.03
CA PRO A 94 -25.01 -21.43 5.06
C PRO A 94 -24.21 -20.18 4.73
N ASP A 95 -24.88 -19.22 4.11
CA ASP A 95 -24.23 -18.00 3.62
C ASP A 95 -24.15 -16.94 4.71
N THR A 96 -23.44 -17.27 5.78
CA THR A 96 -23.29 -16.36 6.92
C THR A 96 -22.25 -15.30 6.59
N TYR A 97 -22.59 -14.04 6.84
CA TYR A 97 -21.69 -12.92 6.60
C TYR A 97 -21.76 -11.96 7.77
N PHE A 98 -20.69 -11.21 8.00
CA PHE A 98 -20.63 -10.22 9.06
C PHE A 98 -20.94 -8.84 8.49
N LEU A 99 -21.91 -8.16 9.10
CA LEU A 99 -22.43 -6.94 8.48
C LEU A 99 -21.42 -5.80 8.58
N ASN A 100 -20.71 -5.70 9.70
CA ASN A 100 -19.87 -4.53 9.95
C ASN A 100 -18.39 -4.86 9.80
N ASP A 101 -18.04 -5.82 8.95
CA ASP A 101 -16.64 -6.09 8.69
C ASP A 101 -16.17 -5.25 7.51
N LYS A 102 -14.86 -4.99 7.49
CA LYS A 102 -14.22 -4.21 6.45
C LYS A 102 -13.30 -5.07 5.60
N LYS A 103 -12.46 -5.86 6.24
CA LYS A 103 -11.51 -6.73 5.56
C LYS A 103 -11.43 -8.03 6.34
N SER A 104 -11.65 -9.15 5.66
CA SER A 104 -11.67 -10.45 6.32
C SER A 104 -10.97 -11.47 5.43
N PHE A 105 -10.47 -12.54 6.05
CA PHE A 105 -9.80 -13.58 5.29
C PHE A 105 -9.66 -14.82 6.16
N VAL A 106 -10.02 -15.98 5.59
CA VAL A 106 -9.69 -17.26 6.20
C VAL A 106 -8.21 -17.54 6.03
N HIS A 107 -7.53 -17.87 7.13
CA HIS A 107 -6.11 -18.16 7.04
C HIS A 107 -5.91 -19.40 6.17
N GLY A 108 -4.89 -19.37 5.32
CA GLY A 108 -4.70 -20.44 4.37
C GLY A 108 -3.37 -21.14 4.39
N VAL A 109 -2.79 -21.36 5.56
CA VAL A 109 -1.51 -22.05 5.69
C VAL A 109 -1.62 -23.07 6.83
N THR A 110 -1.18 -24.30 6.60
CA THR A 110 -0.57 -24.74 5.34
C THR A 110 -1.64 -25.10 4.32
N VAL A 111 -2.88 -25.25 4.79
CA VAL A 111 -4.03 -25.40 3.93
C VAL A 111 -5.08 -24.39 4.37
N LYS A 112 -6.16 -24.30 3.61
CA LYS A 112 -7.27 -23.45 4.02
C LYS A 112 -7.73 -23.92 5.39
N ASN A 113 -7.69 -23.03 6.37
CA ASN A 113 -8.00 -23.38 7.75
C ASN A 113 -9.51 -23.51 7.93
N ARG A 114 -10.04 -24.67 7.57
CA ARG A 114 -11.44 -24.97 7.86
C ARG A 114 -11.59 -26.45 8.15
N MET A 115 -12.60 -26.77 8.93
CA MET A 115 -12.94 -28.13 9.31
C MET A 115 -14.34 -28.46 8.82
N ILE A 116 -14.52 -29.69 8.34
CA ILE A 116 -15.83 -30.16 7.91
C ILE A 116 -15.97 -31.60 8.39
N ARG A 117 -16.79 -31.81 9.41
CA ARG A 117 -16.86 -33.10 10.10
C ARG A 117 -18.31 -33.56 10.12
N LEU A 118 -18.57 -34.74 9.57
CA LEU A 118 -19.92 -35.30 9.54
C LEU A 118 -20.16 -36.19 10.75
N HIS A 119 -21.43 -36.40 11.03
CA HIS A 119 -21.89 -37.28 12.09
C HIS A 119 -22.86 -38.29 11.50
N PRO A 120 -23.07 -39.42 12.17
CA PRO A 120 -23.94 -40.46 11.59
C PRO A 120 -25.41 -40.08 11.53
N ASP A 121 -25.85 -39.06 12.26
CA ASP A 121 -27.25 -38.65 12.24
C ASP A 121 -27.51 -37.49 11.30
N GLY A 122 -26.54 -37.08 10.50
CA GLY A 122 -26.69 -35.99 9.58
C GLY A 122 -26.08 -34.68 10.03
N THR A 123 -25.79 -34.53 11.32
CA THR A 123 -25.25 -33.28 11.83
C THR A 123 -23.91 -32.97 11.17
N VAL A 124 -23.82 -31.79 10.57
CA VAL A 124 -22.61 -31.32 9.91
C VAL A 124 -21.98 -30.25 10.79
N LEU A 125 -20.66 -30.31 10.92
CA LEU A 125 -19.91 -29.41 11.80
C LEU A 125 -18.87 -28.71 10.92
N TYR A 126 -19.00 -27.40 10.77
CA TYR A 126 -18.23 -26.63 9.80
C TYR A 126 -17.54 -25.47 10.51
N GLY A 127 -16.22 -25.53 10.63
CA GLY A 127 -15.47 -24.52 11.34
C GLY A 127 -14.52 -23.77 10.43
N LEU A 128 -14.27 -22.50 10.77
CA LEU A 128 -13.35 -21.65 10.03
C LEU A 128 -12.48 -20.90 11.02
N ARG A 129 -11.39 -20.33 10.52
CA ARG A 129 -10.48 -19.50 11.30
C ARG A 129 -10.37 -18.14 10.60
N ILE A 130 -11.16 -17.19 11.06
CA ILE A 130 -11.34 -15.90 10.40
C ILE A 130 -10.58 -14.82 11.14
N THR A 131 -10.22 -13.75 10.40
CA THR A 131 -9.56 -12.56 10.96
C THR A 131 -10.28 -11.34 10.39
N THR A 132 -11.26 -10.83 11.13
CA THR A 132 -12.14 -9.77 10.67
C THR A 132 -11.74 -8.43 11.26
N THR A 133 -11.72 -7.40 10.41
CA THR A 133 -11.50 -6.02 10.87
C THR A 133 -12.85 -5.30 10.99
N ALA A 134 -13.61 -5.70 12.00
CA ALA A 134 -14.93 -5.14 12.24
C ALA A 134 -14.85 -3.65 12.57
N ALA A 135 -15.81 -2.89 12.07
CA ALA A 135 -15.88 -1.45 12.28
C ALA A 135 -16.84 -1.14 13.42
N CYS A 136 -16.36 -0.37 14.41
CA CYS A 136 -17.19 0.09 15.52
C CYS A 136 -16.94 1.57 15.75
N MET A 137 -17.97 2.39 15.57
CA MET A 137 -17.86 3.82 15.82
C MET A 137 -17.72 4.09 17.32
N MET A 138 -16.77 4.95 17.67
CA MET A 138 -16.47 5.25 19.06
C MET A 138 -16.90 6.66 19.41
N ASP A 139 -17.43 6.84 20.62
CA ASP A 139 -17.83 8.14 21.15
C ASP A 139 -16.73 8.65 22.06
N LEU A 140 -15.91 9.56 21.56
CA LEU A 140 -14.75 10.06 22.29
C LEU A 140 -15.04 11.33 23.08
N ARG A 141 -16.30 11.58 23.45
CA ARG A 141 -16.62 12.79 24.22
C ARG A 141 -16.10 12.72 25.64
N ARG A 142 -15.66 11.55 26.11
CA ARG A 142 -15.11 11.39 27.44
C ARG A 142 -13.74 10.76 27.35
N TYR A 143 -13.01 11.06 26.29
CA TYR A 143 -11.65 10.56 26.14
C TYR A 143 -10.73 11.22 27.15
N PRO A 144 -9.85 10.46 27.83
CA PRO A 144 -9.63 9.02 27.76
C PRO A 144 -10.35 8.24 28.86
N LEU A 145 -11.30 8.88 29.52
CA LEU A 145 -12.10 8.23 30.56
C LEU A 145 -13.42 7.71 29.97
N ASP A 146 -13.31 6.88 28.95
CA ASP A 146 -14.46 6.46 28.18
C ASP A 146 -14.54 4.94 28.10
N GLU A 147 -15.75 4.45 27.84
CA GLU A 147 -16.02 3.03 27.67
C GLU A 147 -16.66 2.81 26.30
N GLN A 148 -15.96 2.10 25.43
CA GLN A 148 -16.46 1.84 24.08
C GLN A 148 -17.23 0.53 24.07
N ASN A 149 -18.18 0.42 23.15
CA ASN A 149 -18.92 -0.81 22.92
C ASN A 149 -18.81 -1.26 21.47
N CYS A 150 -17.80 -2.08 21.17
CA CYS A 150 -17.57 -2.58 19.83
C CYS A 150 -18.25 -3.94 19.67
N THR A 151 -19.03 -4.08 18.59
CA THR A 151 -19.86 -5.26 18.37
C THR A 151 -19.46 -5.99 17.08
N LEU A 152 -20.01 -7.19 16.92
CA LEU A 152 -19.86 -7.96 15.69
C LEU A 152 -21.22 -8.57 15.33
N GLU A 153 -21.73 -8.21 14.17
CA GLU A 153 -23.07 -8.63 13.74
C GLU A 153 -22.98 -9.74 12.71
N ILE A 154 -23.73 -10.81 12.94
CA ILE A 154 -23.68 -12.02 12.13
C ILE A 154 -25.06 -12.26 11.54
N GLU A 155 -25.16 -12.24 10.22
CA GLU A 155 -26.44 -12.29 9.54
C GLU A 155 -26.37 -13.22 8.33
N SER A 156 -27.52 -13.76 7.96
CA SER A 156 -27.65 -14.57 6.76
C SER A 156 -27.97 -13.66 5.58
N TYR A 157 -27.28 -13.88 4.46
CA TYR A 157 -27.45 -12.98 3.32
C TYR A 157 -28.60 -13.44 2.41
N GLY A 158 -28.48 -14.65 1.87
CA GLY A 158 -29.43 -15.11 0.88
C GLY A 158 -30.77 -15.56 1.44
N TYR A 159 -30.76 -16.18 2.60
CA TYR A 159 -31.93 -16.89 3.12
C TYR A 159 -32.64 -16.05 4.18
N THR A 160 -33.93 -15.85 3.98
CA THR A 160 -34.74 -15.09 4.91
C THR A 160 -35.02 -15.95 6.14
N THR A 161 -35.85 -15.45 7.05
CA THR A 161 -36.09 -16.13 8.31
C THR A 161 -37.02 -17.33 8.20
N ASP A 162 -37.69 -17.53 7.08
CA ASP A 162 -38.46 -18.74 6.84
C ASP A 162 -37.66 -19.79 6.07
N ASP A 163 -36.34 -19.60 5.96
CA ASP A 163 -35.45 -20.56 5.35
C ASP A 163 -34.29 -20.95 6.24
N ILE A 164 -34.00 -20.18 7.29
CA ILE A 164 -32.85 -20.44 8.13
C ILE A 164 -33.11 -19.82 9.50
N GLU A 165 -32.52 -20.41 10.53
CA GLU A 165 -32.67 -19.92 11.90
C GLU A 165 -31.32 -19.96 12.59
N PHE A 166 -30.88 -18.82 13.10
CA PHE A 166 -29.62 -18.71 13.81
C PHE A 166 -29.88 -18.78 15.31
N TYR A 167 -28.99 -19.47 16.03
CA TYR A 167 -29.05 -19.50 17.48
C TYR A 167 -27.66 -19.83 18.00
N TRP A 168 -27.37 -19.37 19.21
CA TRP A 168 -26.12 -19.73 19.87
C TRP A 168 -26.26 -21.10 20.52
N ARG A 169 -25.21 -21.90 20.42
CA ARG A 169 -25.21 -23.24 21.02
C ARG A 169 -24.76 -23.11 22.47
N GLY A 170 -25.71 -23.26 23.39
CA GLY A 170 -25.47 -23.11 24.81
C GLY A 170 -26.00 -21.80 25.37
N ASP A 171 -26.00 -20.75 24.54
CA ASP A 171 -26.61 -19.46 24.86
C ASP A 171 -25.81 -18.67 25.89
N ASP A 172 -24.85 -19.31 26.55
CA ASP A 172 -23.86 -18.60 27.36
C ASP A 172 -22.46 -19.16 27.25
N ASN A 173 -22.29 -20.38 26.75
CA ASN A 173 -20.98 -20.96 26.49
C ASN A 173 -20.68 -20.99 24.99
N ALA A 174 -21.50 -20.35 24.18
CA ALA A 174 -21.25 -20.31 22.75
C ALA A 174 -19.99 -19.51 22.42
N VAL A 175 -19.67 -18.49 23.20
CA VAL A 175 -18.48 -17.68 23.01
C VAL A 175 -17.52 -17.94 24.17
N THR A 176 -16.31 -18.38 23.85
CA THR A 176 -15.29 -18.68 24.84
C THR A 176 -14.01 -17.93 24.49
N GLY A 177 -13.09 -17.90 25.45
CA GLY A 177 -11.82 -17.25 25.26
C GLY A 177 -11.80 -15.75 25.49
N VAL A 178 -12.85 -15.19 26.08
CA VAL A 178 -12.89 -13.75 26.30
C VAL A 178 -12.05 -13.36 27.52
N THR A 179 -12.16 -14.13 28.61
CA THR A 179 -11.44 -13.77 29.82
C THR A 179 -9.92 -13.85 29.64
N LYS A 180 -9.45 -14.55 28.62
CA LYS A 180 -8.02 -14.67 28.37
C LYS A 180 -7.49 -13.55 27.50
N ILE A 181 -8.36 -12.73 26.92
CA ILE A 181 -7.92 -11.66 26.03
C ILE A 181 -7.29 -10.56 26.87
N GLU A 182 -6.03 -10.23 26.58
CA GLU A 182 -5.35 -9.11 27.18
C GLU A 182 -5.14 -8.04 26.13
N LEU A 183 -5.61 -6.84 26.40
CA LEU A 183 -5.44 -5.72 25.50
C LEU A 183 -4.49 -4.70 26.11
N PRO A 184 -3.57 -4.13 25.33
CA PRO A 184 -2.58 -3.23 25.93
C PRO A 184 -3.17 -1.97 26.51
N GLN A 185 -4.34 -1.53 26.04
CA GLN A 185 -4.91 -0.27 26.47
C GLN A 185 -6.29 -0.40 27.10
N PHE A 186 -7.11 -1.36 26.66
CA PHE A 186 -8.47 -1.49 27.15
C PHE A 186 -8.57 -2.67 28.12
N SER A 187 -9.79 -2.92 28.59
CA SER A 187 -10.09 -4.05 29.45
C SER A 187 -11.52 -4.48 29.20
N ILE A 188 -11.72 -5.75 28.86
CA ILE A 188 -13.05 -6.26 28.55
C ILE A 188 -13.85 -6.31 29.84
N VAL A 189 -14.85 -5.44 29.96
CA VAL A 189 -15.72 -5.45 31.14
C VAL A 189 -16.66 -6.65 31.09
N ASP A 190 -17.41 -6.80 29.99
CA ASP A 190 -18.30 -7.93 29.82
C ASP A 190 -18.62 -8.07 28.34
N TYR A 191 -19.49 -9.04 28.04
CA TYR A 191 -19.94 -9.26 26.67
C TYR A 191 -21.34 -9.86 26.70
N LYS A 192 -22.14 -9.51 25.71
CA LYS A 192 -23.52 -9.95 25.62
C LYS A 192 -23.77 -10.67 24.30
N LEU A 193 -24.67 -11.65 24.34
CA LEU A 193 -25.06 -12.41 23.16
C LEU A 193 -26.54 -12.18 22.89
N ILE A 194 -26.85 -11.56 21.75
CA ILE A 194 -28.19 -11.16 21.39
C ILE A 194 -28.62 -11.90 20.14
N THR A 195 -29.88 -12.33 20.13
CA THR A 195 -30.51 -12.99 18.98
C THR A 195 -31.76 -12.22 18.59
N LYS A 196 -31.79 -11.67 17.38
CA LYS A 196 -32.91 -10.86 16.94
C LYS A 196 -33.13 -11.11 15.45
N LYS A 197 -34.05 -10.32 14.86
CA LYS A 197 -34.30 -10.36 13.43
C LYS A 197 -34.27 -8.95 12.88
N VAL A 198 -33.69 -8.78 11.69
CA VAL A 198 -33.68 -7.52 10.99
C VAL A 198 -34.62 -7.62 9.80
N VAL A 199 -35.15 -6.48 9.38
CA VAL A 199 -36.10 -6.39 8.28
C VAL A 199 -35.54 -5.43 7.23
N PHE A 200 -35.27 -5.94 6.05
CA PHE A 200 -34.86 -5.16 4.90
C PHE A 200 -35.97 -5.14 3.87
N SER A 201 -35.71 -4.50 2.73
CA SER A 201 -36.71 -4.41 1.68
C SER A 201 -36.98 -5.75 1.01
N THR A 202 -36.13 -6.75 1.24
CA THR A 202 -36.26 -8.04 0.59
C THR A 202 -36.75 -9.15 1.51
N GLY A 203 -36.71 -8.95 2.82
CA GLY A 203 -37.23 -9.93 3.75
C GLY A 203 -36.70 -9.67 5.14
N SER A 204 -37.11 -10.54 6.05
CA SER A 204 -36.68 -10.49 7.44
C SER A 204 -35.63 -11.58 7.67
N TYR A 205 -34.44 -11.18 8.07
CA TYR A 205 -33.32 -12.10 8.18
C TYR A 205 -32.90 -12.32 9.62
N PRO A 206 -32.42 -13.51 9.98
CA PRO A 206 -31.95 -13.73 11.34
C PRO A 206 -30.64 -13.01 11.60
N ARG A 207 -30.34 -12.79 12.87
CA ARG A 207 -29.13 -12.07 13.22
C ARG A 207 -28.70 -12.42 14.64
N LEU A 208 -27.40 -12.60 14.83
CA LEU A 208 -26.78 -12.67 16.14
C LEU A 208 -25.85 -11.49 16.32
N SER A 209 -25.56 -11.16 17.58
CA SER A 209 -24.69 -10.04 17.90
C SER A 209 -23.83 -10.37 19.11
N LEU A 210 -22.53 -10.18 18.96
CA LEU A 210 -21.54 -10.37 20.03
C LEU A 210 -20.97 -9.00 20.39
N SER A 211 -21.43 -8.42 21.49
CA SER A 211 -21.11 -7.03 21.86
C SER A 211 -20.18 -6.96 23.07
N PHE A 212 -18.91 -6.63 22.85
CA PHE A 212 -17.98 -6.42 23.94
C PHE A 212 -18.14 -5.00 24.48
N LYS A 213 -17.73 -4.79 25.72
CA LYS A 213 -17.77 -3.46 26.35
C LYS A 213 -16.38 -3.10 26.88
N LEU A 214 -15.54 -2.54 26.02
CA LEU A 214 -14.15 -2.24 26.38
C LEU A 214 -14.07 -0.97 27.22
N LYS A 215 -13.36 -1.06 28.35
CA LYS A 215 -13.11 0.06 29.23
C LYS A 215 -11.64 0.44 29.14
N ARG A 216 -11.36 1.70 28.83
CA ARG A 216 -9.99 2.14 28.58
C ARG A 216 -9.23 2.36 29.87
N ASN A 217 -7.96 1.93 29.86
CA ASN A 217 -7.07 2.12 31.00
C ASN A 217 -6.62 3.57 31.06
N ILE A 218 -6.26 4.01 32.26
CA ILE A 218 -5.93 5.42 32.50
C ILE A 218 -4.49 5.64 32.92
N GLY A 219 -3.75 4.60 33.31
CA GLY A 219 -2.41 4.82 33.83
C GLY A 219 -1.49 5.47 32.81
N TYR A 220 -1.51 4.96 31.58
CA TYR A 220 -0.62 5.49 30.55
C TYR A 220 -0.90 6.96 30.31
N PHE A 221 -2.18 7.35 30.31
CA PHE A 221 -2.53 8.74 30.04
C PHE A 221 -2.07 9.65 31.17
N ILE A 222 -2.24 9.22 32.42
CA ILE A 222 -1.73 10.00 33.54
C ILE A 222 -0.24 10.21 33.38
N LEU A 223 0.51 9.12 33.17
CA LEU A 223 1.96 9.25 33.10
C LEU A 223 2.43 10.00 31.86
N GLN A 224 1.61 10.08 30.82
CA GLN A 224 2.06 10.64 29.55
C GLN A 224 1.66 12.09 29.33
N THR A 225 0.42 12.48 29.69
CA THR A 225 -0.06 13.80 29.34
C THR A 225 -0.79 14.56 30.44
N TYR A 226 -1.11 13.97 31.57
CA TYR A 226 -1.68 14.74 32.67
C TYR A 226 -0.59 15.29 33.58
N MET A 227 0.39 14.47 33.92
CA MET A 227 1.47 14.95 34.77
C MET A 227 2.22 16.12 34.14
N PRO A 228 2.62 16.06 32.86
CA PRO A 228 3.33 17.21 32.29
C PRO A 228 2.53 18.50 32.34
N SER A 229 1.21 18.44 32.18
CA SER A 229 0.40 19.64 32.27
C SER A 229 0.49 20.24 33.66
N ILE A 230 0.38 19.41 34.68
CA ILE A 230 0.41 19.90 36.06
C ILE A 230 1.79 20.47 36.37
N LEU A 231 2.86 19.82 35.91
CA LEU A 231 4.18 20.34 36.18
C LEU A 231 4.44 21.64 35.43
N ILE A 232 3.88 21.80 34.23
CA ILE A 232 4.07 23.05 33.50
C ILE A 232 3.29 24.18 34.17
N THR A 233 2.09 23.91 34.68
CA THR A 233 1.38 24.95 35.39
C THR A 233 2.13 25.33 36.68
N ILE A 234 2.71 24.36 37.38
CA ILE A 234 3.48 24.69 38.58
C ILE A 234 4.71 25.51 38.22
N LEU A 235 5.41 25.14 37.14
CA LEU A 235 6.52 25.94 36.65
C LEU A 235 6.08 27.34 36.27
N SER A 236 4.83 27.50 35.86
CA SER A 236 4.31 28.85 35.65
C SER A 236 4.12 29.56 36.98
N TRP A 237 3.60 28.86 37.98
CA TRP A 237 3.37 29.48 39.28
C TRP A 237 4.67 29.95 39.95
N VAL A 238 5.76 29.21 39.76
CA VAL A 238 7.02 29.60 40.42
C VAL A 238 7.37 31.04 40.10
N SER A 239 6.92 31.55 38.95
CA SER A 239 7.23 32.92 38.55
C SER A 239 6.69 33.95 39.53
N PHE A 240 5.85 33.55 40.47
CA PHE A 240 5.30 34.48 41.44
C PHE A 240 6.30 34.80 42.55
N TRP A 241 7.22 33.89 42.83
CA TRP A 241 8.24 34.14 43.85
C TRP A 241 9.32 35.08 43.35
N ILE A 242 9.54 35.14 42.03
CA ILE A 242 10.52 36.06 41.48
C ILE A 242 10.02 37.48 41.68
N ASN A 243 10.93 38.38 42.05
CA ASN A 243 10.53 39.77 42.29
C ASN A 243 10.11 40.44 40.99
N TYR A 244 9.24 41.43 41.12
CA TYR A 244 8.70 42.14 39.95
C TYR A 244 9.74 42.99 39.25
N ASP A 245 10.93 43.16 39.82
CA ASP A 245 11.94 43.99 39.18
C ASP A 245 12.57 43.28 37.99
N ALA A 246 12.67 41.95 38.03
CA ALA A 246 13.24 41.18 36.93
C ALA A 246 12.15 40.94 35.89
N SER A 247 12.17 41.72 34.82
CA SER A 247 11.17 41.60 33.78
C SER A 247 11.54 40.60 32.69
N ALA A 248 12.81 40.19 32.62
CA ALA A 248 13.24 39.24 31.61
C ALA A 248 13.11 37.79 32.07
N ALA A 249 12.87 37.55 33.36
CA ALA A 249 12.75 36.21 33.90
C ALA A 249 11.31 35.74 34.00
N ARG A 250 10.40 36.64 34.42
CA ARG A 250 9.00 36.26 34.56
C ARG A 250 8.33 36.16 33.20
N VAL A 251 8.62 37.10 32.30
CA VAL A 251 8.17 36.97 30.93
C VAL A 251 8.66 35.66 30.34
N ALA A 252 9.96 35.40 30.45
CA ALA A 252 10.52 34.16 29.92
C ALA A 252 9.71 32.96 30.41
N LEU A 253 9.59 32.84 31.73
CA LEU A 253 8.93 31.69 32.33
C LEU A 253 7.50 31.54 31.82
N GLY A 254 6.70 32.60 31.99
CA GLY A 254 5.30 32.54 31.60
C GLY A 254 5.12 32.23 30.12
N ILE A 255 5.87 32.94 29.28
CA ILE A 255 5.75 32.73 27.83
C ILE A 255 6.08 31.28 27.49
N THR A 256 7.16 30.75 28.06
CA THR A 256 7.56 29.40 27.74
C THR A 256 6.47 28.42 28.17
N THR A 257 5.89 28.64 29.34
CA THR A 257 4.83 27.76 29.80
C THR A 257 3.62 27.81 28.86
N VAL A 258 3.26 29.02 28.40
CA VAL A 258 2.16 29.13 27.44
C VAL A 258 2.46 28.29 26.20
N LEU A 259 3.66 28.46 25.65
CA LEU A 259 4.01 27.72 24.44
C LEU A 259 3.96 26.22 24.69
N THR A 260 4.45 25.78 25.84
CA THR A 260 4.44 24.35 26.13
C THR A 260 3.01 23.83 26.15
N MET A 261 2.13 24.51 26.88
CA MET A 261 0.74 24.06 26.94
C MET A 261 0.15 23.96 25.54
N THR A 262 0.38 25.01 24.73
CA THR A 262 -0.14 25.04 23.37
C THR A 262 0.35 23.84 22.57
N THR A 263 1.67 23.62 22.56
CA THR A 263 2.22 22.54 21.76
C THR A 263 1.73 21.20 22.28
N ILE A 264 1.58 21.07 23.60
CA ILE A 264 1.11 19.81 24.17
C ILE A 264 -0.26 19.49 23.60
N ASN A 265 -1.14 20.48 23.58
CA ASN A 265 -2.49 20.24 23.07
C ASN A 265 -2.44 19.90 21.59
N THR A 266 -1.68 20.68 20.81
CA THR A 266 -1.65 20.47 19.38
C THR A 266 -1.16 19.07 19.07
N HIS A 267 -0.12 18.63 19.76
CA HIS A 267 0.52 17.36 19.41
C HIS A 267 -0.26 16.19 19.97
N LEU A 268 -1.02 16.41 21.05
CA LEU A 268 -1.85 15.34 21.57
C LEU A 268 -3.01 15.10 20.63
N ARG A 269 -3.45 16.12 19.91
CA ARG A 269 -4.62 16.01 19.06
C ARG A 269 -4.26 15.53 17.66
N GLU A 270 -2.97 15.29 17.40
CA GLU A 270 -2.50 14.73 16.15
C GLU A 270 -2.62 13.20 16.11
N THR A 271 -2.80 12.56 17.26
CA THR A 271 -2.88 11.11 17.34
C THR A 271 -4.31 10.59 17.30
N LEU A 272 -5.30 11.46 17.34
CA LEU A 272 -6.71 11.13 17.32
C LEU A 272 -7.32 11.55 15.99
N PRO A 273 -8.52 11.08 15.68
CA PRO A 273 -9.18 11.57 14.45
C PRO A 273 -9.66 13.00 14.61
N LYS A 274 -10.25 13.57 13.56
CA LYS A 274 -10.69 14.96 13.60
C LYS A 274 -12.12 15.12 14.11
N ILE A 275 -12.39 14.49 15.26
CA ILE A 275 -13.71 14.63 15.88
C ILE A 275 -14.01 16.11 16.11
N PRO A 276 -15.21 16.60 15.81
CA PRO A 276 -15.48 18.04 15.96
C PRO A 276 -15.81 18.47 17.38
N TYR A 277 -16.07 17.53 18.28
CA TYR A 277 -16.46 17.87 19.64
C TYR A 277 -15.24 17.92 20.54
N VAL A 278 -15.39 18.52 21.70
CA VAL A 278 -14.27 18.67 22.64
C VAL A 278 -14.22 17.45 23.56
N LYS A 279 -13.06 16.82 23.61
CA LYS A 279 -12.81 15.69 24.48
C LYS A 279 -12.64 16.18 25.92
N ALA A 280 -12.68 15.24 26.87
CA ALA A 280 -12.44 15.61 28.25
C ALA A 280 -11.01 16.11 28.44
N ILE A 281 -10.06 15.55 27.68
CA ILE A 281 -8.68 15.95 27.83
C ILE A 281 -8.46 17.31 27.19
N ASP A 282 -9.32 17.70 26.25
CA ASP A 282 -9.18 19.02 25.68
C ASP A 282 -9.80 20.06 26.60
N MET A 283 -10.69 19.62 27.49
CA MET A 283 -11.27 20.53 28.46
C MET A 283 -10.28 20.75 29.58
N TYR A 284 -9.51 19.71 29.89
CA TYR A 284 -8.49 19.86 30.92
C TYR A 284 -7.35 20.71 30.40
N LEU A 285 -6.91 20.46 29.16
CA LEU A 285 -5.82 21.24 28.61
C LEU A 285 -6.24 22.70 28.42
N MET A 286 -7.49 22.94 28.03
CA MET A 286 -7.97 24.31 27.91
C MET A 286 -8.00 25.01 29.27
N GLY A 287 -8.44 24.31 30.31
CA GLY A 287 -8.41 24.91 31.63
C GLY A 287 -6.99 25.25 32.08
N CYS A 288 -6.06 24.32 31.87
CA CYS A 288 -4.68 24.59 32.23
C CYS A 288 -4.12 25.77 31.44
N PHE A 289 -4.47 25.86 30.16
CA PHE A 289 -3.99 26.98 29.35
C PHE A 289 -4.58 28.29 29.84
N VAL A 290 -5.84 28.28 30.27
CA VAL A 290 -6.43 29.50 30.82
C VAL A 290 -5.70 29.91 32.08
N PHE A 291 -5.35 28.94 32.93
CA PHE A 291 -4.63 29.29 34.16
C PHE A 291 -3.26 29.87 33.85
N VAL A 292 -2.53 29.27 32.91
CA VAL A 292 -1.21 29.80 32.57
C VAL A 292 -1.34 31.21 31.99
N PHE A 293 -2.30 31.39 31.08
CA PHE A 293 -2.52 32.69 30.47
C PHE A 293 -2.82 33.73 31.54
N MET A 294 -3.72 33.40 32.47
CA MET A 294 -4.04 34.35 33.53
C MET A 294 -2.84 34.65 34.41
N ALA A 295 -1.97 33.66 34.64
CA ALA A 295 -0.77 33.92 35.42
C ALA A 295 0.11 34.96 34.73
N LEU A 296 0.36 34.77 33.44
CA LEU A 296 1.17 35.74 32.71
C LEU A 296 0.49 37.10 32.65
N LEU A 297 -0.84 37.11 32.51
CA LEU A 297 -1.58 38.35 32.48
C LEU A 297 -1.46 39.08 33.81
N GLU A 298 -1.49 38.33 34.91
CA GLU A 298 -1.34 38.96 36.22
C GLU A 298 0.06 39.52 36.40
N TYR A 299 1.08 38.82 35.91
CA TYR A 299 2.42 39.40 35.97
C TYR A 299 2.44 40.72 35.21
N ALA A 300 1.83 40.76 34.02
CA ALA A 300 1.85 41.99 33.24
C ALA A 300 1.02 43.08 33.90
N LEU A 301 0.01 42.68 34.66
CA LEU A 301 -0.81 43.66 35.38
C LEU A 301 -0.01 44.26 36.53
N VAL A 302 0.86 43.45 37.13
CA VAL A 302 1.76 43.97 38.16
C VAL A 302 2.78 44.90 37.52
N ASN A 303 3.30 44.52 36.36
CA ASN A 303 4.29 45.34 35.67
C ASN A 303 3.70 46.69 35.27
N TYR A 304 2.40 46.72 34.95
CA TYR A 304 1.79 47.96 34.51
C TYR A 304 1.60 48.95 35.66
N ILE A 305 1.20 48.46 36.84
CA ILE A 305 0.91 49.34 37.96
C ILE A 305 2.09 49.45 38.93
N PHE A 306 3.24 48.87 38.57
CA PHE A 306 4.35 48.80 39.51
C PHE A 306 5.04 50.15 39.67
N PHE A 307 5.21 50.88 38.57
CA PHE A 307 5.84 52.20 38.66
C PHE A 307 4.94 53.19 39.38
N SER A 308 3.63 53.13 39.13
CA SER A 308 2.70 54.08 39.74
C SER A 308 2.51 53.77 41.22
N GLN A 309 2.31 52.51 41.55
CA GLN A 309 2.09 52.08 42.94
C GLN A 309 2.96 50.87 43.22
N PRO A 310 3.96 50.97 44.11
CA PRO A 310 4.82 49.82 44.39
C PRO A 310 4.27 48.85 45.41
N ALA A 311 3.19 49.19 46.12
CA ALA A 311 2.65 48.28 47.12
C ALA A 311 1.54 47.38 46.57
N ARG A 312 0.78 47.86 45.58
CA ARG A 312 -0.23 46.99 44.98
C ARG A 312 0.40 45.84 44.22
N ALA A 313 1.64 46.02 43.75
CA ALA A 313 2.34 44.91 43.10
C ALA A 313 2.67 43.82 44.11
N ALA A 314 3.22 44.20 45.26
CA ALA A 314 3.54 43.21 46.27
C ALA A 314 2.26 42.55 46.80
N ALA A 315 1.18 43.33 46.92
CA ALA A 315 -0.09 42.77 47.37
C ALA A 315 -0.60 41.73 46.38
N ILE A 316 -0.59 42.07 45.08
CA ILE A 316 -1.10 41.13 44.08
C ILE A 316 -0.23 39.88 44.04
N ASP A 317 1.09 40.03 44.18
CA ASP A 317 1.97 38.86 44.16
C ASP A 317 1.68 37.96 45.36
N ARG A 318 1.60 38.56 46.55
CA ARG A 318 1.29 37.79 47.75
C ARG A 318 -0.02 37.06 47.59
N TRP A 319 -1.04 37.74 47.05
CA TRP A 319 -2.35 37.12 46.92
C TRP A 319 -2.33 35.98 45.91
N SER A 320 -1.67 36.20 44.77
CA SER A 320 -1.64 35.19 43.71
C SER A 320 -0.85 33.95 44.13
N ARG A 321 0.14 34.12 45.01
CA ARG A 321 0.94 32.98 45.46
C ARG A 321 0.10 31.96 46.20
N ILE A 322 -0.94 32.39 46.90
CA ILE A 322 -1.81 31.48 47.62
C ILE A 322 -3.14 31.27 46.92
N PHE A 323 -3.47 32.10 45.93
CA PHE A 323 -4.74 31.99 45.22
C PHE A 323 -4.66 31.06 44.01
N PHE A 324 -3.55 31.05 43.26
CA PHE A 324 -3.52 30.22 42.06
C PHE A 324 -3.58 28.74 42.39
N PRO A 325 -2.78 28.20 43.32
CA PRO A 325 -2.91 26.78 43.65
C PRO A 325 -4.28 26.41 44.18
N VAL A 326 -4.95 27.30 44.91
CA VAL A 326 -6.27 26.98 45.44
C VAL A 326 -7.27 26.78 44.31
N VAL A 327 -7.33 27.72 43.37
CA VAL A 327 -8.27 27.59 42.26
C VAL A 327 -7.88 26.41 41.38
N PHE A 328 -6.59 26.15 41.21
CA PHE A 328 -6.19 25.02 40.39
C PHE A 328 -6.63 23.71 41.02
N SER A 329 -6.46 23.57 42.33
CA SER A 329 -6.91 22.35 43.00
C SER A 329 -8.42 22.23 42.95
N PHE A 330 -9.14 23.34 43.10
CA PHE A 330 -10.60 23.29 43.03
C PHE A 330 -11.06 22.84 41.65
N PHE A 331 -10.50 23.41 40.59
CA PHE A 331 -10.86 22.99 39.24
C PHE A 331 -10.47 21.54 38.99
N ASN A 332 -9.32 21.12 39.47
CA ASN A 332 -8.88 19.74 39.29
C ASN A 332 -9.85 18.78 39.95
N ILE A 333 -10.28 19.11 41.18
CA ILE A 333 -11.25 18.28 41.89
C ILE A 333 -12.55 18.20 41.09
N VAL A 334 -13.14 19.36 40.78
CA VAL A 334 -14.37 19.39 40.01
C VAL A 334 -14.26 18.47 38.80
N TYR A 335 -13.27 18.75 37.94
CA TYR A 335 -13.06 17.96 36.73
C TYR A 335 -13.04 16.47 37.03
N TRP A 336 -12.10 16.05 37.88
CA TRP A 336 -11.95 14.62 38.15
C TRP A 336 -13.25 14.01 38.60
N LEU A 337 -13.91 14.61 39.59
CA LEU A 337 -15.15 14.05 40.10
C LEU A 337 -16.19 13.94 38.99
N TYR A 338 -16.37 15.01 38.22
CA TYR A 338 -17.37 14.98 37.15
C TYR A 338 -17.11 13.84 36.18
N TYR A 339 -15.85 13.65 35.78
CA TYR A 339 -15.53 12.64 34.78
C TYR A 339 -15.29 11.26 35.36
N VAL A 340 -15.16 11.12 36.67
CA VAL A 340 -14.93 9.82 37.28
C VAL A 340 -16.19 9.38 38.01
N ASP B 10 -39.66 -37.17 -2.19
CA ASP B 10 -38.57 -36.61 -2.99
C ASP B 10 -38.92 -35.23 -3.50
N ASN B 11 -38.79 -34.23 -2.64
CA ASN B 11 -39.01 -32.84 -3.02
C ASN B 11 -37.74 -32.22 -3.58
N THR B 12 -36.60 -32.53 -2.95
CA THR B 12 -35.33 -32.09 -3.51
C THR B 12 -35.14 -32.64 -4.92
N THR B 13 -35.67 -33.82 -5.21
CA THR B 13 -35.49 -34.39 -6.54
C THR B 13 -36.29 -33.61 -7.58
N VAL B 14 -37.54 -33.26 -7.27
CA VAL B 14 -38.32 -32.49 -8.24
C VAL B 14 -37.73 -31.11 -8.40
N PHE B 15 -37.21 -30.52 -7.34
CA PHE B 15 -36.60 -29.20 -7.50
C PHE B 15 -35.29 -29.28 -8.27
N THR B 16 -34.53 -30.35 -8.10
CA THR B 16 -33.34 -30.54 -8.92
C THR B 16 -33.71 -30.70 -10.38
N ARG B 17 -34.80 -31.42 -10.64
CA ARG B 17 -35.27 -31.55 -12.02
C ARG B 17 -35.67 -30.20 -12.59
N ILE B 18 -36.32 -29.36 -11.79
CA ILE B 18 -36.70 -28.03 -12.26
C ILE B 18 -35.46 -27.23 -12.59
N LEU B 19 -34.48 -27.23 -11.68
CA LEU B 19 -33.27 -26.43 -11.91
C LEU B 19 -32.45 -26.96 -13.07
N ASP B 20 -32.52 -28.26 -13.34
CA ASP B 20 -31.79 -28.81 -14.47
C ASP B 20 -32.48 -28.48 -15.79
N ARG B 21 -33.81 -28.56 -15.81
CA ARG B 21 -34.55 -28.13 -16.99
C ARG B 21 -34.40 -26.64 -17.24
N LEU B 22 -34.09 -25.87 -16.19
CA LEU B 22 -34.00 -24.41 -16.34
C LEU B 22 -32.74 -24.00 -17.06
N LEU B 23 -31.64 -24.70 -16.84
CA LEU B 23 -30.36 -24.40 -17.48
C LEU B 23 -30.05 -25.37 -18.62
N ASP B 24 -31.05 -26.05 -19.15
CA ASP B 24 -30.86 -26.96 -20.27
C ASP B 24 -30.94 -26.15 -21.57
N GLY B 25 -29.80 -25.94 -22.21
CA GLY B 25 -29.75 -25.12 -23.39
C GLY B 25 -29.61 -23.65 -23.12
N TYR B 26 -29.18 -23.27 -21.93
CA TYR B 26 -28.99 -21.88 -21.57
C TYR B 26 -27.60 -21.40 -21.97
N ASP B 27 -27.54 -20.28 -22.67
CA ASP B 27 -26.29 -19.64 -23.05
C ASP B 27 -26.13 -18.37 -22.22
N ASN B 28 -25.19 -18.37 -21.28
CA ASN B 28 -24.96 -17.22 -20.43
C ASN B 28 -24.02 -16.20 -21.07
N ARG B 29 -23.89 -16.22 -22.39
CA ARG B 29 -23.10 -15.23 -23.11
C ARG B 29 -23.99 -14.29 -23.91
N LEU B 30 -25.29 -14.51 -23.89
CA LEU B 30 -26.24 -13.70 -24.65
C LEU B 30 -27.24 -13.11 -23.67
N ARG B 31 -27.41 -11.80 -23.72
CA ARG B 31 -28.35 -11.15 -22.83
C ARG B 31 -29.78 -11.51 -23.23
N PRO B 32 -30.72 -11.43 -22.31
CA PRO B 32 -32.12 -11.72 -22.66
C PRO B 32 -32.65 -10.75 -23.70
N GLY B 33 -33.17 -11.30 -24.79
CA GLY B 33 -33.61 -10.51 -25.93
C GLY B 33 -32.44 -9.85 -26.62
N LEU B 34 -31.57 -10.66 -27.22
CA LEU B 34 -30.33 -10.15 -27.77
C LEU B 34 -30.56 -9.29 -29.01
N GLY B 35 -31.40 -9.76 -29.93
CA GLY B 35 -31.63 -9.01 -31.15
C GLY B 35 -33.05 -8.49 -31.29
N GLU B 36 -33.92 -8.83 -30.34
CA GLU B 36 -35.34 -8.55 -30.47
C GLU B 36 -35.85 -7.51 -29.47
N ARG B 37 -35.00 -7.04 -28.56
CA ARG B 37 -35.47 -6.14 -27.51
C ARG B 37 -34.26 -5.48 -26.86
N VAL B 38 -34.53 -4.65 -25.85
CA VAL B 38 -33.50 -4.00 -25.05
C VAL B 38 -33.71 -4.41 -23.60
N THR B 39 -32.64 -4.86 -22.95
CA THR B 39 -32.75 -5.30 -21.56
C THR B 39 -32.98 -4.10 -20.65
N GLU B 40 -33.76 -4.32 -19.60
CA GLU B 40 -34.19 -3.27 -18.68
C GLU B 40 -33.82 -3.67 -17.26
N VAL B 41 -32.68 -3.19 -16.79
CA VAL B 41 -32.19 -3.52 -15.45
C VAL B 41 -32.73 -2.47 -14.48
N LYS B 42 -33.54 -2.92 -13.52
CA LYS B 42 -34.10 -2.03 -12.51
C LYS B 42 -33.17 -2.03 -11.30
N THR B 43 -32.70 -0.85 -10.91
CA THR B 43 -31.66 -0.73 -9.90
C THR B 43 -32.19 -0.11 -8.61
N ASP B 44 -31.52 -0.44 -7.52
CA ASP B 44 -31.85 0.05 -6.18
C ASP B 44 -30.56 0.05 -5.39
N ILE B 45 -30.47 0.95 -4.42
CA ILE B 45 -29.27 1.04 -3.57
C ILE B 45 -29.71 1.23 -2.13
N PHE B 46 -29.08 0.49 -1.22
CA PHE B 46 -29.33 0.62 0.22
C PHE B 46 -27.99 0.81 0.93
N VAL B 47 -27.65 2.06 1.21
CA VAL B 47 -26.37 2.41 1.82
C VAL B 47 -26.39 1.95 3.28
N THR B 48 -25.64 0.91 3.60
CA THR B 48 -25.58 0.46 4.98
C THR B 48 -24.66 1.33 5.85
N SER B 49 -23.61 1.91 5.28
CA SER B 49 -22.75 2.82 6.03
C SER B 49 -22.04 3.76 5.06
N PHE B 50 -22.21 5.06 5.25
CA PHE B 50 -21.49 6.06 4.45
C PHE B 50 -20.13 6.30 5.10
N GLY B 51 -19.09 5.77 4.47
CA GLY B 51 -17.78 5.69 5.07
C GLY B 51 -17.11 7.04 5.20
N PRO B 52 -15.87 7.01 5.72
CA PRO B 52 -15.14 8.26 6.00
C PRO B 52 -14.63 8.93 4.74
N VAL B 53 -14.90 10.21 4.62
CA VAL B 53 -14.47 11.01 3.48
C VAL B 53 -13.02 11.44 3.69
N SER B 54 -12.11 10.88 2.89
CA SER B 54 -10.71 11.27 2.96
C SER B 54 -10.50 12.57 2.17
N ASP B 55 -9.95 13.59 2.84
CA ASP B 55 -9.75 14.87 2.17
C ASP B 55 -8.48 14.90 1.32
N HIS B 56 -7.46 14.15 1.72
CA HIS B 56 -6.20 14.19 0.98
C HIS B 56 -6.33 13.51 -0.38
N ASP B 57 -6.92 12.32 -0.40
CA ASP B 57 -7.10 11.58 -1.63
C ASP B 57 -8.31 12.02 -2.43
N MET B 58 -9.12 12.94 -1.91
CA MET B 58 -10.35 13.36 -2.57
C MET B 58 -11.21 12.16 -2.92
N GLU B 59 -11.36 11.26 -1.96
CA GLU B 59 -12.12 10.04 -2.12
C GLU B 59 -13.06 9.87 -0.93
N TYR B 60 -13.99 8.92 -1.06
CA TYR B 60 -14.92 8.61 0.02
C TYR B 60 -15.35 7.15 -0.12
N THR B 61 -15.47 6.47 1.02
CA THR B 61 -15.88 5.08 1.06
C THR B 61 -17.38 4.97 1.32
N ILE B 62 -17.99 3.93 0.75
CA ILE B 62 -19.41 3.68 0.95
C ILE B 62 -19.61 2.17 0.92
N ASP B 63 -20.66 1.70 1.61
CA ASP B 63 -20.95 0.29 1.78
C ASP B 63 -22.42 0.06 1.50
N VAL B 64 -22.73 -0.61 0.37
CA VAL B 64 -24.08 -0.66 -0.16
C VAL B 64 -24.55 -2.10 -0.32
N PHE B 65 -25.86 -2.24 -0.53
CA PHE B 65 -26.53 -3.46 -0.95
C PHE B 65 -27.05 -3.18 -2.36
N PHE B 66 -26.23 -3.45 -3.36
CA PHE B 66 -26.55 -3.16 -4.76
C PHE B 66 -27.55 -4.18 -5.28
N ARG B 67 -28.80 -3.77 -5.46
CA ARG B 67 -29.85 -4.63 -5.98
C ARG B 67 -30.11 -4.34 -7.45
N GLN B 68 -30.21 -5.40 -8.25
CA GLN B 68 -30.56 -5.29 -9.67
C GLN B 68 -31.66 -6.30 -9.98
N SER B 69 -32.45 -6.01 -11.01
CA SER B 69 -33.54 -6.89 -11.38
C SER B 69 -33.89 -6.70 -12.84
N TRP B 70 -33.89 -7.79 -13.61
CA TRP B 70 -34.29 -7.78 -15.00
C TRP B 70 -35.27 -8.92 -15.23
N LYS B 71 -35.71 -9.07 -16.48
CA LYS B 71 -36.63 -10.13 -16.87
C LYS B 71 -35.96 -11.02 -17.90
N ASP B 72 -35.77 -12.28 -17.56
CA ASP B 72 -35.22 -13.28 -18.48
C ASP B 72 -36.28 -14.33 -18.77
N GLU B 73 -36.81 -14.32 -19.99
CA GLU B 73 -37.89 -15.24 -20.36
C GLU B 73 -37.42 -16.68 -20.48
N ARG B 74 -36.11 -16.92 -20.55
CA ARG B 74 -35.59 -18.28 -20.60
C ARG B 74 -35.58 -18.96 -19.23
N LEU B 75 -35.99 -18.26 -18.18
CA LEU B 75 -35.99 -18.81 -16.83
C LEU B 75 -37.40 -18.92 -16.28
N LYS B 76 -38.38 -19.07 -17.16
CA LYS B 76 -39.74 -19.31 -16.73
C LYS B 76 -39.87 -20.74 -16.23
N PHE B 77 -40.56 -20.91 -15.11
CA PHE B 77 -40.76 -22.24 -14.54
C PHE B 77 -42.08 -22.27 -13.80
N LYS B 78 -42.72 -23.44 -13.81
CA LYS B 78 -43.94 -23.70 -13.06
C LYS B 78 -43.69 -24.88 -12.13
N GLY B 79 -43.85 -24.65 -10.83
CA GLY B 79 -43.60 -25.66 -9.84
C GLY B 79 -44.40 -25.40 -8.57
N PRO B 80 -44.09 -26.14 -7.51
CA PRO B 80 -44.83 -25.93 -6.25
C PRO B 80 -44.61 -24.56 -5.63
N MET B 81 -43.44 -23.97 -5.80
CA MET B 81 -43.13 -22.67 -5.24
C MET B 81 -43.20 -21.58 -6.30
N THR B 82 -43.45 -20.35 -5.85
CA THR B 82 -43.48 -19.20 -6.75
C THR B 82 -42.08 -18.66 -7.01
N VAL B 83 -41.37 -18.28 -5.96
CA VAL B 83 -40.01 -17.77 -6.07
C VAL B 83 -39.03 -18.86 -5.66
N LEU B 84 -37.86 -18.84 -6.28
CA LEU B 84 -36.77 -19.75 -5.95
C LEU B 84 -35.66 -18.91 -5.32
N ARG B 85 -35.49 -19.02 -4.01
CA ARG B 85 -34.39 -18.34 -3.32
C ARG B 85 -33.14 -19.21 -3.40
N LEU B 86 -32.45 -19.08 -4.52
CA LEU B 86 -31.33 -19.96 -4.84
C LEU B 86 -30.02 -19.43 -4.27
N ASN B 87 -28.99 -20.26 -4.39
CA ASN B 87 -27.67 -19.92 -3.87
C ASN B 87 -27.07 -18.78 -4.68
N ASN B 88 -25.86 -18.35 -4.28
CA ASN B 88 -25.16 -17.32 -5.03
C ASN B 88 -24.28 -17.89 -6.13
N LEU B 89 -24.14 -19.22 -6.22
CA LEU B 89 -23.37 -19.84 -7.29
C LEU B 89 -24.22 -20.10 -8.51
N MET B 90 -25.54 -20.16 -8.37
CA MET B 90 -26.41 -20.26 -9.53
C MET B 90 -26.31 -19.01 -10.39
N ALA B 91 -26.02 -17.86 -9.78
CA ALA B 91 -25.90 -16.62 -10.52
C ALA B 91 -24.66 -16.58 -11.41
N SER B 92 -23.78 -17.56 -11.31
CA SER B 92 -22.63 -17.64 -12.21
C SER B 92 -22.91 -18.52 -13.42
N LYS B 93 -24.09 -19.12 -13.51
CA LYS B 93 -24.47 -19.94 -14.64
C LYS B 93 -25.52 -19.27 -15.52
N ILE B 94 -26.00 -18.09 -15.14
CA ILE B 94 -26.95 -17.35 -15.96
C ILE B 94 -26.30 -16.03 -16.37
N TRP B 95 -27.00 -15.25 -17.18
CA TRP B 95 -26.52 -13.94 -17.60
C TRP B 95 -26.82 -12.91 -16.52
N THR B 96 -25.83 -12.09 -16.18
CA THR B 96 -26.00 -11.04 -15.18
C THR B 96 -25.34 -9.79 -15.73
N PRO B 97 -26.00 -8.63 -15.63
CA PRO B 97 -25.46 -7.42 -16.24
C PRO B 97 -24.14 -7.01 -15.60
N ASP B 98 -23.26 -6.42 -16.40
CA ASP B 98 -21.91 -6.10 -15.97
C ASP B 98 -21.82 -4.64 -15.52
N THR B 99 -22.56 -4.33 -14.46
CA THR B 99 -22.55 -2.98 -13.93
C THR B 99 -21.21 -2.66 -13.29
N PHE B 100 -20.70 -1.46 -13.56
CA PHE B 100 -19.48 -0.97 -12.96
C PHE B 100 -19.63 0.49 -12.58
N PHE B 101 -18.86 0.93 -11.60
CA PHE B 101 -18.94 2.29 -11.09
C PHE B 101 -17.98 3.20 -11.86
N HIS B 102 -18.53 4.16 -12.59
CA HIS B 102 -17.73 4.98 -13.50
C HIS B 102 -16.65 5.77 -12.78
N ASN B 103 -16.80 6.05 -11.50
CA ASN B 103 -15.83 6.85 -10.75
C ASN B 103 -15.42 6.11 -9.50
N GLY B 104 -15.28 4.80 -9.62
CA GLY B 104 -14.77 4.00 -8.54
C GLY B 104 -13.27 3.82 -8.65
N LYS B 105 -12.62 3.74 -7.50
CA LYS B 105 -11.17 3.58 -7.44
C LYS B 105 -10.81 2.12 -7.15
N LYS B 106 -11.29 1.58 -6.03
CA LYS B 106 -11.01 0.19 -5.68
C LYS B 106 -12.18 -0.34 -4.86
N SER B 107 -13.13 -0.99 -5.52
CA SER B 107 -14.29 -1.56 -4.85
C SER B 107 -14.10 -3.06 -4.65
N VAL B 108 -14.61 -3.58 -3.54
CA VAL B 108 -14.49 -5.00 -3.21
C VAL B 108 -15.88 -5.60 -3.11
N ALA B 109 -15.97 -6.87 -3.49
CA ALA B 109 -17.21 -7.65 -3.39
C ALA B 109 -17.01 -8.69 -2.31
N HIS B 110 -17.50 -8.39 -1.11
CA HIS B 110 -17.28 -9.23 0.05
C HIS B 110 -17.72 -10.67 -0.21
N ASN B 111 -16.86 -11.61 0.18
CA ASN B 111 -17.17 -13.03 0.10
C ASN B 111 -16.79 -13.72 1.41
N MET B 112 -17.20 -13.13 2.53
CA MET B 112 -17.02 -13.69 3.86
C MET B 112 -18.40 -13.95 4.44
N THR B 113 -18.70 -15.19 4.83
CA THR B 113 -17.84 -16.36 4.67
C THR B 113 -17.98 -16.95 3.27
N MET B 114 -19.21 -17.04 2.78
CA MET B 114 -19.46 -17.36 1.37
C MET B 114 -19.56 -16.07 0.57
N PRO B 115 -19.63 -16.15 -0.75
CA PRO B 115 -19.81 -14.92 -1.54
C PRO B 115 -21.11 -14.23 -1.17
N ASN B 116 -21.01 -12.94 -0.87
CA ASN B 116 -22.17 -12.19 -0.39
C ASN B 116 -23.00 -11.82 -1.60
N LYS B 117 -23.96 -12.67 -1.94
CA LYS B 117 -24.83 -12.45 -3.09
C LYS B 117 -26.16 -13.12 -2.83
N LEU B 118 -27.11 -12.86 -3.72
CA LEU B 118 -28.47 -13.33 -3.54
C LEU B 118 -29.14 -13.36 -4.90
N LEU B 119 -29.85 -14.44 -5.19
CA LEU B 119 -30.52 -14.61 -6.47
C LEU B 119 -31.89 -15.24 -6.22
N ARG B 120 -32.95 -14.55 -6.63
CA ARG B 120 -34.32 -15.03 -6.51
C ARG B 120 -34.96 -15.04 -7.88
N ILE B 121 -35.32 -16.22 -8.36
CA ILE B 121 -35.95 -16.40 -9.67
C ILE B 121 -37.45 -16.54 -9.46
N THR B 122 -38.20 -15.49 -9.78
CA THR B 122 -39.65 -15.59 -9.78
C THR B 122 -40.12 -16.50 -10.93
N GLU B 123 -41.34 -16.99 -10.80
CA GLU B 123 -41.86 -17.99 -11.74
C GLU B 123 -42.12 -17.42 -13.12
N ASP B 124 -42.26 -16.10 -13.25
CA ASP B 124 -42.52 -15.50 -14.55
C ASP B 124 -41.25 -15.00 -15.23
N GLY B 125 -40.07 -15.36 -14.71
CA GLY B 125 -38.81 -15.00 -15.33
C GLY B 125 -38.11 -13.82 -14.68
N THR B 126 -38.77 -13.09 -13.78
CA THR B 126 -38.17 -11.92 -13.17
C THR B 126 -37.08 -12.33 -12.19
N LEU B 127 -35.89 -11.78 -12.36
CA LEU B 127 -34.75 -12.06 -11.51
C LEU B 127 -34.52 -10.92 -10.54
N LEU B 128 -34.03 -11.25 -9.35
CA LEU B 128 -33.55 -10.27 -8.38
C LEU B 128 -32.16 -10.68 -7.96
N TYR B 129 -31.19 -9.79 -8.15
CA TYR B 129 -29.78 -10.10 -7.93
C TYR B 129 -29.16 -9.01 -7.07
N THR B 130 -28.80 -9.36 -5.84
CA THR B 130 -28.31 -8.41 -4.85
C THR B 130 -26.88 -8.74 -4.44
N MET B 131 -26.04 -7.72 -4.37
CA MET B 131 -24.66 -7.84 -3.94
C MET B 131 -24.40 -6.93 -2.75
N ARG B 132 -23.41 -7.29 -1.94
CA ARG B 132 -22.91 -6.43 -0.87
C ARG B 132 -21.48 -6.08 -1.21
N LEU B 133 -21.19 -4.79 -1.34
CA LEU B 133 -19.90 -4.36 -1.85
C LEU B 133 -19.53 -3.00 -1.28
N THR B 134 -18.24 -2.81 -1.00
CA THR B 134 -17.69 -1.54 -0.55
C THR B 134 -17.05 -0.83 -1.73
N VAL B 135 -17.52 0.37 -2.03
CA VAL B 135 -17.02 1.17 -3.14
C VAL B 135 -16.20 2.34 -2.61
N ARG B 136 -14.98 2.47 -3.10
CA ARG B 136 -14.10 3.58 -2.75
C ARG B 136 -14.09 4.55 -3.94
N ALA B 137 -15.07 5.44 -3.97
CA ALA B 137 -15.29 6.28 -5.13
C ALA B 137 -14.51 7.58 -5.05
N GLU B 138 -14.49 8.31 -6.15
CA GLU B 138 -13.83 9.60 -6.22
C GLU B 138 -14.81 10.72 -5.91
N CYS B 139 -14.28 11.83 -5.42
CA CYS B 139 -15.10 12.98 -5.10
C CYS B 139 -14.23 14.23 -5.16
N PRO B 140 -14.06 14.84 -6.33
CA PRO B 140 -13.23 16.04 -6.42
C PRO B 140 -13.84 17.18 -5.61
N MET B 141 -13.01 17.84 -4.81
CA MET B 141 -13.47 18.89 -3.91
C MET B 141 -12.78 20.20 -4.23
N HIS B 142 -13.54 21.28 -4.09
CA HIS B 142 -13.03 22.64 -4.23
C HIS B 142 -12.94 23.23 -2.83
N LEU B 143 -11.72 23.45 -2.37
CA LEU B 143 -11.47 23.81 -0.98
C LEU B 143 -11.13 25.29 -0.82
N GLU B 144 -11.82 26.15 -1.55
CA GLU B 144 -11.61 27.59 -1.37
C GLU B 144 -12.30 28.12 -0.13
N ASP B 145 -13.33 27.44 0.35
CA ASP B 145 -14.03 27.83 1.57
C ASP B 145 -13.65 26.98 2.76
N PHE B 146 -12.52 26.28 2.68
CA PHE B 146 -12.10 25.44 3.78
C PHE B 146 -11.87 26.28 5.03
N PRO B 147 -12.33 25.84 6.21
CA PRO B 147 -13.06 24.61 6.53
C PRO B 147 -14.57 24.80 6.60
N MET B 148 -15.11 25.73 5.84
CA MET B 148 -16.56 26.00 5.82
C MET B 148 -17.14 25.67 4.45
N ASP B 149 -16.71 24.56 3.87
CA ASP B 149 -17.13 24.17 2.54
C ASP B 149 -18.21 23.09 2.59
N ALA B 150 -18.85 22.87 1.44
CA ALA B 150 -19.86 21.84 1.26
C ALA B 150 -19.63 21.16 -0.08
N HIS B 151 -19.74 19.84 -0.10
CA HIS B 151 -19.45 19.05 -1.29
C HIS B 151 -20.67 18.24 -1.70
N ALA B 152 -20.60 17.71 -2.91
CA ALA B 152 -21.61 16.79 -3.45
C ALA B 152 -20.85 15.64 -4.10
N CYS B 153 -20.62 14.58 -3.33
CA CYS B 153 -19.81 13.46 -3.79
C CYS B 153 -20.65 12.55 -4.68
N PRO B 154 -20.29 12.35 -5.94
CA PRO B 154 -21.13 11.55 -6.83
C PRO B 154 -20.82 10.06 -6.74
N LEU B 155 -21.79 9.26 -7.19
CA LEU B 155 -21.63 7.81 -7.33
C LEU B 155 -22.30 7.40 -8.65
N LYS B 156 -21.53 7.45 -9.73
CA LYS B 156 -22.02 7.11 -11.06
C LYS B 156 -21.78 5.64 -11.36
N PHE B 157 -22.78 4.98 -11.93
CA PHE B 157 -22.64 3.59 -12.34
C PHE B 157 -23.46 3.33 -13.59
N GLY B 158 -22.90 2.55 -14.49
CA GLY B 158 -23.58 2.16 -15.71
C GLY B 158 -23.13 0.78 -16.13
N SER B 159 -23.32 0.44 -17.39
CA SER B 159 -22.90 -0.85 -17.90
C SER B 159 -21.57 -0.73 -18.62
N TYR B 160 -20.87 -1.85 -18.68
CA TYR B 160 -19.65 -1.99 -19.47
C TYR B 160 -19.98 -2.87 -20.67
N ALA B 161 -19.61 -2.41 -21.86
CA ALA B 161 -19.74 -3.12 -23.11
C ALA B 161 -21.15 -3.14 -23.69
N TYR B 162 -22.18 -2.67 -22.98
CA TYR B 162 -23.54 -2.68 -23.50
C TYR B 162 -24.01 -1.24 -23.64
N THR B 163 -24.24 -0.82 -24.88
CA THR B 163 -24.57 0.57 -25.15
C THR B 163 -26.03 0.82 -24.78
N ARG B 164 -26.55 1.98 -25.18
CA ARG B 164 -27.92 2.34 -24.83
C ARG B 164 -28.93 1.55 -25.65
N ALA B 165 -28.53 1.00 -26.79
CA ALA B 165 -29.43 0.21 -27.61
C ALA B 165 -29.64 -1.19 -27.05
N GLU B 166 -28.77 -1.63 -26.15
CA GLU B 166 -28.82 -2.99 -25.62
C GLU B 166 -29.27 -3.05 -24.17
N VAL B 167 -28.66 -2.29 -23.27
CA VAL B 167 -29.00 -2.33 -21.85
C VAL B 167 -29.27 -0.91 -21.37
N VAL B 168 -30.47 -0.69 -20.84
CA VAL B 168 -30.85 0.58 -20.22
C VAL B 168 -31.15 0.33 -18.75
N TYR B 169 -30.74 1.26 -17.89
CA TYR B 169 -30.96 1.15 -16.47
C TYR B 169 -32.13 2.01 -16.04
N GLU B 170 -32.75 1.64 -14.92
CA GLU B 170 -33.82 2.43 -14.33
C GLU B 170 -33.85 2.19 -12.83
N TRP B 171 -34.46 3.14 -12.11
CA TRP B 171 -34.68 2.96 -10.68
C TRP B 171 -35.95 2.16 -10.47
N THR B 172 -35.94 1.29 -9.47
CA THR B 172 -37.07 0.38 -9.28
C THR B 172 -38.25 1.11 -8.65
N ARG B 173 -38.00 1.87 -7.60
CA ARG B 173 -39.01 2.71 -6.97
C ARG B 173 -38.94 4.11 -7.57
N GLU B 174 -39.71 5.03 -7.02
CA GLU B 174 -39.63 6.42 -7.44
C GLU B 174 -38.19 6.90 -7.32
N PRO B 175 -37.67 7.65 -8.29
CA PRO B 175 -36.25 8.04 -8.21
C PRO B 175 -35.88 8.70 -6.90
N ALA B 176 -36.84 9.32 -6.21
CA ALA B 176 -36.54 9.93 -4.92
C ALA B 176 -36.40 8.89 -3.82
N ARG B 177 -37.10 7.77 -3.91
CA ARG B 177 -37.12 6.75 -2.87
C ARG B 177 -36.29 5.53 -3.21
N SER B 178 -35.32 5.64 -4.12
CA SER B 178 -34.51 4.49 -4.52
C SER B 178 -33.27 4.35 -3.66
N VAL B 179 -32.41 5.36 -3.64
CA VAL B 179 -31.18 5.32 -2.84
C VAL B 179 -31.58 5.60 -1.39
N VAL B 180 -31.67 4.55 -0.58
CA VAL B 180 -32.00 4.68 0.84
C VAL B 180 -30.71 4.59 1.65
N VAL B 181 -30.68 5.31 2.77
CA VAL B 181 -29.56 5.28 3.69
C VAL B 181 -30.05 4.78 5.05
N ALA B 182 -29.32 3.86 5.65
CA ALA B 182 -29.66 3.37 6.97
C ALA B 182 -29.54 4.49 8.00
N GLU B 183 -30.27 4.33 9.11
CA GLU B 183 -30.27 5.35 10.16
C GLU B 183 -28.91 5.42 10.86
N ASP B 184 -28.48 4.31 11.46
CA ASP B 184 -27.18 4.25 12.12
C ASP B 184 -26.03 4.05 11.15
N GLY B 185 -26.28 4.12 9.85
CA GLY B 185 -25.25 3.92 8.86
C GLY B 185 -24.51 5.19 8.53
N SER B 186 -23.62 5.63 9.42
CA SER B 186 -22.84 6.84 9.18
C SER B 186 -21.51 6.72 9.91
N ARG B 187 -20.43 6.58 9.16
CA ARG B 187 -19.09 6.59 9.70
C ARG B 187 -18.38 7.92 9.44
N LEU B 188 -19.14 8.99 9.22
CA LEU B 188 -18.56 10.30 8.93
C LEU B 188 -18.10 10.95 10.22
N ASN B 189 -16.78 10.99 10.42
CA ASN B 189 -16.23 11.64 11.61
C ASN B 189 -16.31 13.16 11.49
N GLN B 190 -15.90 13.70 10.36
CA GLN B 190 -15.72 15.14 10.18
C GLN B 190 -16.86 15.81 9.45
N TYR B 191 -17.51 15.12 8.50
CA TYR B 191 -18.55 15.73 7.68
C TYR B 191 -19.93 15.46 8.29
N ASP B 192 -20.96 15.85 7.55
CA ASP B 192 -22.34 15.68 8.00
C ASP B 192 -23.21 15.49 6.77
N LEU B 193 -23.76 14.28 6.61
CA LEU B 193 -24.54 13.97 5.41
C LEU B 193 -25.89 14.67 5.47
N LEU B 194 -26.19 15.48 4.45
CA LEU B 194 -27.43 16.21 4.37
C LEU B 194 -28.53 15.43 3.66
N GLY B 195 -28.25 14.93 2.45
CA GLY B 195 -29.24 14.16 1.73
C GLY B 195 -28.69 13.71 0.39
N GLN B 196 -29.39 12.77 -0.21
CA GLN B 196 -29.04 12.20 -1.50
C GLN B 196 -29.82 12.88 -2.63
N THR B 197 -29.35 12.69 -3.85
CA THR B 197 -29.99 13.27 -5.02
C THR B 197 -29.59 12.46 -6.24
N VAL B 198 -30.53 11.71 -6.80
CA VAL B 198 -30.24 10.82 -7.90
C VAL B 198 -30.60 11.49 -9.22
N ASP B 199 -30.10 10.91 -10.31
CA ASP B 199 -30.35 11.43 -11.66
C ASP B 199 -29.90 10.36 -12.64
N SER B 200 -30.47 10.40 -13.84
CA SER B 200 -30.10 9.51 -14.93
C SER B 200 -29.68 10.30 -16.15
N GLY B 201 -28.65 9.82 -16.84
CA GLY B 201 -28.13 10.49 -18.02
C GLY B 201 -27.55 9.56 -19.05
N ILE B 202 -26.95 10.11 -20.10
CA ILE B 202 -26.42 9.34 -21.22
C ILE B 202 -25.05 9.90 -21.58
N VAL B 203 -24.00 9.12 -21.37
CA VAL B 203 -22.64 9.56 -21.64
C VAL B 203 -22.18 8.92 -22.95
N GLN B 204 -21.16 9.51 -23.57
CA GLN B 204 -20.62 9.03 -24.82
C GLN B 204 -19.14 8.75 -24.65
N SER B 205 -18.75 7.50 -24.90
CA SER B 205 -17.37 7.06 -24.84
C SER B 205 -16.87 6.79 -26.25
N SER B 206 -15.63 6.30 -26.32
CA SER B 206 -15.04 5.96 -27.61
C SER B 206 -15.65 4.70 -28.20
N THR B 207 -16.41 3.94 -27.41
CA THR B 207 -17.00 2.69 -27.86
C THR B 207 -18.48 2.81 -28.20
N GLY B 208 -19.19 3.73 -27.57
CA GLY B 208 -20.61 3.86 -27.85
C GLY B 208 -21.30 4.89 -26.99
N GLU B 209 -22.60 4.72 -26.79
CA GLU B 209 -23.43 5.65 -26.04
C GLU B 209 -24.10 4.87 -24.92
N TYR B 210 -23.71 5.15 -23.68
CA TYR B 210 -24.13 4.38 -22.52
C TYR B 210 -25.05 5.19 -21.63
N VAL B 211 -25.72 4.47 -20.73
CA VAL B 211 -26.63 5.06 -19.75
C VAL B 211 -25.92 5.09 -18.42
N VAL B 212 -25.93 6.25 -17.75
CA VAL B 212 -25.18 6.46 -16.52
C VAL B 212 -26.16 6.90 -15.45
N MET B 213 -26.21 6.15 -14.35
CA MET B 213 -27.09 6.43 -13.23
C MET B 213 -26.28 7.13 -12.14
N THR B 214 -26.57 8.40 -11.90
CA THR B 214 -25.80 9.23 -11.00
C THR B 214 -26.50 9.39 -9.66
N THR B 215 -25.72 9.42 -8.59
CA THR B 215 -26.21 9.68 -7.24
C THR B 215 -25.25 10.63 -6.54
N HIS B 216 -25.78 11.74 -6.04
CA HIS B 216 -25.00 12.72 -5.30
C HIS B 216 -25.32 12.65 -3.82
N PHE B 217 -24.29 12.69 -2.98
CA PHE B 217 -24.42 12.77 -1.54
C PHE B 217 -23.93 14.14 -1.09
N HIS B 218 -24.83 14.95 -0.53
CA HIS B 218 -24.49 16.30 -0.12
C HIS B 218 -23.88 16.28 1.28
N LEU B 219 -22.62 16.71 1.38
CA LEU B 219 -21.89 16.72 2.64
C LEU B 219 -21.60 18.15 3.06
N LYS B 220 -21.48 18.35 4.36
CA LYS B 220 -21.23 19.66 4.95
C LYS B 220 -20.24 19.49 6.08
N ARG B 221 -19.05 20.06 5.94
CA ARG B 221 -18.02 19.85 6.94
C ARG B 221 -18.38 20.51 8.26
N LYS B 222 -17.94 19.88 9.34
CA LYS B 222 -18.11 20.41 10.68
C LYS B 222 -16.87 21.20 11.07
N ILE B 223 -17.09 22.37 11.66
CA ILE B 223 -16.00 23.30 11.94
C ILE B 223 -15.46 23.17 13.35
N GLY B 224 -16.01 22.27 14.15
CA GLY B 224 -15.66 22.21 15.56
C GLY B 224 -14.18 21.96 15.78
N TYR B 225 -13.61 21.01 15.04
CA TYR B 225 -12.22 20.64 15.26
C TYR B 225 -11.27 21.74 14.83
N PHE B 226 -11.51 22.33 13.66
CA PHE B 226 -10.62 23.35 13.16
C PHE B 226 -10.67 24.60 14.02
N VAL B 227 -11.83 24.92 14.59
CA VAL B 227 -11.90 26.06 15.51
C VAL B 227 -10.86 25.87 16.61
N ILE B 228 -11.01 24.82 17.41
CA ILE B 228 -10.18 24.65 18.59
C ILE B 228 -8.72 24.42 18.21
N GLN B 229 -8.44 23.82 17.06
CA GLN B 229 -7.04 23.57 16.73
C GLN B 229 -6.32 24.74 16.06
N THR B 230 -7.01 25.58 15.28
CA THR B 230 -6.36 26.69 14.59
C THR B 230 -6.87 28.05 15.02
N TYR B 231 -8.18 28.29 15.04
CA TYR B 231 -8.65 29.64 15.26
C TYR B 231 -8.46 30.09 16.70
N LEU B 232 -8.65 29.19 17.66
CA LEU B 232 -8.40 29.58 19.05
C LEU B 232 -6.92 29.86 19.28
N PRO B 233 -5.98 29.00 18.89
CA PRO B 233 -4.57 29.34 19.11
C PRO B 233 -4.14 30.60 18.38
N CYS B 234 -4.58 30.81 17.15
CA CYS B 234 -4.21 32.04 16.44
C CYS B 234 -4.68 33.27 17.20
N ILE B 235 -5.94 33.26 17.66
CA ILE B 235 -6.46 34.40 18.40
C ILE B 235 -5.68 34.57 19.70
N MET B 236 -5.32 33.46 20.35
CA MET B 236 -4.64 33.58 21.63
C MET B 236 -3.22 34.10 21.42
N THR B 237 -2.63 33.80 20.27
CA THR B 237 -1.32 34.35 19.95
C THR B 237 -1.43 35.84 19.65
N VAL B 238 -2.48 36.26 18.95
CA VAL B 238 -2.65 37.68 18.68
C VAL B 238 -2.82 38.44 20.00
N ILE B 239 -3.63 37.89 20.91
CA ILE B 239 -3.82 38.55 22.19
C ILE B 239 -2.51 38.61 22.96
N LEU B 240 -1.73 37.52 22.93
CA LEU B 240 -0.47 37.53 23.64
C LEU B 240 0.48 38.54 23.02
N SER B 241 0.40 38.74 21.70
CA SER B 241 1.27 39.69 21.03
C SER B 241 0.85 41.12 21.33
N GLN B 242 -0.42 41.32 21.69
CA GLN B 242 -0.93 42.64 22.02
C GLN B 242 -0.78 42.98 23.49
N VAL B 243 -0.52 41.96 24.32
CA VAL B 243 -0.19 42.23 25.72
C VAL B 243 1.13 42.99 25.82
N SER B 244 2.01 42.82 24.85
CA SER B 244 3.33 43.44 24.90
C SER B 244 3.27 44.95 25.00
N PHE B 245 2.16 45.57 24.61
CA PHE B 245 2.10 47.04 24.66
C PHE B 245 2.00 47.54 26.09
N TRP B 246 1.09 46.97 26.88
CA TRP B 246 0.88 47.43 28.24
C TRP B 246 2.12 47.33 29.11
N LEU B 247 3.17 46.63 28.67
CA LEU B 247 4.41 46.62 29.42
C LEU B 247 5.09 47.98 29.36
N ASN B 248 6.06 48.18 30.25
CA ASN B 248 6.77 49.45 30.28
C ASN B 248 7.76 49.54 29.13
N ARG B 249 8.06 50.77 28.73
CA ARG B 249 8.98 51.01 27.62
C ARG B 249 10.44 50.87 28.02
N GLU B 250 10.72 50.55 29.28
CA GLU B 250 12.08 50.39 29.78
C GLU B 250 12.45 48.94 30.00
N SER B 251 11.65 48.01 29.48
CA SER B 251 11.90 46.58 29.59
C SER B 251 11.98 46.07 28.16
N VAL B 252 13.17 46.12 27.59
CA VAL B 252 13.40 45.75 26.20
C VAL B 252 13.45 44.23 26.06
N PRO B 253 14.18 43.52 26.93
CA PRO B 253 14.25 42.06 26.75
C PRO B 253 12.89 41.39 26.80
N ALA B 254 12.02 41.83 27.70
CA ALA B 254 10.71 41.20 27.84
C ALA B 254 9.88 41.36 26.58
N ARG B 255 9.77 42.59 26.06
CA ARG B 255 8.96 42.83 24.87
C ARG B 255 9.59 42.16 23.64
N THR B 256 10.92 42.17 23.56
CA THR B 256 11.57 41.47 22.44
C THR B 256 11.25 39.99 22.48
N VAL B 257 11.29 39.39 23.67
CA VAL B 257 10.97 37.97 23.80
C VAL B 257 9.52 37.72 23.41
N PHE B 258 8.61 38.58 23.90
CA PHE B 258 7.22 38.50 23.49
C PHE B 258 7.09 38.46 21.99
N GLY B 259 7.76 39.39 21.31
CA GLY B 259 7.57 39.51 19.87
C GLY B 259 8.12 38.30 19.14
N VAL B 260 9.35 37.91 19.47
CA VAL B 260 9.99 36.85 18.70
C VAL B 260 9.28 35.53 18.96
N THR B 261 8.76 35.33 20.18
CA THR B 261 8.07 34.10 20.47
C THR B 261 6.69 34.07 19.82
N THR B 262 5.99 35.20 19.80
CA THR B 262 4.69 35.23 19.14
C THR B 262 4.85 34.97 17.65
N VAL B 263 5.89 35.53 17.05
CA VAL B 263 6.11 35.30 15.62
C VAL B 263 6.45 33.82 15.39
N LEU B 264 7.46 33.31 16.07
CA LEU B 264 7.81 31.90 15.91
C LEU B 264 6.59 30.99 16.06
N THR B 265 5.76 31.27 17.06
CA THR B 265 4.54 30.48 17.27
C THR B 265 3.59 30.60 16.09
N MET B 266 3.46 31.81 15.52
CA MET B 266 2.61 31.96 14.34
C MET B 266 3.16 31.16 13.17
N THR B 267 4.47 31.15 13.01
CA THR B 267 5.07 30.39 11.90
C THR B 267 4.80 28.89 12.07
N THR B 268 5.05 28.37 13.27
CA THR B 268 4.80 26.96 13.53
C THR B 268 3.33 26.64 13.31
N LEU B 269 2.44 27.44 13.90
CA LEU B 269 1.01 27.24 13.71
C LEU B 269 0.61 27.24 12.25
N SER B 270 1.14 28.18 11.46
CA SER B 270 0.83 28.20 10.02
C SER B 270 1.32 26.96 9.30
N ILE B 271 2.43 26.38 9.76
CA ILE B 271 2.92 25.18 9.11
C ILE B 271 2.04 24.01 9.48
N SER B 272 1.78 23.83 10.77
CA SER B 272 0.97 22.67 11.15
C SER B 272 -0.40 22.80 10.51
N ALA B 273 -0.94 24.02 10.46
CA ALA B 273 -2.30 24.17 9.98
C ALA B 273 -2.35 23.81 8.51
N ARG B 274 -1.30 24.17 7.76
CA ARG B 274 -1.28 23.79 6.36
C ARG B 274 -1.10 22.29 6.21
N ASN B 275 -0.53 21.65 7.23
CA ASN B 275 -0.21 20.23 7.15
C ASN B 275 -1.47 19.38 7.00
N SER B 276 -2.59 19.85 7.52
CA SER B 276 -3.82 19.06 7.55
C SER B 276 -4.39 18.82 6.15
N LEU B 277 -4.38 19.83 5.30
CA LEU B 277 -5.13 19.73 4.06
C LEU B 277 -4.28 19.14 2.93
N PRO B 278 -4.93 18.65 1.86
CA PRO B 278 -4.21 18.39 0.61
C PRO B 278 -3.42 19.56 0.08
N LYS B 279 -2.55 19.31 -0.90
CA LYS B 279 -1.61 20.31 -1.39
C LYS B 279 -2.23 20.97 -2.61
N VAL B 280 -3.15 21.90 -2.34
CA VAL B 280 -3.78 22.68 -3.38
C VAL B 280 -2.96 23.96 -3.60
N ALA B 281 -3.15 24.56 -4.77
CA ALA B 281 -2.33 25.69 -5.19
C ALA B 281 -3.01 27.03 -4.97
N TYR B 282 -4.16 27.04 -4.32
CA TYR B 282 -4.86 28.28 -3.99
C TYR B 282 -4.91 28.44 -2.47
N ALA B 283 -5.40 29.59 -2.04
CA ALA B 283 -5.45 29.94 -0.63
C ALA B 283 -6.87 29.72 -0.11
N THR B 284 -7.00 28.90 0.93
CA THR B 284 -8.29 28.61 1.53
C THR B 284 -8.69 29.79 2.42
N ALA B 285 -9.75 29.63 3.21
CA ALA B 285 -10.16 30.67 4.14
C ALA B 285 -9.32 30.64 5.41
N MET B 286 -9.06 29.45 5.95
CA MET B 286 -8.21 29.35 7.12
C MET B 286 -6.85 29.95 6.87
N ASP B 287 -6.33 29.83 5.65
CA ASP B 287 -5.05 30.44 5.32
C ASP B 287 -5.14 31.96 5.36
N TRP B 288 -6.25 32.52 4.90
CA TRP B 288 -6.42 33.96 4.99
C TRP B 288 -6.47 34.42 6.44
N PHE B 289 -7.18 33.68 7.29
CA PHE B 289 -7.21 34.03 8.71
C PHE B 289 -5.81 33.98 9.30
N ILE B 290 -5.05 32.93 8.99
CA ILE B 290 -3.70 32.79 9.54
C ILE B 290 -2.81 33.91 9.04
N ALA B 291 -3.05 34.37 7.81
CA ALA B 291 -2.22 35.44 7.26
C ALA B 291 -2.52 36.76 7.96
N VAL B 292 -3.79 37.05 8.21
CA VAL B 292 -4.13 38.28 8.89
C VAL B 292 -3.61 38.26 10.32
N CYS B 293 -3.69 37.11 10.99
CA CYS B 293 -3.14 37.02 12.35
C CYS B 293 -1.64 37.22 12.33
N TYR B 294 -0.95 36.65 11.34
CA TYR B 294 0.48 36.84 11.23
C TYR B 294 0.81 38.31 11.01
N ALA B 295 -0.02 38.98 10.22
CA ALA B 295 0.15 40.42 10.00
C ALA B 295 0.05 41.18 11.31
N PHE B 296 -1.04 40.96 12.05
CA PHE B 296 -1.21 41.64 13.33
C PHE B 296 0.00 41.43 14.24
N VAL B 297 0.43 40.17 14.39
CA VAL B 297 1.55 39.89 15.28
C VAL B 297 2.80 40.64 14.84
N PHE B 298 3.11 40.57 13.53
CA PHE B 298 4.31 41.23 13.05
C PHE B 298 4.21 42.73 13.20
N SER B 299 3.01 43.29 13.05
CA SER B 299 2.83 44.72 13.22
C SER B 299 3.07 45.12 14.66
N ALA B 300 2.65 44.29 15.61
CA ALA B 300 2.92 44.61 17.01
C ALA B 300 4.42 44.57 17.30
N LEU B 301 5.12 43.60 16.71
CA LEU B 301 6.57 43.57 16.87
C LEU B 301 7.21 44.83 16.28
N ILE B 302 6.70 45.29 15.14
CA ILE B 302 7.28 46.46 14.51
C ILE B 302 6.91 47.73 15.26
N GLU B 303 5.79 47.72 15.98
CA GLU B 303 5.43 48.88 16.78
C GLU B 303 6.32 48.97 18.00
N PHE B 304 6.67 47.82 18.59
CA PHE B 304 7.65 47.86 19.67
C PHE B 304 9.01 48.31 19.15
N ALA B 305 9.39 47.87 17.95
CA ALA B 305 10.67 48.31 17.39
C ALA B 305 10.68 49.82 17.19
N THR B 306 9.57 50.38 16.69
CA THR B 306 9.49 51.82 16.51
C THR B 306 9.56 52.55 17.85
N VAL B 307 8.84 52.05 18.85
CA VAL B 307 8.86 52.67 20.16
C VAL B 307 10.27 52.68 20.72
N ASN B 308 10.99 51.57 20.58
CA ASN B 308 12.35 51.52 21.11
C ASN B 308 13.30 52.38 20.30
N TYR B 309 13.00 52.60 19.02
CA TYR B 309 13.82 53.51 18.22
C TYR B 309 13.61 54.96 18.65
N PHE B 310 12.38 55.33 19.00
CA PHE B 310 12.10 56.70 19.39
C PHE B 310 12.34 56.96 20.87
N THR B 311 12.31 55.93 21.70
CA THR B 311 12.60 56.11 23.12
C THR B 311 14.01 56.66 23.29
N LYS B 312 14.22 57.40 24.36
CA LYS B 312 15.48 58.07 24.70
C LYS B 312 15.77 59.26 23.80
N SER B 313 14.97 59.52 22.78
CA SER B 313 15.12 60.71 21.94
C SER B 313 13.85 61.56 21.95
N GLN B 314 12.69 60.96 21.71
CA GLN B 314 11.41 61.67 21.70
C GLN B 314 10.41 60.83 22.46
N PRO B 315 10.50 60.81 23.79
CA PRO B 315 9.63 59.93 24.56
C PRO B 315 8.16 60.24 24.42
N ALA B 316 7.81 61.50 24.14
CA ALA B 316 6.41 61.86 23.97
C ALA B 316 5.81 61.12 22.79
N ARG B 317 6.53 61.07 21.66
CA ARG B 317 6.02 60.39 20.49
C ARG B 317 5.89 58.89 20.74
N ALA B 318 6.85 58.31 21.47
CA ALA B 318 6.79 56.89 21.79
C ALA B 318 5.57 56.59 22.64
N ALA B 319 5.35 57.37 23.69
CA ALA B 319 4.18 57.15 24.54
C ALA B 319 2.89 57.33 23.74
N LYS B 320 2.81 58.39 22.95
CA LYS B 320 1.63 58.65 22.14
C LYS B 320 1.30 57.46 21.24
N ILE B 321 2.31 56.91 20.55
CA ILE B 321 2.05 55.81 19.62
C ILE B 321 1.73 54.53 20.37
N ASP B 322 2.34 54.31 21.53
CA ASP B 322 2.00 53.12 22.30
C ASP B 322 0.56 53.18 22.79
N ARG B 323 0.17 54.34 23.34
CA ARG B 323 -1.20 54.50 23.82
C ARG B 323 -2.21 54.40 22.68
N LEU B 324 -1.84 54.84 21.48
CA LEU B 324 -2.74 54.72 20.35
C LEU B 324 -2.87 53.26 19.90
N SER B 325 -1.75 52.55 19.81
CA SER B 325 -1.79 51.16 19.40
C SER B 325 -2.61 50.31 20.36
N ARG B 326 -2.50 50.61 21.66
CA ARG B 326 -3.23 49.85 22.67
C ARG B 326 -4.72 49.76 22.39
N ILE B 327 -5.25 50.70 21.61
CA ILE B 327 -6.65 50.70 21.22
C ILE B 327 -6.82 50.27 19.77
N ALA B 328 -5.99 50.80 18.88
CA ALA B 328 -6.12 50.50 17.46
C ALA B 328 -6.12 49.00 17.22
N PHE B 329 -5.10 48.29 17.74
CA PHE B 329 -4.98 46.87 17.43
C PHE B 329 -6.21 46.06 17.82
N PRO B 330 -6.68 46.10 19.07
CA PRO B 330 -7.90 45.35 19.41
C PRO B 330 -9.09 45.64 18.53
N LEU B 331 -9.35 46.90 18.19
CA LEU B 331 -10.55 47.21 17.42
C LEU B 331 -10.43 46.70 16.00
N LEU B 332 -9.23 46.75 15.42
CA LEU B 332 -9.09 46.30 14.05
C LEU B 332 -9.14 44.78 13.99
N PHE B 333 -8.72 44.10 15.05
CA PHE B 333 -8.80 42.65 15.01
C PHE B 333 -10.22 42.18 15.31
N GLY B 334 -10.96 42.94 16.12
CA GLY B 334 -12.36 42.61 16.35
C GLY B 334 -13.20 42.80 15.11
N ILE B 335 -13.01 43.92 14.41
CA ILE B 335 -13.81 44.13 13.21
C ILE B 335 -13.38 43.17 12.11
N PHE B 336 -12.10 42.79 12.06
CA PHE B 336 -11.71 41.78 11.08
C PHE B 336 -12.38 40.45 11.37
N ASN B 337 -12.40 40.03 12.63
CA ASN B 337 -13.10 38.79 12.97
C ASN B 337 -14.58 38.88 12.61
N LEU B 338 -15.21 40.00 12.92
CA LEU B 338 -16.62 40.17 12.58
C LEU B 338 -16.84 39.99 11.09
N VAL B 339 -16.09 40.73 10.27
CA VAL B 339 -16.26 40.66 8.82
C VAL B 339 -16.01 39.24 8.33
N TYR B 340 -14.94 38.60 8.81
CA TYR B 340 -14.56 37.30 8.31
C TYR B 340 -15.63 36.26 8.59
N TRP B 341 -16.06 36.16 9.85
CA TRP B 341 -17.07 35.18 10.18
C TRP B 341 -18.40 35.50 9.52
N ALA B 342 -18.73 36.78 9.34
CA ALA B 342 -19.98 37.12 8.69
C ALA B 342 -19.97 36.71 7.22
N THR B 343 -18.83 36.90 6.55
CA THR B 343 -18.78 36.59 5.12
C THR B 343 -18.59 35.10 4.86
N TYR B 344 -18.11 34.32 5.83
CA TYR B 344 -17.88 32.91 5.60
C TYR B 344 -18.88 31.98 6.27
N LEU B 345 -19.74 32.49 7.16
CA LEU B 345 -20.81 31.66 7.71
C LEU B 345 -22.13 31.83 6.97
N ASN B 346 -22.24 32.80 6.08
CA ASN B 346 -23.47 33.01 5.32
C ASN B 346 -23.53 32.19 4.05
N ARG B 347 -22.39 31.88 3.45
CA ARG B 347 -22.37 31.09 2.22
C ARG B 347 -22.90 29.69 2.48
N SER C 7 -35.65 -18.95 -33.77
CA SER C 7 -35.63 -17.61 -33.19
C SER C 7 -34.27 -16.96 -33.39
N ASN C 8 -34.22 -15.63 -33.24
CA ASN C 8 -32.95 -14.93 -33.39
C ASN C 8 -31.96 -15.33 -32.31
N MET C 9 -32.45 -15.58 -31.08
CA MET C 9 -31.56 -15.96 -30.00
C MET C 9 -30.92 -17.32 -30.26
N SER C 10 -31.71 -18.28 -30.73
CA SER C 10 -31.17 -19.59 -31.04
C SER C 10 -30.19 -19.52 -32.21
N LEU C 11 -30.49 -18.66 -33.19
CA LEU C 11 -29.58 -18.50 -34.31
C LEU C 11 -28.24 -17.94 -33.85
N VAL C 12 -28.26 -16.93 -32.97
CA VAL C 12 -27.00 -16.37 -32.48
C VAL C 12 -26.25 -17.41 -31.64
N LYS C 13 -26.97 -18.18 -30.83
CA LYS C 13 -26.29 -19.19 -30.02
C LYS C 13 -25.63 -20.23 -30.91
N GLU C 14 -26.31 -20.65 -31.98
CA GLU C 14 -25.71 -21.59 -32.91
C GLU C 14 -24.48 -21.01 -33.58
N THR C 15 -24.56 -19.73 -33.97
CA THR C 15 -23.41 -19.08 -34.60
C THR C 15 -22.22 -19.07 -33.65
N VAL C 16 -22.45 -18.70 -32.39
CA VAL C 16 -21.34 -18.62 -31.44
C VAL C 16 -20.75 -19.99 -31.17
N ASP C 17 -21.62 -21.00 -31.01
CA ASP C 17 -21.12 -22.35 -30.79
C ASP C 17 -20.29 -22.82 -31.97
N ARG C 18 -20.71 -22.47 -33.19
CA ARG C 18 -19.92 -22.84 -34.36
C ARG C 18 -18.57 -22.15 -34.33
N LEU C 19 -18.55 -20.86 -33.96
CA LEU C 19 -17.30 -20.12 -33.96
C LEU C 19 -16.31 -20.71 -32.97
N LEU C 20 -16.75 -20.95 -31.74
CA LEU C 20 -15.83 -21.41 -30.71
C LEU C 20 -15.51 -22.90 -30.80
N LYS C 21 -16.17 -23.64 -31.69
CA LYS C 21 -15.87 -25.06 -31.86
C LYS C 21 -14.67 -25.22 -32.78
N GLY C 22 -13.73 -26.08 -32.40
CA GLY C 22 -12.52 -26.22 -33.18
C GLY C 22 -11.64 -25.00 -33.17
N TYR C 23 -11.63 -24.26 -32.07
CA TYR C 23 -10.85 -23.04 -31.93
C TYR C 23 -9.65 -23.33 -31.05
N ASP C 24 -8.45 -23.08 -31.58
CA ASP C 24 -7.22 -23.32 -30.85
C ASP C 24 -6.76 -21.99 -30.26
N ILE C 25 -6.81 -21.88 -28.94
CA ILE C 25 -6.41 -20.65 -28.27
C ILE C 25 -4.89 -20.52 -28.23
N ARG C 26 -4.15 -21.63 -28.33
CA ARG C 26 -2.69 -21.56 -28.26
C ARG C 26 -2.08 -20.85 -29.46
N LEU C 27 -2.80 -20.74 -30.58
CA LEU C 27 -2.26 -20.19 -31.82
C LEU C 27 -2.89 -18.84 -32.11
N ARG C 28 -2.05 -17.84 -32.36
CA ARG C 28 -2.52 -16.53 -32.73
C ARG C 28 -3.13 -16.58 -34.13
N PRO C 29 -3.91 -15.55 -34.49
CA PRO C 29 -4.39 -15.48 -35.88
C PRO C 29 -3.23 -15.43 -36.85
N ASP C 30 -3.34 -16.20 -37.94
CA ASP C 30 -2.27 -16.34 -38.91
C ASP C 30 -0.99 -16.84 -38.25
N PHE C 31 -1.06 -18.06 -37.72
CA PHE C 31 0.06 -18.60 -36.97
C PHE C 31 1.27 -18.90 -37.83
N GLY C 32 1.09 -19.12 -39.13
CA GLY C 32 2.22 -19.42 -39.99
C GLY C 32 2.39 -18.42 -41.11
N GLY C 33 1.91 -17.21 -40.91
CA GLY C 33 1.94 -16.21 -41.95
C GLY C 33 2.40 -14.86 -41.46
N PRO C 34 1.83 -13.79 -41.99
CA PRO C 34 2.30 -12.45 -41.63
C PRO C 34 1.87 -12.09 -40.22
N PRO C 35 2.47 -11.06 -39.63
CA PRO C 35 2.08 -10.68 -38.27
C PRO C 35 0.69 -10.07 -38.23
N VAL C 36 0.08 -10.17 -37.07
CA VAL C 36 -1.25 -9.61 -36.85
C VAL C 36 -1.08 -8.17 -36.34
N ALA C 37 -1.99 -7.30 -36.76
CA ALA C 37 -1.93 -5.88 -36.41
C ALA C 37 -2.92 -5.59 -35.29
N VAL C 38 -2.41 -5.10 -34.16
CA VAL C 38 -3.21 -4.84 -32.97
C VAL C 38 -3.24 -3.33 -32.75
N GLY C 39 -4.41 -2.73 -32.92
CA GLY C 39 -4.56 -1.29 -32.76
C GLY C 39 -4.99 -0.92 -31.35
N MET C 40 -4.28 0.04 -30.75
CA MET C 40 -4.46 0.41 -29.36
C MET C 40 -5.24 1.71 -29.23
N ASN C 41 -6.08 1.79 -28.19
CA ASN C 41 -6.74 3.03 -27.78
C ASN C 41 -6.66 3.16 -26.27
N ILE C 42 -6.60 4.40 -25.80
CA ILE C 42 -6.56 4.68 -24.36
C ILE C 42 -7.46 5.87 -24.08
N ASP C 43 -8.35 5.71 -23.11
CA ASP C 43 -9.24 6.76 -22.64
C ASP C 43 -8.88 6.96 -21.17
N ILE C 44 -7.95 7.88 -20.92
CA ILE C 44 -7.41 8.07 -19.57
C ILE C 44 -8.51 8.60 -18.66
N ALA C 45 -8.86 7.83 -17.63
CA ALA C 45 -9.89 8.24 -16.69
C ALA C 45 -9.32 9.23 -15.67
N SER C 46 -8.17 8.93 -15.08
CA SER C 46 -7.60 9.83 -14.10
C SER C 46 -6.14 9.49 -13.84
N ILE C 47 -5.39 10.49 -13.40
CA ILE C 47 -4.03 10.33 -12.90
C ILE C 47 -4.08 10.68 -11.42
N ASP C 48 -4.02 9.66 -10.56
CA ASP C 48 -4.41 9.87 -9.17
C ASP C 48 -3.35 10.61 -8.37
N MET C 49 -2.17 10.02 -8.21
CA MET C 49 -1.15 10.56 -7.32
C MET C 49 0.21 10.47 -7.97
N VAL C 50 0.98 11.55 -7.84
CA VAL C 50 2.33 11.64 -8.41
C VAL C 50 3.28 11.76 -7.24
N SER C 51 3.84 10.64 -6.80
CA SER C 51 4.62 10.56 -5.58
C SER C 51 6.10 10.78 -5.87
N GLU C 52 6.71 11.71 -5.14
CA GLU C 52 8.15 11.93 -5.26
C GLU C 52 8.96 10.99 -4.40
N VAL C 53 8.32 10.33 -3.42
CA VAL C 53 9.05 9.45 -2.52
C VAL C 53 9.12 8.03 -3.08
N ASN C 54 8.13 7.62 -3.86
CA ASN C 54 8.15 6.33 -4.54
C ASN C 54 8.49 6.46 -6.02
N MET C 55 8.56 7.67 -6.55
CA MET C 55 8.91 7.89 -7.95
C MET C 55 7.96 7.14 -8.88
N ASP C 56 6.67 7.15 -8.54
CA ASP C 56 5.65 6.48 -9.33
C ASP C 56 4.47 7.41 -9.53
N TYR C 57 3.50 6.96 -10.31
CA TYR C 57 2.25 7.67 -10.53
C TYR C 57 1.18 6.67 -10.95
N THR C 58 -0.01 6.82 -10.40
CA THR C 58 -1.13 5.91 -10.65
C THR C 58 -2.08 6.53 -11.66
N LEU C 59 -2.40 5.77 -12.72
CA LEU C 59 -3.36 6.22 -13.72
C LEU C 59 -4.38 5.12 -14.00
N THR C 60 -5.64 5.51 -14.14
CA THR C 60 -6.73 4.62 -14.47
C THR C 60 -7.14 4.91 -15.91
N MET C 61 -7.21 3.86 -16.73
CA MET C 61 -7.45 4.04 -18.15
C MET C 61 -8.42 2.98 -18.66
N TYR C 62 -9.02 3.26 -19.82
CA TYR C 62 -9.82 2.28 -20.55
C TYR C 62 -8.96 1.81 -21.72
N PHE C 63 -8.24 0.72 -21.51
CA PHE C 63 -7.27 0.20 -22.46
C PHE C 63 -7.98 -0.73 -23.45
N GLN C 64 -8.04 -0.33 -24.71
CA GLN C 64 -8.74 -1.09 -25.74
C GLN C 64 -7.79 -1.52 -26.84
N GLN C 65 -7.92 -2.77 -27.28
CA GLN C 65 -7.15 -3.32 -28.39
C GLN C 65 -8.09 -3.89 -29.43
N ALA C 66 -7.68 -3.82 -30.70
CA ALA C 66 -8.51 -4.27 -31.82
C ALA C 66 -7.65 -4.97 -32.85
N TRP C 67 -7.90 -6.26 -33.07
CA TRP C 67 -7.22 -7.04 -34.10
C TRP C 67 -8.27 -7.68 -34.99
N ARG C 68 -7.81 -8.50 -35.95
CA ARG C 68 -8.67 -9.17 -36.92
C ARG C 68 -8.40 -10.66 -36.89
N ASP C 69 -9.32 -11.43 -36.30
CA ASP C 69 -9.25 -12.88 -36.27
C ASP C 69 -10.18 -13.44 -37.32
N LYS C 70 -9.62 -14.14 -38.31
CA LYS C 70 -10.45 -14.69 -39.38
C LYS C 70 -11.29 -15.87 -38.91
N ARG C 71 -10.90 -16.52 -37.82
CA ARG C 71 -11.65 -17.65 -37.33
C ARG C 71 -12.95 -17.24 -36.66
N LEU C 72 -13.03 -16.01 -36.14
CA LEU C 72 -14.26 -15.49 -35.56
C LEU C 72 -15.02 -14.62 -36.56
N SER C 73 -15.31 -15.19 -37.72
CA SER C 73 -16.01 -14.49 -38.79
C SER C 73 -17.30 -15.22 -39.10
N TYR C 74 -18.41 -14.48 -39.07
CA TYR C 74 -19.74 -15.03 -39.29
C TYR C 74 -20.49 -14.16 -40.29
N ASN C 75 -21.30 -14.80 -41.12
CA ASN C 75 -22.02 -14.12 -42.19
C ASN C 75 -23.46 -14.56 -42.24
N VAL C 76 -24.06 -14.78 -41.07
CA VAL C 76 -25.47 -15.14 -40.95
C VAL C 76 -26.28 -13.99 -40.37
N ILE C 77 -25.82 -13.43 -39.27
CA ILE C 77 -26.51 -12.32 -38.60
C ILE C 77 -25.78 -11.03 -38.96
N PRO C 78 -26.48 -9.91 -39.14
CA PRO C 78 -25.81 -8.65 -39.54
C PRO C 78 -25.46 -7.71 -38.40
N LEU C 79 -25.60 -8.12 -37.14
CA LEU C 79 -25.36 -7.25 -36.00
C LEU C 79 -24.01 -7.51 -35.36
N ASN C 80 -23.44 -6.46 -34.76
CA ASN C 80 -22.16 -6.55 -34.06
C ASN C 80 -22.39 -7.22 -32.71
N LEU C 81 -21.99 -8.48 -32.59
CA LEU C 81 -22.23 -9.23 -31.38
C LEU C 81 -21.45 -8.64 -30.21
N THR C 82 -22.11 -8.59 -29.05
CA THR C 82 -21.46 -8.24 -27.78
C THR C 82 -21.70 -9.38 -26.81
N LEU C 83 -20.66 -10.11 -26.49
CA LEU C 83 -20.75 -11.29 -25.64
C LEU C 83 -20.39 -10.94 -24.20
N ASP C 84 -20.73 -11.86 -23.30
CA ASP C 84 -20.35 -11.71 -21.91
C ASP C 84 -18.83 -11.63 -21.79
N ASN C 85 -18.36 -10.98 -20.73
CA ASN C 85 -16.91 -10.83 -20.57
C ASN C 85 -16.19 -12.12 -20.23
N ARG C 86 -16.91 -13.22 -20.08
CA ARG C 86 -16.25 -14.48 -19.74
C ARG C 86 -15.87 -15.30 -20.97
N VAL C 87 -16.33 -14.90 -22.16
CA VAL C 87 -15.91 -15.58 -23.37
C VAL C 87 -14.51 -15.16 -23.78
N ALA C 88 -13.98 -14.10 -23.20
CA ALA C 88 -12.62 -13.69 -23.48
C ALA C 88 -11.59 -14.69 -22.97
N ASP C 89 -11.98 -15.59 -22.08
CA ASP C 89 -11.10 -16.67 -21.64
C ASP C 89 -11.03 -17.81 -22.63
N GLN C 90 -11.74 -17.72 -23.76
CA GLN C 90 -11.75 -18.78 -24.75
C GLN C 90 -11.32 -18.28 -26.12
N LEU C 91 -10.98 -17.01 -26.25
CA LEU C 91 -10.42 -16.45 -27.47
C LEU C 91 -8.93 -16.23 -27.28
N TRP C 92 -8.28 -15.78 -28.34
CA TRP C 92 -6.89 -15.37 -28.29
C TRP C 92 -6.85 -13.86 -28.12
N VAL C 93 -6.11 -13.39 -27.13
CA VAL C 93 -5.95 -11.96 -26.90
C VAL C 93 -4.46 -11.67 -26.81
N PRO C 94 -3.97 -10.56 -27.34
CA PRO C 94 -2.53 -10.33 -27.38
C PRO C 94 -1.95 -10.18 -25.98
N ASP C 95 -0.71 -10.63 -25.83
CA ASP C 95 -0.03 -10.67 -24.54
C ASP C 95 0.64 -9.34 -24.21
N THR C 96 -0.19 -8.30 -24.10
CA THR C 96 0.31 -6.96 -23.87
C THR C 96 0.63 -6.77 -22.39
N TYR C 97 1.76 -6.12 -22.12
CA TYR C 97 2.18 -5.83 -20.75
C TYR C 97 2.84 -4.47 -20.70
N PHE C 98 2.69 -3.80 -19.56
CA PHE C 98 3.33 -2.51 -19.34
C PHE C 98 4.69 -2.72 -18.69
N LEU C 99 5.76 -2.23 -19.34
CA LEU C 99 7.10 -2.56 -18.89
C LEU C 99 7.46 -1.88 -17.58
N ASN C 100 6.97 -0.67 -17.36
CA ASN C 100 7.39 0.12 -16.20
C ASN C 100 6.29 0.22 -15.16
N ASP C 101 5.44 -0.79 -15.04
CA ASP C 101 4.42 -0.81 -14.02
C ASP C 101 4.92 -1.57 -12.81
N LYS C 102 4.36 -1.25 -11.66
CA LYS C 102 4.74 -1.86 -10.40
C LYS C 102 3.61 -2.63 -9.75
N LYS C 103 2.38 -2.11 -9.82
CA LYS C 103 1.23 -2.76 -9.22
C LYS C 103 0.00 -2.33 -10.01
N SER C 104 -0.67 -3.28 -10.65
CA SER C 104 -1.81 -2.97 -11.50
C SER C 104 -2.87 -4.05 -11.36
N PHE C 105 -4.10 -3.72 -11.76
CA PHE C 105 -5.22 -4.64 -11.63
C PHE C 105 -6.32 -4.21 -12.58
N VAL C 106 -7.06 -5.19 -13.09
CA VAL C 106 -8.32 -4.94 -13.79
C VAL C 106 -9.43 -4.87 -12.76
N HIS C 107 -10.20 -3.79 -12.80
CA HIS C 107 -11.25 -3.60 -11.81
C HIS C 107 -12.27 -4.73 -11.93
N GLY C 108 -12.64 -5.31 -10.79
CA GLY C 108 -13.49 -6.49 -10.80
C GLY C 108 -14.82 -6.35 -10.09
N VAL C 109 -15.49 -5.20 -10.23
CA VAL C 109 -16.79 -4.98 -9.60
C VAL C 109 -17.66 -4.22 -10.60
N THR C 110 -18.89 -4.68 -10.83
CA THR C 110 -19.48 -5.84 -10.15
C THR C 110 -19.04 -7.14 -10.81
N VAL C 111 -18.46 -7.05 -12.00
CA VAL C 111 -17.81 -8.16 -12.67
C VAL C 111 -16.42 -7.68 -13.10
N LYS C 112 -15.62 -8.59 -13.65
CA LYS C 112 -14.35 -8.18 -14.22
C LYS C 112 -14.65 -7.17 -15.32
N ASN C 113 -14.11 -5.95 -15.18
CA ASN C 113 -14.38 -4.86 -16.13
C ASN C 113 -13.60 -5.07 -17.41
N ARG C 114 -14.16 -5.90 -18.29
CA ARG C 114 -13.63 -6.04 -19.64
C ARG C 114 -14.79 -6.19 -20.62
N MET C 115 -14.49 -5.83 -21.87
CA MET C 115 -15.47 -5.82 -22.94
C MET C 115 -14.94 -6.69 -24.07
N ILE C 116 -15.76 -7.59 -24.58
CA ILE C 116 -15.47 -8.33 -25.80
C ILE C 116 -16.59 -8.06 -26.78
N ARG C 117 -16.24 -7.79 -28.03
CA ARG C 117 -17.21 -7.32 -29.01
C ARG C 117 -16.74 -7.77 -30.39
N LEU C 118 -17.39 -8.78 -30.95
CA LEU C 118 -17.06 -9.25 -32.28
C LEU C 118 -17.67 -8.36 -33.36
N HIS C 119 -17.29 -8.65 -34.60
CA HIS C 119 -17.82 -8.02 -35.78
C HIS C 119 -17.95 -9.09 -36.86
N PRO C 120 -18.88 -8.92 -37.81
CA PRO C 120 -19.12 -9.99 -38.79
C PRO C 120 -17.96 -10.27 -39.73
N ASP C 121 -16.89 -9.50 -39.71
CA ASP C 121 -15.74 -9.74 -40.58
C ASP C 121 -14.53 -10.28 -39.83
N GLY C 122 -14.68 -10.62 -38.56
CA GLY C 122 -13.60 -11.16 -37.76
C GLY C 122 -12.96 -10.17 -36.81
N THR C 123 -13.17 -8.88 -37.01
CA THR C 123 -12.58 -7.88 -36.14
C THR C 123 -13.06 -8.09 -34.71
N VAL C 124 -12.11 -8.05 -33.77
CA VAL C 124 -12.40 -8.20 -32.36
C VAL C 124 -11.98 -6.93 -31.65
N LEU C 125 -12.86 -6.41 -30.80
CA LEU C 125 -12.54 -5.32 -29.91
C LEU C 125 -12.50 -5.85 -28.49
N TYR C 126 -11.56 -5.34 -27.69
CA TYR C 126 -11.26 -5.93 -26.39
C TYR C 126 -10.75 -4.84 -25.47
N GLY C 127 -11.61 -4.41 -24.54
CA GLY C 127 -11.30 -3.32 -23.64
C GLY C 127 -11.17 -3.78 -22.20
N LEU C 128 -10.29 -3.12 -21.46
CA LEU C 128 -10.11 -3.34 -20.03
C LEU C 128 -10.14 -1.99 -19.31
N ARG C 129 -10.34 -2.06 -18.00
CA ARG C 129 -10.31 -0.88 -17.13
C ARG C 129 -9.18 -1.12 -16.13
N ILE C 130 -8.00 -0.61 -16.45
CA ILE C 130 -6.78 -0.91 -15.73
C ILE C 130 -6.40 0.27 -14.83
N THR C 131 -5.66 -0.02 -13.76
CA THR C 131 -5.12 0.98 -12.84
C THR C 131 -3.65 0.65 -12.56
N THR C 132 -2.75 1.19 -13.37
CA THR C 132 -1.32 0.90 -13.27
C THR C 132 -0.61 1.96 -12.43
N THR C 133 0.22 1.50 -11.49
CA THR C 133 1.14 2.36 -10.74
C THR C 133 2.52 2.32 -11.41
N ALA C 134 2.67 3.09 -12.48
CA ALA C 134 3.91 3.05 -13.24
C ALA C 134 5.03 3.77 -12.50
N ALA C 135 6.27 3.49 -12.92
CA ALA C 135 7.45 4.08 -12.31
C ALA C 135 7.83 5.37 -13.02
N CYS C 136 8.09 6.42 -12.23
CA CYS C 136 8.35 7.76 -12.74
C CYS C 136 9.60 8.30 -12.06
N MET C 137 10.77 8.01 -12.61
CA MET C 137 12.02 8.50 -12.04
C MET C 137 12.17 9.99 -12.33
N MET C 138 12.24 10.80 -11.27
CA MET C 138 12.19 12.25 -11.38
C MET C 138 13.54 12.86 -11.10
N ASP C 139 13.86 13.93 -11.83
CA ASP C 139 15.07 14.74 -11.59
C ASP C 139 14.65 15.98 -10.80
N LEU C 140 14.91 15.97 -9.50
CA LEU C 140 14.46 17.02 -8.60
C LEU C 140 15.51 18.11 -8.37
N ARG C 141 16.40 18.37 -9.32
CA ARG C 141 17.39 19.42 -9.10
C ARG C 141 16.82 20.83 -9.22
N ARG C 142 15.57 20.98 -9.65
CA ARG C 142 14.92 22.26 -9.73
C ARG C 142 13.69 22.32 -8.84
N TYR C 143 13.44 21.27 -8.07
CA TYR C 143 12.25 21.17 -7.25
C TYR C 143 12.14 22.41 -6.35
N PRO C 144 10.95 23.02 -6.24
CA PRO C 144 9.68 22.66 -6.84
C PRO C 144 9.40 23.33 -8.19
N LEU C 145 10.40 23.94 -8.80
CA LEU C 145 10.26 24.56 -10.12
C LEU C 145 10.69 23.63 -11.24
N ASP C 146 10.12 22.42 -11.28
CA ASP C 146 10.58 21.38 -12.17
C ASP C 146 9.45 20.89 -13.08
N GLU C 147 9.84 20.43 -14.27
CA GLU C 147 8.93 19.84 -15.24
C GLU C 147 9.30 18.38 -15.41
N GLN C 148 8.42 17.48 -14.99
CA GLN C 148 8.70 16.05 -15.06
C GLN C 148 8.18 15.47 -16.37
N ASN C 149 8.70 14.30 -16.72
CA ASN C 149 8.36 13.60 -17.96
C ASN C 149 8.51 12.11 -17.69
N CYS C 150 7.41 11.42 -17.44
CA CYS C 150 7.43 9.97 -17.30
C CYS C 150 6.32 9.30 -18.08
N THR C 151 6.65 8.14 -18.65
CA THR C 151 5.95 7.50 -19.74
C THR C 151 5.11 6.32 -19.28
N LEU C 152 4.56 5.59 -20.25
CA LEU C 152 3.89 4.30 -20.04
C LEU C 152 4.22 3.43 -21.24
N GLU C 153 5.22 2.56 -21.09
CA GLU C 153 5.67 1.70 -22.19
C GLU C 153 4.77 0.48 -22.32
N ILE C 154 4.17 0.31 -23.50
CA ILE C 154 3.24 -0.77 -23.79
C ILE C 154 3.92 -1.72 -24.77
N GLU C 155 4.31 -2.89 -24.30
CA GLU C 155 5.06 -3.84 -25.11
C GLU C 155 4.40 -5.20 -25.09
N SER C 156 4.58 -5.95 -26.17
CA SER C 156 4.13 -7.34 -26.23
C SER C 156 5.21 -8.24 -25.68
N TYR C 157 4.83 -9.20 -24.82
CA TYR C 157 5.83 -10.01 -24.15
C TYR C 157 6.31 -11.14 -25.03
N GLY C 158 5.42 -12.04 -25.43
CA GLY C 158 5.83 -13.27 -26.08
C GLY C 158 6.15 -13.14 -27.55
N TYR C 159 5.48 -12.24 -28.26
CA TYR C 159 5.50 -12.23 -29.72
C TYR C 159 6.48 -11.18 -30.22
N THR C 160 7.42 -11.59 -31.05
CA THR C 160 8.38 -10.69 -31.66
C THR C 160 7.68 -9.81 -32.69
N THR C 161 8.44 -8.94 -33.33
CA THR C 161 7.89 -8.03 -34.31
C THR C 161 7.48 -8.73 -35.61
N ASP C 162 7.93 -9.97 -35.84
CA ASP C 162 7.47 -10.75 -36.98
C ASP C 162 6.28 -11.62 -36.63
N ASP C 163 5.59 -11.33 -35.52
CA ASP C 163 4.39 -12.03 -35.13
C ASP C 163 3.28 -11.10 -34.65
N ILE C 164 3.54 -9.80 -34.51
CA ILE C 164 2.54 -8.87 -34.02
C ILE C 164 3.03 -7.46 -34.37
N GLU C 165 2.08 -6.56 -34.59
CA GLU C 165 2.40 -5.20 -35.00
C GLU C 165 1.53 -4.20 -34.24
N PHE C 166 2.14 -3.46 -33.31
CA PHE C 166 1.42 -2.47 -32.51
C PHE C 166 1.33 -1.14 -33.24
N TYR C 167 0.16 -0.52 -33.18
CA TYR C 167 -0.01 0.80 -33.78
C TYR C 167 -1.16 1.52 -33.10
N TRP C 168 -0.99 2.82 -32.86
CA TRP C 168 -2.09 3.61 -32.30
C TRP C 168 -3.21 3.74 -33.32
N ARG C 169 -4.44 3.62 -32.84
CA ARG C 169 -5.62 3.69 -33.71
C ARG C 169 -6.05 5.15 -33.81
N GLY C 170 -5.75 5.78 -34.94
CA GLY C 170 -5.99 7.20 -35.14
C GLY C 170 -4.69 7.98 -35.13
N ASP C 171 -3.76 7.56 -34.29
CA ASP C 171 -2.39 8.06 -34.26
C ASP C 171 -2.29 9.47 -33.68
N ASP C 172 -3.41 10.15 -33.52
CA ASP C 172 -3.47 11.37 -32.72
C ASP C 172 -4.69 11.45 -31.82
N ASN C 173 -5.80 10.83 -32.19
CA ASN C 173 -6.98 10.72 -31.33
C ASN C 173 -7.02 9.39 -30.61
N ALA C 174 -5.89 8.69 -30.53
CA ALA C 174 -5.85 7.42 -29.81
C ALA C 174 -6.04 7.63 -28.33
N VAL C 175 -5.32 8.57 -27.75
CA VAL C 175 -5.38 8.85 -26.31
C VAL C 175 -6.28 10.07 -26.09
N THR C 176 -7.42 9.85 -25.46
CA THR C 176 -8.36 10.92 -25.15
C THR C 176 -8.47 11.11 -23.63
N GLY C 177 -9.16 12.18 -23.26
CA GLY C 177 -9.39 12.47 -21.86
C GLY C 177 -8.22 13.09 -21.12
N VAL C 178 -7.24 13.63 -21.84
CA VAL C 178 -6.09 14.22 -21.17
C VAL C 178 -6.38 15.66 -20.74
N THR C 179 -7.14 16.40 -21.53
CA THR C 179 -7.46 17.78 -21.19
C THR C 179 -8.49 17.91 -20.07
N LYS C 180 -9.03 16.80 -19.59
CA LYS C 180 -9.95 16.80 -18.47
C LYS C 180 -9.29 16.37 -17.16
N ILE C 181 -8.04 15.92 -17.23
CA ILE C 181 -7.32 15.51 -16.03
C ILE C 181 -6.98 16.74 -15.21
N GLU C 182 -7.45 16.76 -13.97
CA GLU C 182 -7.18 17.86 -13.05
C GLU C 182 -6.35 17.31 -11.89
N LEU C 183 -5.07 17.65 -11.89
CA LEU C 183 -4.22 17.22 -10.79
C LEU C 183 -4.17 18.31 -9.73
N PRO C 184 -4.03 17.95 -8.46
CA PRO C 184 -4.04 18.99 -7.42
C PRO C 184 -2.78 19.82 -7.42
N GLN C 185 -1.65 19.26 -7.83
CA GLN C 185 -0.36 19.94 -7.79
C GLN C 185 0.21 20.19 -9.17
N PHE C 186 0.33 19.17 -10.00
CA PHE C 186 0.94 19.31 -11.33
C PHE C 186 -0.08 19.88 -12.31
N SER C 187 0.31 19.92 -13.59
CA SER C 187 -0.58 20.37 -14.66
C SER C 187 -0.03 19.84 -15.98
N ILE C 188 -0.82 19.02 -16.68
CA ILE C 188 -0.34 18.39 -17.90
C ILE C 188 -0.08 19.46 -18.95
N VAL C 189 1.16 19.52 -19.43
CA VAL C 189 1.54 20.51 -20.44
C VAL C 189 1.44 19.92 -21.85
N ASP C 190 1.93 18.70 -22.06
CA ASP C 190 1.93 18.09 -23.38
C ASP C 190 1.97 16.58 -23.21
N TYR C 191 1.49 15.88 -24.24
CA TYR C 191 1.59 14.43 -24.28
C TYR C 191 1.89 13.96 -25.71
N LYS C 192 2.66 12.88 -25.82
CA LYS C 192 3.12 12.37 -27.10
C LYS C 192 2.96 10.86 -27.17
N LEU C 193 2.68 10.38 -28.38
CA LEU C 193 2.54 8.95 -28.67
C LEU C 193 3.64 8.51 -29.61
N ILE C 194 4.40 7.48 -29.22
CA ILE C 194 5.56 7.02 -29.97
C ILE C 194 5.38 5.55 -30.29
N THR C 195 6.04 5.11 -31.37
CA THR C 195 6.00 3.74 -31.84
C THR C 195 7.42 3.29 -32.15
N LYS C 196 7.93 2.30 -31.41
CA LYS C 196 9.31 1.85 -31.52
C LYS C 196 9.34 0.33 -31.65
N LYS C 197 10.55 -0.19 -31.86
CA LYS C 197 10.81 -1.63 -31.90
C LYS C 197 12.04 -1.91 -31.05
N VAL C 198 11.83 -2.21 -29.76
CA VAL C 198 12.97 -2.47 -28.89
C VAL C 198 13.55 -3.85 -29.18
N VAL C 199 14.82 -4.02 -28.85
CA VAL C 199 15.57 -5.24 -29.13
C VAL C 199 16.08 -5.82 -27.82
N PHE C 200 15.66 -7.04 -27.52
CA PHE C 200 16.20 -7.82 -26.42
C PHE C 200 16.93 -9.04 -26.96
N SER C 201 17.61 -9.74 -26.07
CA SER C 201 18.40 -10.89 -26.47
C SER C 201 17.53 -12.03 -27.00
N THR C 202 16.21 -11.92 -26.92
CA THR C 202 15.31 -12.95 -27.42
C THR C 202 14.56 -12.52 -28.68
N GLY C 203 14.78 -11.30 -29.16
CA GLY C 203 14.16 -10.86 -30.39
C GLY C 203 14.00 -9.35 -30.39
N SER C 204 13.14 -8.88 -31.27
CA SER C 204 12.82 -7.46 -31.40
C SER C 204 11.31 -7.33 -31.28
N TYR C 205 10.86 -6.69 -30.21
CA TYR C 205 9.45 -6.61 -29.88
C TYR C 205 8.91 -5.21 -30.15
N PRO C 206 7.66 -5.09 -30.58
CA PRO C 206 7.08 -3.75 -30.80
C PRO C 206 6.82 -3.05 -29.47
N ARG C 207 6.70 -1.74 -29.54
CA ARG C 207 6.44 -0.96 -28.34
C ARG C 207 5.76 0.34 -28.68
N LEU C 208 4.77 0.71 -27.88
CA LEU C 208 4.16 2.03 -27.92
C LEU C 208 4.51 2.74 -26.63
N SER C 209 4.63 4.07 -26.70
CA SER C 209 4.92 4.88 -25.54
C SER C 209 3.93 6.04 -25.47
N LEU C 210 3.32 6.21 -24.31
CA LEU C 210 2.50 7.38 -24.02
C LEU C 210 3.23 8.20 -22.96
N SER C 211 3.56 9.45 -23.31
CA SER C 211 4.43 10.28 -22.51
C SER C 211 3.71 11.58 -22.15
N PHE C 212 3.70 11.92 -20.87
CA PHE C 212 3.17 13.20 -20.41
C PHE C 212 4.31 14.15 -20.08
N LYS C 213 3.93 15.40 -19.79
CA LYS C 213 4.87 16.41 -19.32
C LYS C 213 4.16 17.22 -18.25
N LEU C 214 4.48 16.93 -16.99
CA LEU C 214 3.82 17.55 -15.85
C LEU C 214 4.66 18.70 -15.34
N LYS C 215 4.09 19.91 -15.32
CA LYS C 215 4.74 21.09 -14.79
C LYS C 215 4.17 21.35 -13.41
N ARG C 216 5.02 21.34 -12.39
CA ARG C 216 4.54 21.49 -11.02
C ARG C 216 4.10 22.93 -10.74
N ASN C 217 3.01 23.05 -9.99
CA ASN C 217 2.50 24.35 -9.56
C ASN C 217 3.29 24.81 -8.34
N ILE C 218 3.54 26.12 -8.25
CA ILE C 218 4.39 26.67 -7.21
C ILE C 218 3.58 27.43 -6.16
N GLY C 219 2.26 27.42 -6.25
CA GLY C 219 1.46 28.13 -5.27
C GLY C 219 1.58 27.53 -3.88
N TYR C 220 1.52 26.21 -3.79
CA TYR C 220 1.54 25.54 -2.50
C TYR C 220 2.86 25.80 -1.78
N PHE C 221 3.96 25.77 -2.51
CA PHE C 221 5.27 25.96 -1.90
C PHE C 221 5.51 27.41 -1.53
N ILE C 222 5.10 28.34 -2.39
CA ILE C 222 5.15 29.74 -2.01
C ILE C 222 4.35 29.97 -0.75
N LEU C 223 3.26 29.22 -0.56
CA LEU C 223 2.45 29.39 0.63
C LEU C 223 3.10 28.77 1.85
N GLN C 224 3.75 27.61 1.69
CA GLN C 224 4.14 26.78 2.82
C GLN C 224 5.59 26.98 3.25
N THR C 225 6.53 27.10 2.32
CA THR C 225 7.94 27.06 2.66
C THR C 225 8.75 28.30 2.29
N TYR C 226 8.31 29.11 1.32
CA TYR C 226 9.07 30.30 1.01
C TYR C 226 8.72 31.46 1.94
N MET C 227 7.43 31.70 2.16
CA MET C 227 7.03 32.84 2.97
C MET C 227 7.49 32.73 4.42
N PRO C 228 7.48 31.55 5.06
CA PRO C 228 7.98 31.49 6.43
C PRO C 228 9.46 31.79 6.52
N SER C 229 10.26 31.28 5.59
CA SER C 229 11.69 31.58 5.64
C SER C 229 11.94 33.05 5.38
N ILE C 230 11.22 33.64 4.43
CA ILE C 230 11.38 35.05 4.14
C ILE C 230 11.05 35.88 5.37
N LEU C 231 9.88 35.64 5.97
CA LEU C 231 9.49 36.42 7.15
C LEU C 231 10.40 36.17 8.34
N ILE C 232 10.99 34.98 8.45
CA ILE C 232 11.95 34.76 9.52
C ILE C 232 13.20 35.60 9.30
N THR C 233 13.63 35.74 8.04
CA THR C 233 14.76 36.61 7.75
C THR C 233 14.42 38.07 8.05
N ILE C 234 13.21 38.50 7.68
CA ILE C 234 12.79 39.86 8.01
C ILE C 234 12.82 40.08 9.51
N LEU C 235 12.33 39.11 10.28
CA LEU C 235 12.39 39.23 11.72
C LEU C 235 13.82 39.35 12.21
N SER C 236 14.71 38.53 11.66
CA SER C 236 16.12 38.62 12.04
C SER C 236 16.66 40.02 11.82
N TRP C 237 16.20 40.70 10.77
CA TRP C 237 16.70 42.04 10.50
C TRP C 237 16.32 43.04 11.59
N VAL C 238 15.29 42.75 12.39
CA VAL C 238 14.89 43.67 13.44
C VAL C 238 16.00 43.87 14.47
N SER C 239 16.88 42.89 14.63
CA SER C 239 17.93 42.97 15.64
C SER C 239 18.86 44.16 15.45
N PHE C 240 18.75 44.89 14.34
CA PHE C 240 19.61 46.04 14.10
C PHE C 240 19.03 47.33 14.64
N TRP C 241 17.71 47.44 14.73
CA TRP C 241 17.09 48.65 15.26
C TRP C 241 17.13 48.71 16.79
N ILE C 242 17.34 47.57 17.45
CA ILE C 242 17.55 47.58 18.89
C ILE C 242 18.91 48.19 19.22
N ASN C 243 18.97 48.93 20.32
CA ASN C 243 20.23 49.51 20.76
C ASN C 243 21.24 48.42 21.05
N TYR C 244 22.51 48.69 20.75
CA TYR C 244 23.55 47.67 20.91
C TYR C 244 23.88 47.38 22.36
N ASP C 245 23.19 48.00 23.32
CA ASP C 245 23.45 47.68 24.72
C ASP C 245 22.67 46.45 25.18
N ALA C 246 21.54 46.16 24.54
CA ALA C 246 20.75 45.00 24.90
C ALA C 246 21.47 43.73 24.44
N SER C 247 21.90 42.92 25.41
CA SER C 247 22.67 41.72 25.09
C SER C 247 21.77 40.50 24.95
N ALA C 248 20.72 40.42 25.77
CA ALA C 248 19.84 39.25 25.74
C ALA C 248 18.86 39.35 24.58
N ALA C 249 18.22 40.51 24.43
CA ALA C 249 17.23 40.70 23.39
C ALA C 249 17.77 40.31 22.02
N ARG C 250 18.86 40.96 21.61
CA ARG C 250 19.42 40.73 20.29
C ARG C 250 19.83 39.26 20.13
N VAL C 251 20.42 38.68 21.17
CA VAL C 251 20.83 37.29 21.11
C VAL C 251 19.61 36.39 20.99
N ALA C 252 18.56 36.69 21.77
CA ALA C 252 17.30 35.96 21.63
C ALA C 252 16.84 35.97 20.19
N LEU C 253 16.80 37.15 19.57
CA LEU C 253 16.44 37.26 18.16
C LEU C 253 17.25 36.30 17.32
N GLY C 254 18.58 36.46 17.33
CA GLY C 254 19.41 35.68 16.43
C GLY C 254 19.30 34.18 16.66
N ILE C 255 19.06 33.77 17.89
CA ILE C 255 19.07 32.35 18.19
C ILE C 255 17.74 31.74 17.80
N THR C 256 16.66 32.41 18.16
CA THR C 256 15.35 31.94 17.75
C THR C 256 15.32 31.81 16.24
N THR C 257 15.69 32.89 15.54
CA THR C 257 15.69 32.85 14.08
C THR C 257 16.52 31.68 13.56
N VAL C 258 17.62 31.34 14.24
CA VAL C 258 18.56 30.39 13.65
C VAL C 258 17.99 29.01 13.81
N LEU C 259 17.29 28.76 14.91
CA LEU C 259 16.79 27.43 15.17
C LEU C 259 15.48 27.23 14.44
N THR C 260 14.77 28.32 14.14
CA THR C 260 13.55 28.19 13.38
C THR C 260 13.90 27.91 11.93
N MET C 261 15.01 28.47 11.47
CA MET C 261 15.42 28.20 10.09
C MET C 261 15.86 26.74 9.99
N THR C 262 16.66 26.27 10.95
CA THR C 262 17.16 24.90 10.82
C THR C 262 16.01 23.92 10.92
N THR C 263 15.02 24.21 11.76
CA THR C 263 13.93 23.26 11.93
C THR C 263 13.00 23.29 10.72
N ILE C 264 12.89 24.44 10.04
CA ILE C 264 12.06 24.44 8.83
C ILE C 264 12.79 23.67 7.74
N ASN C 265 14.13 23.72 7.73
CA ASN C 265 14.85 23.04 6.66
C ASN C 265 14.80 21.54 6.87
N THR C 266 14.76 21.11 8.12
CA THR C 266 14.73 19.67 8.37
C THR C 266 13.32 19.15 8.15
N HIS C 267 12.32 19.85 8.66
CA HIS C 267 10.97 19.36 8.47
C HIS C 267 10.66 19.31 6.98
N LEU C 268 11.02 20.35 6.23
CA LEU C 268 10.76 20.30 4.80
C LEU C 268 11.50 19.13 4.17
N ARG C 269 12.70 18.80 4.66
CA ARG C 269 13.43 17.72 4.00
C ARG C 269 12.98 16.34 4.46
N GLU C 270 11.99 16.28 5.35
CA GLU C 270 11.43 14.98 5.74
C GLU C 270 10.34 14.48 4.80
N THR C 271 9.79 15.34 3.95
CA THR C 271 8.72 14.96 3.04
C THR C 271 9.22 14.44 1.69
N LEU C 272 10.53 14.42 1.47
CA LEU C 272 11.14 14.01 0.22
C LEU C 272 12.04 12.83 0.48
N PRO C 273 12.40 12.07 -0.55
CA PRO C 273 13.33 10.95 -0.34
C PRO C 273 14.76 11.43 -0.13
N LYS C 274 15.64 10.49 0.17
CA LYS C 274 17.03 10.79 0.48
C LYS C 274 17.79 11.06 -0.83
N ILE C 275 17.49 12.21 -1.41
CA ILE C 275 18.07 12.59 -2.69
C ILE C 275 19.45 13.19 -2.43
N PRO C 276 20.51 12.75 -3.13
CA PRO C 276 21.86 13.17 -2.76
C PRO C 276 22.30 14.53 -3.27
N TYR C 277 21.48 15.26 -4.02
CA TYR C 277 21.89 16.55 -4.57
C TYR C 277 21.09 17.66 -3.90
N VAL C 278 21.43 18.89 -4.27
CA VAL C 278 20.88 20.10 -3.67
C VAL C 278 19.75 20.60 -4.55
N LYS C 279 18.51 20.49 -4.06
CA LYS C 279 17.36 21.00 -4.78
C LYS C 279 17.36 22.52 -4.76
N ALA C 280 16.38 23.13 -5.44
CA ALA C 280 16.29 24.59 -5.46
C ALA C 280 15.80 25.13 -4.12
N ILE C 281 14.82 24.46 -3.52
CA ILE C 281 14.32 24.91 -2.23
C ILE C 281 15.38 24.75 -1.16
N ASP C 282 16.22 23.73 -1.29
CA ASP C 282 17.34 23.59 -0.36
C ASP C 282 18.30 24.75 -0.49
N MET C 283 18.53 25.21 -1.72
CA MET C 283 19.41 26.36 -1.92
C MET C 283 18.80 27.62 -1.29
N TYR C 284 17.50 27.82 -1.46
CA TYR C 284 16.87 28.98 -0.84
C TYR C 284 16.95 28.92 0.68
N LEU C 285 16.67 27.76 1.27
CA LEU C 285 16.73 27.65 2.72
C LEU C 285 18.15 27.83 3.23
N MET C 286 19.15 27.40 2.46
CA MET C 286 20.53 27.56 2.91
C MET C 286 20.98 29.00 2.79
N GLY C 287 20.44 29.73 1.80
CA GLY C 287 20.73 31.16 1.72
C GLY C 287 20.09 31.93 2.85
N CYS C 288 18.83 31.59 3.16
CA CYS C 288 18.16 32.26 4.28
C CYS C 288 18.89 31.97 5.58
N PHE C 289 19.37 30.74 5.76
CA PHE C 289 20.10 30.40 6.98
C PHE C 289 21.43 31.14 7.04
N VAL C 290 22.08 31.33 5.90
CA VAL C 290 23.32 32.12 5.90
C VAL C 290 23.03 33.56 6.29
N PHE C 291 21.93 34.13 5.78
CA PHE C 291 21.60 35.51 6.15
C PHE C 291 21.33 35.63 7.64
N VAL C 292 20.60 34.68 8.21
CA VAL C 292 20.33 34.74 9.65
C VAL C 292 21.62 34.61 10.44
N PHE C 293 22.44 33.62 10.11
CA PHE C 293 23.71 33.43 10.81
C PHE C 293 24.56 34.68 10.73
N MET C 294 24.61 35.32 9.56
CA MET C 294 25.39 36.54 9.42
C MET C 294 24.84 37.66 10.31
N ALA C 295 23.52 37.76 10.42
CA ALA C 295 22.96 38.76 11.32
C ALA C 295 23.40 38.51 12.75
N LEU C 296 23.36 37.26 13.19
CA LEU C 296 23.79 36.95 14.55
C LEU C 296 25.26 37.26 14.75
N LEU C 297 26.10 36.96 13.74
CA LEU C 297 27.52 37.19 13.90
C LEU C 297 27.86 38.66 13.75
N GLU C 298 26.97 39.45 13.19
CA GLU C 298 27.18 40.89 13.15
C GLU C 298 26.81 41.52 14.47
N TYR C 299 25.78 40.98 15.14
CA TYR C 299 25.54 41.44 16.49
C TYR C 299 26.71 41.08 17.38
N ALA C 300 27.32 39.90 17.16
CA ALA C 300 28.43 39.51 18.00
C ALA C 300 29.65 40.38 17.72
N LEU C 301 29.84 40.78 16.46
CA LEU C 301 30.91 41.71 16.14
C LEU C 301 30.72 43.01 16.89
N VAL C 302 29.48 43.53 16.88
CA VAL C 302 29.22 44.80 17.55
C VAL C 302 29.50 44.65 19.04
N ASN C 303 28.97 43.59 19.64
CA ASN C 303 29.16 43.34 21.06
C ASN C 303 30.64 43.28 21.43
N TYR C 304 31.47 42.76 20.52
CA TYR C 304 32.89 42.64 20.81
C TYR C 304 33.59 44.00 20.82
N ILE C 305 33.33 44.85 19.84
CA ILE C 305 34.05 46.10 19.70
C ILE C 305 33.29 47.24 20.38
N PHE C 306 32.34 46.89 21.24
CA PHE C 306 31.44 47.90 21.79
C PHE C 306 32.14 48.80 22.80
N PHE C 307 32.80 48.19 23.81
CA PHE C 307 33.42 49.00 24.87
C PHE C 307 34.57 49.85 24.33
N SER C 308 35.28 49.36 23.32
CA SER C 308 36.45 50.09 22.85
C SER C 308 36.07 51.33 22.05
N GLN C 309 34.93 51.29 21.36
CA GLN C 309 34.55 52.41 20.51
C GLN C 309 33.10 52.25 20.06
N PRO C 310 32.15 52.86 20.76
CA PRO C 310 30.73 52.70 20.37
C PRO C 310 30.38 53.39 19.07
N ALA C 311 31.19 54.34 18.60
CA ALA C 311 30.88 54.97 17.32
C ALA C 311 30.92 53.95 16.21
N ARG C 312 31.94 53.08 16.20
CA ARG C 312 32.00 52.10 15.12
C ARG C 312 30.83 51.14 15.25
N ALA C 313 30.25 51.03 16.45
CA ALA C 313 29.19 50.07 16.68
C ALA C 313 27.90 50.60 16.09
N ALA C 314 27.59 51.86 16.39
CA ALA C 314 26.39 52.47 15.84
C ALA C 314 26.51 52.56 14.33
N ALA C 315 27.72 52.84 13.83
CA ALA C 315 27.93 52.89 12.39
C ALA C 315 27.64 51.53 11.77
N ILE C 316 28.33 50.49 12.24
CA ILE C 316 28.10 49.14 11.74
C ILE C 316 26.60 48.80 11.77
N ASP C 317 25.90 49.23 12.82
CA ASP C 317 24.46 48.96 12.86
C ASP C 317 23.72 49.67 11.74
N ARG C 318 24.07 50.91 11.46
CA ARG C 318 23.44 51.61 10.34
C ARG C 318 23.74 50.90 9.02
N TRP C 319 25.01 50.55 8.82
CA TRP C 319 25.42 49.87 7.60
C TRP C 319 24.68 48.55 7.46
N SER C 320 24.47 47.83 8.57
CA SER C 320 23.72 46.58 8.52
C SER C 320 22.27 46.82 8.15
N ARG C 321 21.62 47.79 8.80
CA ARG C 321 20.26 48.12 8.45
C ARG C 321 20.13 48.42 6.97
N ILE C 322 21.09 49.14 6.41
CA ILE C 322 21.02 49.54 5.01
C ILE C 322 21.28 48.34 4.09
N PHE C 323 22.22 47.46 4.45
CA PHE C 323 22.77 46.52 3.49
C PHE C 323 22.39 45.07 3.73
N PHE C 324 21.56 44.77 4.72
CA PHE C 324 21.04 43.41 4.76
C PHE C 324 19.85 43.26 3.81
N PRO C 325 18.88 44.18 3.85
CA PRO C 325 17.78 44.10 2.88
C PRO C 325 18.23 44.20 1.44
N VAL C 326 19.26 44.99 1.14
CA VAL C 326 19.72 45.13 -0.23
C VAL C 326 20.30 43.81 -0.74
N VAL C 327 21.29 43.29 -0.02
CA VAL C 327 21.92 42.03 -0.43
C VAL C 327 20.88 40.91 -0.47
N PHE C 328 19.94 40.91 0.45
CA PHE C 328 18.92 39.87 0.44
C PHE C 328 18.02 39.98 -0.78
N SER C 329 17.65 41.21 -1.16
CA SER C 329 16.83 41.39 -2.35
C SER C 329 17.60 41.00 -3.60
N PHE C 330 18.90 41.32 -3.64
CA PHE C 330 19.71 40.93 -4.79
C PHE C 330 19.81 39.42 -4.92
N PHE C 331 20.06 38.74 -3.80
CA PHE C 331 20.10 37.28 -3.83
C PHE C 331 18.76 36.70 -4.22
N ASN C 332 17.68 37.27 -3.71
CA ASN C 332 16.34 36.78 -4.02
C ASN C 332 16.05 36.94 -5.51
N ILE C 333 16.45 38.07 -6.09
CA ILE C 333 16.20 38.34 -7.50
C ILE C 333 17.01 37.39 -8.38
N VAL C 334 18.29 37.21 -8.07
CA VAL C 334 19.10 36.32 -8.90
C VAL C 334 18.59 34.88 -8.77
N TYR C 335 18.11 34.51 -7.58
CA TYR C 335 17.53 33.17 -7.42
C TYR C 335 16.30 33.01 -8.30
N TRP C 336 15.32 33.90 -8.15
CA TRP C 336 14.08 33.76 -8.91
C TRP C 336 14.25 34.03 -10.39
N LEU C 337 15.41 34.51 -10.83
CA LEU C 337 15.68 34.63 -12.25
C LEU C 337 16.49 33.48 -12.81
N TYR C 338 17.26 32.79 -11.96
CA TYR C 338 18.00 31.62 -12.43
C TYR C 338 17.11 30.41 -12.59
N TYR C 339 16.10 30.26 -11.74
CA TYR C 339 15.25 29.07 -11.76
C TYR C 339 14.00 29.26 -12.61
N VAL C 340 13.34 30.41 -12.53
CA VAL C 340 12.17 30.67 -13.36
C VAL C 340 12.62 30.92 -14.80
N ASP D 10 -4.80 -22.97 -44.42
CA ASP D 10 -5.37 -23.48 -43.19
C ASP D 10 -4.28 -24.12 -42.32
N ASN D 11 -3.23 -23.37 -42.03
CA ASN D 11 -2.14 -23.88 -41.20
C ASN D 11 -2.59 -24.11 -39.76
N THR D 12 -3.73 -23.54 -39.37
CA THR D 12 -4.22 -23.74 -38.00
C THR D 12 -4.43 -25.21 -37.70
N THR D 13 -5.01 -25.96 -38.63
CA THR D 13 -5.31 -27.36 -38.35
C THR D 13 -4.04 -28.19 -38.24
N VAL D 14 -3.07 -27.97 -39.13
CA VAL D 14 -1.85 -28.77 -39.07
C VAL D 14 -1.07 -28.43 -37.80
N PHE D 15 -1.08 -27.16 -37.40
CA PHE D 15 -0.36 -26.80 -36.17
C PHE D 15 -1.08 -27.31 -34.94
N THR D 16 -2.41 -27.32 -34.95
CA THR D 16 -3.15 -27.93 -33.85
C THR D 16 -2.84 -29.41 -33.75
N ARG D 17 -2.74 -30.10 -34.89
CA ARG D 17 -2.41 -31.51 -34.88
C ARG D 17 -1.01 -31.74 -34.33
N ILE D 18 -0.07 -30.86 -34.69
CA ILE D 18 1.29 -30.96 -34.16
C ILE D 18 1.27 -30.80 -32.64
N LEU D 19 0.57 -29.79 -32.14
CA LEU D 19 0.52 -29.55 -30.70
C LEU D 19 -0.13 -30.72 -29.97
N ASP D 20 -1.22 -31.25 -30.52
CA ASP D 20 -1.91 -32.36 -29.87
C ASP D 20 -1.09 -33.63 -29.91
N ARG D 21 -0.24 -33.80 -30.93
CA ARG D 21 0.68 -34.91 -30.92
C ARG D 21 1.78 -34.73 -29.89
N LEU D 22 2.21 -33.48 -29.68
CA LEU D 22 3.21 -33.21 -28.66
C LEU D 22 2.68 -33.54 -27.26
N LEU D 23 1.47 -33.08 -26.95
CA LEU D 23 0.94 -33.32 -25.61
C LEU D 23 0.27 -34.68 -25.45
N ASP D 24 0.11 -35.44 -26.54
CA ASP D 24 -0.48 -36.77 -26.45
C ASP D 24 0.53 -37.73 -25.84
N GLY D 25 0.25 -38.20 -24.63
CA GLY D 25 1.17 -39.08 -23.93
C GLY D 25 2.31 -38.36 -23.26
N TYR D 26 2.05 -37.19 -22.69
CA TYR D 26 3.05 -36.39 -21.99
C TYR D 26 2.70 -36.34 -20.52
N ASP D 27 3.69 -36.57 -19.67
CA ASP D 27 3.53 -36.54 -18.22
C ASP D 27 4.37 -35.42 -17.65
N ASN D 28 3.72 -34.35 -17.21
CA ASN D 28 4.44 -33.19 -16.69
C ASN D 28 4.89 -33.38 -15.24
N ARG D 29 4.78 -34.57 -14.69
CA ARG D 29 5.30 -34.84 -13.36
C ARG D 29 6.67 -35.48 -13.42
N LEU D 30 7.20 -35.72 -14.61
CA LEU D 30 8.47 -36.38 -14.81
C LEU D 30 9.40 -35.41 -15.51
N ARG D 31 10.57 -35.19 -14.93
CA ARG D 31 11.53 -34.31 -15.56
C ARG D 31 12.07 -34.94 -16.83
N PRO D 32 12.51 -34.14 -17.79
CA PRO D 32 13.07 -34.70 -19.02
C PRO D 32 14.35 -35.49 -18.75
N GLY D 33 14.38 -36.72 -19.24
CA GLY D 33 15.48 -37.63 -18.99
C GLY D 33 15.51 -38.09 -17.55
N LEU D 34 14.44 -38.75 -17.12
CA LEU D 34 14.33 -39.16 -15.72
C LEU D 34 15.24 -40.34 -15.40
N GLY D 35 15.50 -41.21 -16.36
CA GLY D 35 16.24 -42.42 -16.06
C GLY D 35 17.73 -42.29 -16.29
N GLU D 36 18.13 -41.79 -17.46
CA GLU D 36 19.51 -41.89 -17.90
C GLU D 36 20.17 -40.53 -18.10
N ARG D 37 19.69 -39.49 -17.44
CA ARG D 37 20.24 -38.15 -17.68
C ARG D 37 19.96 -37.27 -16.48
N VAL D 38 20.79 -36.25 -16.34
CA VAL D 38 20.61 -35.18 -15.36
C VAL D 38 20.20 -33.93 -16.12
N THR D 39 19.04 -33.37 -15.77
CA THR D 39 18.53 -32.22 -16.50
C THR D 39 19.45 -31.02 -16.29
N GLU D 40 19.71 -30.30 -17.39
CA GLU D 40 20.63 -29.17 -17.40
C GLU D 40 19.84 -27.90 -17.75
N VAL D 41 19.57 -27.07 -16.76
CA VAL D 41 18.81 -25.84 -16.93
C VAL D 41 19.81 -24.70 -17.11
N LYS D 42 19.86 -24.11 -18.29
CA LYS D 42 20.75 -23.00 -18.59
C LYS D 42 20.01 -21.70 -18.33
N THR D 43 20.30 -21.05 -17.20
CA THR D 43 19.59 -19.86 -16.81
C THR D 43 20.28 -18.59 -17.31
N ASP D 44 19.64 -17.46 -17.04
CA ASP D 44 20.07 -16.15 -17.52
C ASP D 44 19.16 -15.10 -16.88
N ILE D 45 19.68 -13.89 -16.74
CA ILE D 45 18.92 -12.82 -16.10
C ILE D 45 19.15 -11.52 -16.86
N PHE D 46 18.10 -10.74 -17.01
CA PHE D 46 18.19 -9.39 -17.56
C PHE D 46 17.45 -8.44 -16.62
N VAL D 47 18.22 -7.65 -15.86
CA VAL D 47 17.68 -6.77 -14.83
C VAL D 47 17.14 -5.53 -15.52
N THR D 48 15.81 -5.43 -15.65
CA THR D 48 15.22 -4.27 -16.30
C THR D 48 15.30 -3.03 -15.41
N SER D 49 15.32 -3.19 -14.10
CA SER D 49 15.39 -2.04 -13.21
C SER D 49 15.80 -2.50 -11.81
N PHE D 50 16.93 -1.99 -11.31
CA PHE D 50 17.36 -2.25 -9.94
C PHE D 50 16.62 -1.34 -8.99
N GLY D 51 15.65 -1.92 -8.26
CA GLY D 51 14.76 -1.16 -7.44
C GLY D 51 15.44 -0.49 -6.27
N PRO D 52 14.65 0.27 -5.51
CA PRO D 52 15.21 1.01 -4.37
C PRO D 52 15.60 0.09 -3.22
N VAL D 53 16.83 0.26 -2.75
CA VAL D 53 17.36 -0.54 -1.63
C VAL D 53 16.76 0.00 -0.34
N SER D 54 15.80 -0.71 0.23
CA SER D 54 15.22 -0.31 1.50
C SER D 54 16.24 -0.58 2.61
N ASP D 55 16.74 0.50 3.23
CA ASP D 55 17.72 0.33 4.29
C ASP D 55 17.08 -0.08 5.60
N HIS D 56 15.83 0.33 5.83
CA HIS D 56 15.15 -0.02 7.07
C HIS D 56 14.90 -1.52 7.15
N ASP D 57 14.35 -2.10 6.08
CA ASP D 57 14.03 -3.52 6.06
C ASP D 57 15.22 -4.38 5.64
N MET D 58 16.36 -3.78 5.31
CA MET D 58 17.52 -4.52 4.81
C MET D 58 17.16 -5.39 3.60
N GLU D 59 16.25 -4.88 2.77
CA GLU D 59 15.85 -5.56 1.55
C GLU D 59 16.21 -4.70 0.34
N TYR D 60 15.93 -5.24 -0.84
CA TYR D 60 16.05 -4.49 -2.08
C TYR D 60 15.17 -5.15 -3.13
N THR D 61 14.60 -4.33 -4.00
CA THR D 61 13.71 -4.78 -5.06
C THR D 61 14.47 -4.82 -6.39
N ILE D 62 14.12 -5.79 -7.23
CA ILE D 62 14.77 -5.92 -8.53
C ILE D 62 13.78 -6.55 -9.50
N ASP D 63 13.62 -5.92 -10.67
CA ASP D 63 12.69 -6.37 -11.70
C ASP D 63 13.47 -7.06 -12.82
N VAL D 64 13.22 -8.34 -13.04
CA VAL D 64 14.05 -9.16 -13.92
C VAL D 64 13.23 -9.83 -15.02
N PHE D 65 13.95 -10.24 -16.06
CA PHE D 65 13.50 -11.16 -17.10
C PHE D 65 14.25 -12.46 -16.83
N PHE D 66 13.65 -13.33 -16.03
CA PHE D 66 14.29 -14.59 -15.65
C PHE D 66 14.13 -15.61 -16.77
N ARG D 67 15.22 -15.94 -17.46
CA ARG D 67 15.20 -16.88 -18.58
C ARG D 67 15.77 -18.22 -18.17
N GLN D 68 15.10 -19.30 -18.61
CA GLN D 68 15.60 -20.65 -18.43
C GLN D 68 15.45 -21.41 -19.74
N SER D 69 16.24 -22.46 -19.91
CA SER D 69 16.24 -23.21 -21.16
C SER D 69 16.82 -24.59 -20.89
N TRP D 70 15.99 -25.63 -21.00
CA TRP D 70 16.41 -27.01 -20.88
C TRP D 70 16.14 -27.74 -22.19
N LYS D 71 16.54 -29.00 -22.23
CA LYS D 71 16.39 -29.86 -23.40
C LYS D 71 15.38 -30.96 -23.08
N ASP D 72 14.21 -30.91 -23.69
CA ASP D 72 13.18 -31.95 -23.56
C ASP D 72 13.10 -32.72 -24.86
N GLU D 73 13.45 -34.00 -24.82
CA GLU D 73 13.41 -34.85 -26.00
C GLU D 73 12.00 -35.34 -26.33
N ARG D 74 11.04 -35.15 -25.43
CA ARG D 74 9.66 -35.55 -25.67
C ARG D 74 8.87 -34.48 -26.40
N LEU D 75 9.52 -33.40 -26.81
CA LEU D 75 8.86 -32.29 -27.50
C LEU D 75 9.57 -32.00 -28.81
N LYS D 76 9.91 -33.06 -29.54
CA LYS D 76 10.47 -32.93 -30.87
C LYS D 76 9.33 -32.99 -31.88
N PHE D 77 9.38 -32.10 -32.87
CA PHE D 77 8.37 -32.09 -33.91
C PHE D 77 9.04 -31.90 -35.26
N LYS D 78 8.24 -31.95 -36.31
CA LYS D 78 8.73 -31.79 -37.67
C LYS D 78 7.58 -31.19 -38.48
N GLY D 79 7.64 -29.87 -38.70
CA GLY D 79 6.61 -29.19 -39.43
C GLY D 79 7.19 -28.09 -40.31
N PRO D 80 6.33 -27.20 -40.79
CA PRO D 80 6.84 -26.11 -41.64
C PRO D 80 7.70 -25.12 -40.89
N MET D 81 7.35 -24.80 -39.64
CA MET D 81 8.10 -23.85 -38.85
C MET D 81 9.18 -24.57 -38.05
N THR D 82 10.23 -23.82 -37.71
CA THR D 82 11.32 -24.35 -36.90
C THR D 82 11.06 -24.14 -35.42
N VAL D 83 10.74 -22.92 -35.02
CA VAL D 83 10.51 -22.56 -33.63
C VAL D 83 9.03 -22.26 -33.46
N LEU D 84 8.40 -22.93 -32.49
CA LEU D 84 7.00 -22.68 -32.14
C LEU D 84 6.97 -21.65 -31.03
N ARG D 85 6.65 -20.40 -31.37
CA ARG D 85 6.46 -19.36 -30.37
C ARG D 85 5.04 -19.46 -29.83
N LEU D 86 4.87 -20.31 -28.82
CA LEU D 86 3.57 -20.65 -28.29
C LEU D 86 3.10 -19.66 -27.23
N ASN D 87 1.89 -19.87 -26.76
CA ASN D 87 1.29 -19.04 -25.72
C ASN D 87 1.81 -19.46 -24.35
N ASN D 88 1.64 -18.59 -23.37
CA ASN D 88 2.15 -18.89 -22.04
C ASN D 88 1.32 -19.93 -21.31
N LEU D 89 0.19 -20.37 -21.87
CA LEU D 89 -0.62 -21.38 -21.23
C LEU D 89 -0.20 -22.78 -21.61
N MET D 90 0.63 -22.94 -22.65
CA MET D 90 1.21 -24.23 -22.94
C MET D 90 2.28 -24.60 -21.91
N ALA D 91 2.89 -23.60 -21.28
CA ALA D 91 3.94 -23.85 -20.30
C ALA D 91 3.44 -24.54 -19.05
N SER D 92 2.13 -24.61 -18.86
CA SER D 92 1.55 -25.26 -17.68
C SER D 92 1.21 -26.72 -17.93
N LYS D 93 1.27 -27.18 -19.18
CA LYS D 93 1.02 -28.57 -19.51
C LYS D 93 2.29 -29.37 -19.69
N ILE D 94 3.45 -28.74 -19.59
CA ILE D 94 4.73 -29.44 -19.68
C ILE D 94 5.49 -29.28 -18.38
N TRP D 95 6.66 -29.92 -18.29
CA TRP D 95 7.49 -29.83 -17.11
C TRP D 95 8.38 -28.59 -17.17
N THR D 96 8.34 -27.79 -16.11
CA THR D 96 9.14 -26.58 -16.01
C THR D 96 9.85 -26.59 -14.65
N PRO D 97 11.13 -26.26 -14.59
CA PRO D 97 11.85 -26.35 -13.32
C PRO D 97 11.28 -25.41 -12.26
N ASP D 98 11.34 -25.85 -11.01
CA ASP D 98 10.74 -25.11 -9.90
C ASP D 98 11.79 -24.25 -9.19
N THR D 99 12.41 -23.35 -9.95
CA THR D 99 13.42 -22.45 -9.41
C THR D 99 12.80 -21.51 -8.38
N PHE D 100 13.34 -21.52 -7.17
CA PHE D 100 12.95 -20.60 -6.12
C PHE D 100 14.16 -19.79 -5.64
N PHE D 101 13.90 -18.59 -5.15
CA PHE D 101 14.97 -17.69 -4.70
C PHE D 101 15.23 -17.91 -3.20
N HIS D 102 16.48 -18.25 -2.87
CA HIS D 102 16.78 -18.70 -1.52
C HIS D 102 16.56 -17.62 -0.48
N ASN D 103 16.66 -16.35 -0.89
CA ASN D 103 16.52 -15.24 0.03
C ASN D 103 15.41 -14.28 -0.36
N GLY D 104 14.65 -14.57 -1.41
CA GLY D 104 13.53 -13.71 -1.75
C GLY D 104 12.50 -13.72 -0.64
N LYS D 105 11.93 -12.54 -0.37
CA LYS D 105 10.92 -12.41 0.68
C LYS D 105 9.51 -12.50 0.12
N LYS D 106 9.13 -11.58 -0.76
CA LYS D 106 7.79 -11.58 -1.36
C LYS D 106 7.95 -11.21 -2.84
N SER D 107 8.09 -12.23 -3.68
CA SER D 107 8.22 -12.04 -5.11
C SER D 107 6.85 -12.12 -5.77
N VAL D 108 6.63 -11.31 -6.79
CA VAL D 108 5.38 -11.32 -7.54
C VAL D 108 5.69 -11.61 -9.00
N ALA D 109 4.83 -12.40 -9.64
CA ALA D 109 4.87 -12.66 -11.06
C ALA D 109 3.74 -11.87 -11.70
N HIS D 110 4.07 -11.04 -12.69
CA HIS D 110 3.12 -10.07 -13.19
C HIS D 110 2.09 -10.73 -14.08
N ASN D 111 0.84 -10.28 -13.95
CA ASN D 111 -0.30 -10.80 -14.69
C ASN D 111 -1.06 -9.68 -15.38
N MET D 112 -0.33 -8.76 -16.00
CA MET D 112 -0.93 -7.61 -16.68
C MET D 112 -0.35 -7.53 -18.10
N THR D 113 -1.20 -7.64 -19.12
CA THR D 113 -2.64 -7.88 -19.03
C THR D 113 -2.91 -9.37 -19.06
N MET D 114 -1.97 -10.11 -19.60
CA MET D 114 -1.94 -11.56 -19.58
C MET D 114 -0.69 -12.01 -18.83
N PRO D 115 -0.60 -13.26 -18.43
CA PRO D 115 0.60 -13.73 -17.72
C PRO D 115 1.87 -13.40 -18.48
N ASN D 116 2.77 -12.65 -17.85
CA ASN D 116 4.00 -12.20 -18.50
C ASN D 116 4.95 -13.39 -18.54
N LYS D 117 4.68 -14.31 -19.47
CA LYS D 117 5.54 -15.47 -19.67
C LYS D 117 5.73 -15.70 -21.15
N LEU D 118 6.59 -16.67 -21.46
CA LEU D 118 6.95 -16.96 -22.85
C LEU D 118 7.40 -18.40 -22.93
N LEU D 119 7.18 -19.02 -24.08
CA LEU D 119 7.59 -20.40 -24.32
C LEU D 119 7.86 -20.58 -25.80
N ARG D 120 9.09 -20.93 -26.15
CA ARG D 120 9.49 -21.23 -27.51
C ARG D 120 10.04 -22.64 -27.57
N ILE D 121 9.32 -23.54 -28.24
CA ILE D 121 9.74 -24.93 -28.40
C ILE D 121 10.48 -25.06 -29.73
N THR D 122 11.80 -25.20 -29.67
CA THR D 122 12.55 -25.47 -30.90
C THR D 122 12.24 -26.87 -31.41
N GLU D 123 12.50 -27.09 -32.70
CA GLU D 123 12.12 -28.34 -33.34
C GLU D 123 12.90 -29.54 -32.81
N ASP D 124 14.06 -29.32 -32.21
CA ASP D 124 14.87 -30.40 -31.68
C ASP D 124 14.64 -30.65 -30.19
N GLY D 125 13.64 -30.00 -29.59
CA GLY D 125 13.30 -30.20 -28.21
C GLY D 125 13.81 -29.13 -27.25
N THR D 126 14.69 -28.25 -27.70
CA THR D 126 15.26 -27.23 -26.84
C THR D 126 14.21 -26.19 -26.46
N LEU D 127 13.83 -26.15 -25.19
CA LEU D 127 12.82 -25.22 -24.73
C LEU D 127 13.45 -23.90 -24.30
N LEU D 128 12.60 -22.87 -24.19
CA LEU D 128 13.01 -21.57 -23.69
C LEU D 128 11.82 -20.95 -22.99
N TYR D 129 12.00 -20.56 -21.74
CA TYR D 129 10.87 -20.18 -20.88
C TYR D 129 11.30 -19.00 -20.03
N THR D 130 10.81 -17.81 -20.36
CA THR D 130 11.15 -16.59 -19.63
C THR D 130 9.94 -16.08 -18.86
N MET D 131 10.21 -15.48 -17.70
CA MET D 131 9.20 -14.86 -16.87
C MET D 131 9.62 -13.45 -16.52
N ARG D 132 8.66 -12.63 -16.14
CA ARG D 132 8.91 -11.27 -15.67
C ARG D 132 8.57 -11.21 -14.19
N LEU D 133 9.60 -11.09 -13.35
CA LEU D 133 9.46 -11.14 -11.91
C LEU D 133 9.82 -9.81 -11.27
N THR D 134 9.40 -9.66 -10.01
CA THR D 134 9.76 -8.52 -9.16
C THR D 134 10.17 -9.11 -7.81
N VAL D 135 11.44 -9.41 -7.67
CA VAL D 135 11.97 -10.09 -6.50
C VAL D 135 12.34 -9.08 -5.43
N ARG D 136 11.86 -9.29 -4.22
CA ARG D 136 12.20 -8.48 -3.05
C ARG D 136 13.11 -9.31 -2.15
N ALA D 137 14.40 -9.28 -2.44
CA ALA D 137 15.35 -10.14 -1.74
C ALA D 137 15.89 -9.45 -0.48
N GLU D 138 16.60 -10.23 0.33
CA GLU D 138 17.21 -9.75 1.56
C GLU D 138 18.67 -9.41 1.31
N CYS D 139 19.10 -8.26 1.81
CA CYS D 139 20.48 -7.80 1.66
C CYS D 139 21.01 -7.47 3.05
N PRO D 140 21.60 -8.43 3.75
CA PRO D 140 22.15 -8.13 5.08
C PRO D 140 23.26 -7.09 4.98
N MET D 141 23.18 -6.06 5.81
CA MET D 141 24.06 -4.91 5.74
C MET D 141 24.85 -4.78 7.03
N HIS D 142 26.12 -4.44 6.89
CA HIS D 142 27.00 -4.15 8.02
C HIS D 142 27.20 -2.63 8.02
N LEU D 143 26.36 -1.95 8.80
CA LEU D 143 26.35 -0.49 8.86
C LEU D 143 27.36 0.03 9.88
N GLU D 144 28.62 -0.35 9.70
CA GLU D 144 29.67 0.14 10.58
C GLU D 144 30.42 1.32 10.01
N ASP D 145 30.22 1.65 8.73
CA ASP D 145 30.78 2.85 8.12
C ASP D 145 29.70 3.82 7.67
N PHE D 146 28.50 3.71 8.24
CA PHE D 146 27.41 4.59 7.83
C PHE D 146 27.83 6.05 8.01
N PRO D 147 27.64 6.90 6.99
CA PRO D 147 27.04 6.65 5.68
C PRO D 147 28.06 6.51 4.56
N MET D 148 29.25 6.01 4.88
CA MET D 148 30.30 5.77 3.91
C MET D 148 30.50 4.28 3.66
N ASP D 149 29.42 3.51 3.68
CA ASP D 149 29.49 2.06 3.59
C ASP D 149 29.24 1.58 2.16
N ALA D 150 29.70 0.36 1.89
CA ALA D 150 29.49 -0.32 0.62
C ALA D 150 28.99 -1.73 0.90
N HIS D 151 27.99 -2.17 0.14
CA HIS D 151 27.36 -3.46 0.36
C HIS D 151 27.46 -4.34 -0.88
N ALA D 152 27.19 -5.63 -0.68
CA ALA D 152 27.16 -6.63 -1.75
C ALA D 152 25.87 -7.44 -1.57
N CYS D 153 24.80 -6.98 -2.20
CA CYS D 153 23.49 -7.59 -2.03
C CYS D 153 23.38 -8.87 -2.84
N PRO D 154 23.17 -10.03 -2.21
CA PRO D 154 23.15 -11.29 -2.96
C PRO D 154 21.78 -11.58 -3.55
N LEU D 155 21.78 -12.55 -4.48
CA LEU D 155 20.54 -13.07 -5.07
C LEU D 155 20.79 -14.55 -5.40
N LYS D 156 20.43 -15.42 -4.47
CA LYS D 156 20.64 -16.85 -4.60
C LYS D 156 19.37 -17.55 -5.04
N PHE D 157 19.45 -18.32 -6.11
CA PHE D 157 18.32 -19.10 -6.58
C PHE D 157 18.76 -20.52 -6.88
N GLY D 158 17.92 -21.48 -6.52
CA GLY D 158 18.20 -22.88 -6.77
C GLY D 158 16.93 -23.62 -7.07
N SER D 159 16.98 -24.95 -7.02
CA SER D 159 15.81 -25.77 -7.28
C SER D 159 15.21 -26.26 -5.98
N TYR D 160 13.90 -26.48 -6.02
CA TYR D 160 13.17 -27.07 -4.93
C TYR D 160 12.77 -28.48 -5.35
N ALA D 161 12.94 -29.44 -4.46
CA ALA D 161 12.56 -30.83 -4.69
C ALA D 161 13.45 -31.56 -5.68
N TYR D 162 14.46 -30.93 -6.27
CA TYR D 162 15.34 -31.59 -7.22
C TYR D 162 16.77 -31.39 -6.78
N THR D 163 17.43 -32.48 -6.37
CA THR D 163 18.78 -32.38 -5.83
C THR D 163 19.77 -32.22 -6.98
N ARG D 164 21.05 -32.37 -6.66
CA ARG D 164 22.09 -32.16 -7.66
C ARG D 164 22.21 -33.33 -8.62
N ALA D 165 21.81 -34.52 -8.19
CA ALA D 165 21.84 -35.69 -9.07
C ALA D 165 20.74 -35.66 -10.12
N GLU D 166 19.83 -34.70 -10.05
CA GLU D 166 18.70 -34.63 -10.97
C GLU D 166 18.70 -33.36 -11.82
N VAL D 167 18.81 -32.19 -11.22
CA VAL D 167 18.75 -30.92 -11.93
C VAL D 167 19.97 -30.09 -11.55
N VAL D 168 20.84 -29.82 -12.51
CA VAL D 168 22.00 -28.96 -12.33
C VAL D 168 21.76 -27.67 -13.11
N TYR D 169 22.09 -26.54 -12.50
CA TYR D 169 21.93 -25.25 -13.14
C TYR D 169 23.25 -24.78 -13.71
N GLU D 170 23.18 -23.95 -14.74
CA GLU D 170 24.38 -23.40 -15.37
C GLU D 170 24.01 -22.13 -16.10
N TRP D 171 24.96 -21.21 -16.15
CA TRP D 171 24.73 -19.98 -16.90
C TRP D 171 24.76 -20.27 -18.39
N THR D 172 24.02 -19.47 -19.15
CA THR D 172 23.85 -19.75 -20.57
C THR D 172 24.94 -19.14 -21.43
N ARG D 173 25.53 -18.03 -20.99
CA ARG D 173 26.69 -17.42 -21.60
C ARG D 173 27.86 -17.51 -20.64
N GLU D 174 28.97 -16.91 -21.01
CA GLU D 174 30.09 -16.82 -20.10
C GLU D 174 29.61 -16.22 -18.78
N PRO D 175 29.92 -16.83 -17.64
CA PRO D 175 29.35 -16.35 -16.37
C PRO D 175 29.47 -14.86 -16.16
N ALA D 176 30.47 -14.21 -16.75
CA ALA D 176 30.60 -12.77 -16.60
C ALA D 176 29.56 -12.00 -17.43
N ARG D 177 28.94 -12.65 -18.40
CA ARG D 177 28.02 -11.98 -19.31
C ARG D 177 26.59 -12.50 -19.19
N SER D 178 26.26 -13.24 -18.13
CA SER D 178 24.92 -13.79 -18.00
C SER D 178 23.96 -12.78 -17.39
N VAL D 179 24.28 -12.28 -16.20
CA VAL D 179 23.45 -11.26 -15.56
C VAL D 179 23.77 -9.92 -16.21
N VAL D 180 22.82 -9.39 -16.97
CA VAL D 180 22.95 -8.11 -17.66
C VAL D 180 21.99 -7.12 -17.00
N VAL D 181 22.45 -5.87 -16.86
CA VAL D 181 21.63 -4.80 -16.30
C VAL D 181 21.38 -3.76 -17.37
N ALA D 182 20.12 -3.37 -17.52
CA ALA D 182 19.76 -2.34 -18.49
C ALA D 182 20.42 -1.02 -18.14
N GLU D 183 20.66 -0.20 -19.16
CA GLU D 183 21.33 1.08 -18.95
C GLU D 183 20.48 2.03 -18.13
N ASP D 184 19.25 2.27 -18.57
CA ASP D 184 18.33 3.16 -17.88
C ASP D 184 17.61 2.51 -16.71
N GLY D 185 17.86 1.23 -16.43
CA GLY D 185 17.19 0.56 -15.34
C GLY D 185 17.89 0.75 -14.01
N SER D 186 17.74 1.95 -13.42
CA SER D 186 18.32 2.24 -12.11
C SER D 186 17.33 3.10 -11.34
N ARG D 187 16.49 2.45 -10.54
CA ARG D 187 15.61 3.16 -9.62
C ARG D 187 16.31 3.51 -8.31
N LEU D 188 17.63 3.39 -8.24
CA LEU D 188 18.39 3.74 -7.05
C LEU D 188 18.55 5.24 -6.95
N ASN D 189 17.96 5.83 -5.91
CA ASN D 189 18.16 7.26 -5.65
C ASN D 189 19.23 7.52 -4.60
N GLN D 190 19.49 6.57 -3.70
CA GLN D 190 20.43 6.75 -2.61
C GLN D 190 21.77 6.05 -2.86
N TYR D 191 21.76 4.87 -3.45
CA TYR D 191 22.96 4.09 -3.66
C TYR D 191 23.50 4.31 -5.06
N ASP D 192 24.49 3.49 -5.44
CA ASP D 192 25.12 3.59 -6.75
C ASP D 192 25.61 2.20 -7.13
N LEU D 193 24.97 1.58 -8.12
CA LEU D 193 25.30 0.22 -8.51
C LEU D 193 26.65 0.21 -9.23
N LEU D 194 27.58 -0.59 -8.75
CA LEU D 194 28.92 -0.67 -9.31
C LEU D 194 29.06 -1.79 -10.34
N GLY D 195 28.69 -3.01 -9.99
CA GLY D 195 28.80 -4.12 -10.91
C GLY D 195 28.23 -5.38 -10.29
N GLN D 196 27.94 -6.34 -11.16
CA GLN D 196 27.45 -7.64 -10.73
C GLN D 196 28.61 -8.62 -10.59
N THR D 197 28.31 -9.76 -9.97
CA THR D 197 29.32 -10.81 -9.77
C THR D 197 28.58 -12.12 -9.51
N VAL D 198 28.71 -13.08 -10.42
CA VAL D 198 27.98 -14.33 -10.31
C VAL D 198 28.90 -15.42 -9.78
N ASP D 199 28.30 -16.51 -9.32
CA ASP D 199 29.05 -17.65 -8.80
C ASP D 199 28.09 -18.82 -8.68
N SER D 200 28.65 -20.03 -8.71
CA SER D 200 27.86 -21.26 -8.61
C SER D 200 28.47 -22.20 -7.59
N GLY D 201 27.65 -22.66 -6.65
CA GLY D 201 28.12 -23.61 -5.66
C GLY D 201 27.14 -24.74 -5.37
N ILE D 202 27.41 -25.49 -4.30
CA ILE D 202 26.59 -26.63 -3.91
C ILE D 202 26.42 -26.58 -2.41
N VAL D 203 25.18 -26.54 -1.94
CA VAL D 203 24.89 -26.51 -0.51
C VAL D 203 24.40 -27.89 -0.08
N GLN D 204 24.93 -28.37 1.04
CA GLN D 204 24.39 -29.58 1.63
C GLN D 204 23.13 -29.25 2.42
N SER D 205 22.36 -30.26 2.73
CA SER D 205 21.14 -30.05 3.50
C SER D 205 20.74 -31.33 4.20
N SER D 206 19.59 -31.28 4.88
CA SER D 206 19.01 -32.47 5.47
C SER D 206 18.25 -33.32 4.45
N THR D 207 17.86 -32.75 3.32
CA THR D 207 17.12 -33.47 2.29
C THR D 207 18.02 -33.93 1.15
N GLY D 208 19.04 -33.15 0.79
CA GLY D 208 19.94 -33.57 -0.27
C GLY D 208 20.95 -32.50 -0.57
N GLU D 209 21.65 -32.69 -1.68
CA GLU D 209 22.64 -31.73 -2.16
C GLU D 209 22.02 -30.95 -3.30
N TYR D 210 21.99 -29.64 -3.18
CA TYR D 210 21.36 -28.78 -4.17
C TYR D 210 22.37 -27.83 -4.78
N VAL D 211 22.18 -27.52 -6.05
CA VAL D 211 22.99 -26.55 -6.77
C VAL D 211 22.41 -25.17 -6.51
N VAL D 212 23.27 -24.20 -6.18
CA VAL D 212 22.84 -22.86 -5.80
C VAL D 212 23.62 -21.87 -6.64
N MET D 213 22.92 -21.04 -7.39
CA MET D 213 23.52 -19.98 -8.18
C MET D 213 23.39 -18.66 -7.44
N THR D 214 24.49 -17.92 -7.35
CA THR D 214 24.55 -16.70 -6.57
C THR D 214 24.91 -15.51 -7.46
N THR D 215 24.40 -14.35 -7.09
CA THR D 215 24.66 -13.12 -7.83
C THR D 215 24.72 -11.95 -6.85
N HIS D 216 25.88 -11.33 -6.72
CA HIS D 216 26.04 -10.17 -5.85
C HIS D 216 26.04 -8.89 -6.68
N PHE D 217 25.20 -7.95 -6.27
CA PHE D 217 25.19 -6.59 -6.83
C PHE D 217 25.92 -5.68 -5.85
N HIS D 218 27.06 -5.17 -6.26
CA HIS D 218 27.85 -4.29 -5.40
C HIS D 218 27.30 -2.88 -5.44
N LEU D 219 27.08 -2.31 -4.25
CA LEU D 219 26.54 -0.97 -4.11
C LEU D 219 27.54 -0.06 -3.41
N LYS D 220 27.20 1.23 -3.38
CA LYS D 220 28.06 2.24 -2.77
C LYS D 220 27.17 3.43 -2.42
N ARG D 221 27.01 3.70 -1.14
CA ARG D 221 26.07 4.73 -0.71
C ARG D 221 26.58 6.11 -1.11
N LYS D 222 25.63 6.99 -1.45
CA LYS D 222 25.92 8.37 -1.77
C LYS D 222 25.78 9.21 -0.51
N ILE D 223 26.82 10.00 -0.20
CA ILE D 223 26.88 10.71 1.07
C ILE D 223 26.28 12.11 1.02
N GLY D 224 25.78 12.55 -0.13
CA GLY D 224 25.35 13.95 -0.24
C GLY D 224 24.24 14.32 0.72
N TYR D 225 23.24 13.45 0.85
CA TYR D 225 22.07 13.81 1.64
C TYR D 225 22.40 13.83 3.13
N PHE D 226 23.17 12.84 3.59
CA PHE D 226 23.60 12.83 4.97
C PHE D 226 24.51 14.01 5.28
N VAL D 227 25.42 14.35 4.38
CA VAL D 227 26.20 15.58 4.59
C VAL D 227 25.24 16.73 4.85
N ILE D 228 24.35 16.97 3.88
CA ILE D 228 23.52 18.18 3.91
C ILE D 228 22.68 18.23 5.18
N GLN D 229 22.19 17.09 5.66
CA GLN D 229 21.19 17.13 6.72
C GLN D 229 21.72 16.77 8.10
N THR D 230 22.94 16.25 8.21
CA THR D 230 23.54 15.99 9.52
C THR D 230 24.84 16.73 9.72
N TYR D 231 25.79 16.61 8.78
CA TYR D 231 27.13 17.13 9.05
C TYR D 231 27.16 18.65 9.01
N LEU D 232 26.40 19.26 8.10
CA LEU D 232 26.34 20.72 8.10
C LEU D 232 25.65 21.26 9.35
N PRO D 233 24.48 20.75 9.75
CA PRO D 233 23.90 21.26 11.00
C PRO D 233 24.77 21.02 12.22
N CYS D 234 25.45 19.89 12.31
CA CYS D 234 26.33 19.65 13.45
C CYS D 234 27.47 20.66 13.47
N ILE D 235 28.13 20.86 12.34
CA ILE D 235 29.27 21.77 12.26
C ILE D 235 28.82 23.20 12.54
N MET D 236 27.64 23.57 12.03
CA MET D 236 27.14 24.92 12.26
C MET D 236 26.78 25.12 13.72
N THR D 237 26.14 24.14 14.35
CA THR D 237 25.89 24.23 15.78
C THR D 237 27.17 24.40 16.56
N VAL D 238 28.22 23.63 16.22
CA VAL D 238 29.48 23.76 16.93
C VAL D 238 30.05 25.17 16.76
N ILE D 239 29.97 25.72 15.55
CA ILE D 239 30.47 27.07 15.32
C ILE D 239 29.67 28.08 16.14
N LEU D 240 28.34 28.00 16.04
CA LEU D 240 27.47 28.86 16.85
C LEU D 240 27.78 28.74 18.32
N SER D 241 28.24 27.57 18.78
CA SER D 241 28.58 27.42 20.18
C SER D 241 29.88 28.14 20.49
N GLN D 242 30.89 27.96 19.65
CA GLN D 242 32.16 28.65 19.86
C GLN D 242 32.02 30.16 19.67
N VAL D 243 30.91 30.63 19.11
CA VAL D 243 30.69 32.08 19.03
C VAL D 243 30.60 32.67 20.43
N SER D 244 30.17 31.88 21.41
CA SER D 244 29.98 32.36 22.77
C SER D 244 31.27 32.77 23.46
N PHE D 245 32.44 32.60 22.83
CA PHE D 245 33.69 32.97 23.48
C PHE D 245 34.09 34.41 23.21
N TRP D 246 33.61 34.99 22.12
CA TRP D 246 33.95 36.35 21.75
C TRP D 246 33.03 37.38 22.40
N LEU D 247 31.96 36.93 23.05
CA LEU D 247 31.13 37.85 23.81
C LEU D 247 31.83 38.26 25.10
N ASN D 248 31.53 39.47 25.55
CA ASN D 248 32.18 39.98 26.75
C ASN D 248 31.68 39.22 27.98
N ARG D 249 32.47 39.32 29.06
CA ARG D 249 32.13 38.57 30.27
C ARG D 249 31.00 39.22 31.05
N GLU D 250 30.60 40.44 30.71
CA GLU D 250 29.54 41.10 31.45
C GLU D 250 28.15 40.58 31.05
N SER D 251 28.01 40.09 29.82
CA SER D 251 26.74 39.58 29.33
C SER D 251 26.67 38.10 29.64
N VAL D 252 26.13 37.76 30.80
CA VAL D 252 26.04 36.37 31.26
C VAL D 252 24.87 35.68 30.57
N PRO D 253 23.68 36.30 30.53
CA PRO D 253 22.54 35.61 29.93
C PRO D 253 22.76 35.23 28.48
N ALA D 254 23.47 36.05 27.72
CA ALA D 254 23.71 35.73 26.31
C ALA D 254 24.49 34.44 26.18
N ARG D 255 25.62 34.33 26.90
CA ARG D 255 26.42 33.12 26.81
C ARG D 255 25.68 31.91 27.36
N THR D 256 24.87 32.11 28.41
CA THR D 256 24.08 30.99 28.92
C THR D 256 23.11 30.49 27.86
N VAL D 257 22.43 31.41 27.18
CA VAL D 257 21.51 31.02 26.12
C VAL D 257 22.27 30.29 25.01
N PHE D 258 23.40 30.83 24.59
CA PHE D 258 24.20 30.16 23.58
C PHE D 258 24.47 28.71 23.97
N GLY D 259 25.03 28.51 25.15
CA GLY D 259 25.38 27.16 25.57
C GLY D 259 24.19 26.23 25.61
N VAL D 260 23.12 26.66 26.27
CA VAL D 260 21.98 25.76 26.47
C VAL D 260 21.34 25.41 25.14
N THR D 261 21.11 26.42 24.29
CA THR D 261 20.45 26.15 23.02
C THR D 261 21.33 25.29 22.11
N THR D 262 22.65 25.44 22.17
CA THR D 262 23.49 24.58 21.36
C THR D 262 23.45 23.14 21.85
N VAL D 263 23.41 22.93 23.16
CA VAL D 263 23.31 21.57 23.67
C VAL D 263 21.98 20.95 23.26
N LEU D 264 20.90 21.73 23.35
CA LEU D 264 19.59 21.21 22.93
C LEU D 264 19.58 20.87 21.45
N THR D 265 20.17 21.74 20.62
CA THR D 265 20.22 21.49 19.20
C THR D 265 21.00 20.23 18.88
N MET D 266 22.12 20.02 19.58
CA MET D 266 22.89 18.81 19.34
C MET D 266 22.11 17.56 19.76
N THR D 267 21.39 17.64 20.87
CA THR D 267 20.58 16.50 21.29
C THR D 267 19.55 16.15 20.23
N THR D 268 18.78 17.15 19.78
CA THR D 268 17.75 16.85 18.78
C THR D 268 18.36 16.39 17.46
N LEU D 269 19.55 16.89 17.12
CA LEU D 269 20.23 16.43 15.92
C LEU D 269 20.63 14.97 16.05
N SER D 270 21.16 14.57 17.20
CA SER D 270 21.49 13.17 17.40
C SER D 270 20.26 12.29 17.26
N ILE D 271 19.14 12.73 17.83
CA ILE D 271 17.92 11.94 17.76
C ILE D 271 17.46 11.79 16.31
N SER D 272 17.43 12.91 15.58
CA SER D 272 16.96 12.85 14.20
C SER D 272 17.92 12.10 13.29
N ALA D 273 19.21 12.06 13.64
CA ALA D 273 20.18 11.34 12.83
C ALA D 273 20.11 9.84 13.08
N ARG D 274 19.74 9.43 14.29
CA ARG D 274 19.67 8.01 14.58
C ARG D 274 18.38 7.37 14.07
N ASN D 275 17.36 8.17 13.76
CA ASN D 275 16.08 7.63 13.31
C ASN D 275 16.15 7.06 11.90
N SER D 276 17.03 7.58 11.05
CA SER D 276 17.03 7.15 9.65
C SER D 276 17.47 5.70 9.51
N LEU D 277 18.36 5.24 10.37
CA LEU D 277 18.96 3.93 10.26
C LEU D 277 18.08 2.87 10.90
N PRO D 278 18.27 1.60 10.57
CA PRO D 278 17.67 0.53 11.37
C PRO D 278 18.12 0.61 12.83
N LYS D 279 17.34 -0.04 13.69
CA LYS D 279 17.59 -0.03 15.13
C LYS D 279 18.76 -0.98 15.44
N VAL D 280 19.95 -0.53 15.09
CA VAL D 280 21.14 -1.35 15.16
C VAL D 280 21.79 -1.13 16.52
N ALA D 281 22.54 -2.13 16.99
CA ALA D 281 23.07 -2.14 18.35
C ALA D 281 24.56 -1.88 18.42
N TYR D 282 25.14 -1.24 17.41
CA TYR D 282 26.51 -0.75 17.49
C TYR D 282 26.53 0.70 17.00
N ALA D 283 27.72 1.29 17.03
CA ALA D 283 27.89 2.71 16.73
C ALA D 283 28.45 2.87 15.33
N THR D 284 27.81 3.74 14.54
CA THR D 284 28.23 4.03 13.19
C THR D 284 29.24 5.16 13.19
N ALA D 285 29.68 5.56 11.99
CA ALA D 285 30.60 6.68 11.89
C ALA D 285 29.89 7.99 12.19
N MET D 286 28.70 8.18 11.65
CA MET D 286 27.93 9.37 11.96
C MET D 286 27.69 9.49 13.46
N ASP D 287 27.53 8.37 14.15
CA ASP D 287 27.36 8.42 15.60
C ASP D 287 28.60 8.97 16.29
N TRP D 288 29.79 8.55 15.84
CA TRP D 288 31.01 9.09 16.43
C TRP D 288 31.16 10.56 16.14
N PHE D 289 30.81 10.99 14.93
CA PHE D 289 30.90 12.41 14.61
C PHE D 289 29.97 13.22 15.50
N ILE D 290 28.74 12.75 15.69
CA ILE D 290 27.78 13.49 16.49
C ILE D 290 28.21 13.48 17.96
N ALA D 291 28.80 12.38 18.42
CA ALA D 291 29.30 12.35 19.79
C ALA D 291 30.41 13.36 20.00
N VAL D 292 31.32 13.48 19.04
CA VAL D 292 32.42 14.42 19.19
C VAL D 292 31.91 15.85 19.15
N CYS D 293 30.95 16.14 18.28
CA CYS D 293 30.38 17.49 18.26
C CYS D 293 29.64 17.80 19.56
N TYR D 294 28.94 16.82 20.12
CA TYR D 294 28.30 17.01 21.40
C TYR D 294 29.33 17.33 22.47
N ALA D 295 30.45 16.60 22.45
CA ALA D 295 31.50 16.86 23.43
C ALA D 295 32.04 18.26 23.28
N PHE D 296 32.19 18.74 22.04
CA PHE D 296 32.71 20.08 21.83
C PHE D 296 31.77 21.13 22.38
N VAL D 297 30.46 21.01 22.11
CA VAL D 297 29.55 22.03 22.60
C VAL D 297 29.47 21.99 24.12
N PHE D 298 29.45 20.79 24.70
CA PHE D 298 29.40 20.68 26.15
C PHE D 298 30.66 21.24 26.79
N SER D 299 31.81 21.07 26.12
CA SER D 299 33.04 21.64 26.65
C SER D 299 33.02 23.16 26.55
N ALA D 300 32.43 23.70 25.49
CA ALA D 300 32.28 25.14 25.40
C ALA D 300 31.45 25.67 26.56
N LEU D 301 30.34 24.99 26.86
CA LEU D 301 29.51 25.42 27.98
C LEU D 301 30.26 25.33 29.30
N ILE D 302 31.03 24.26 29.49
CA ILE D 302 31.78 24.10 30.73
C ILE D 302 32.84 25.19 30.86
N GLU D 303 33.47 25.55 29.74
CA GLU D 303 34.46 26.61 29.76
C GLU D 303 33.82 27.94 30.14
N PHE D 304 32.65 28.23 29.59
CA PHE D 304 31.97 29.46 29.98
C PHE D 304 31.63 29.45 31.47
N ALA D 305 31.19 28.30 31.98
CA ALA D 305 30.88 28.22 33.41
C ALA D 305 32.12 28.49 34.25
N THR D 306 33.27 27.93 33.85
CA THR D 306 34.49 28.18 34.58
C THR D 306 34.87 29.66 34.54
N VAL D 307 34.75 30.28 33.37
CA VAL D 307 35.06 31.69 33.24
C VAL D 307 34.17 32.50 34.19
N ASN D 308 32.88 32.20 34.20
CA ASN D 308 31.97 32.94 35.08
C ASN D 308 32.30 32.68 36.55
N TYR D 309 32.77 31.48 36.88
CA TYR D 309 33.13 31.19 38.26
C TYR D 309 34.37 31.97 38.70
N PHE D 310 35.33 32.16 37.80
CA PHE D 310 36.52 32.92 38.16
C PHE D 310 36.35 34.43 37.96
N THR D 311 35.25 34.86 37.34
CA THR D 311 35.04 36.29 37.16
C THR D 311 34.68 36.92 38.50
N LYS D 312 35.09 38.18 38.68
CA LYS D 312 34.91 38.97 39.89
C LYS D 312 35.80 38.51 41.04
N SER D 313 36.57 37.44 40.88
CA SER D 313 37.52 37.01 41.90
C SER D 313 38.95 37.00 41.39
N GLN D 314 39.18 36.39 40.22
CA GLN D 314 40.48 36.40 39.56
C GLN D 314 40.25 36.71 38.08
N PRO D 315 39.88 37.94 37.76
CA PRO D 315 39.52 38.25 36.36
C PRO D 315 40.67 38.07 35.39
N ALA D 316 41.91 38.16 35.85
CA ALA D 316 43.04 37.91 34.96
C ALA D 316 43.01 36.47 34.46
N ARG D 317 42.81 35.51 35.36
CA ARG D 317 42.77 34.11 34.96
C ARG D 317 41.58 33.85 34.05
N ALA D 318 40.44 34.49 34.32
CA ALA D 318 39.27 34.33 33.48
C ALA D 318 39.56 34.82 32.06
N ALA D 319 40.11 36.03 31.95
CA ALA D 319 40.43 36.55 30.62
C ALA D 319 41.45 35.66 29.93
N LYS D 320 42.39 35.10 30.69
CA LYS D 320 43.40 34.23 30.09
C LYS D 320 42.75 32.99 29.49
N ILE D 321 41.90 32.31 30.27
CA ILE D 321 41.32 31.08 29.75
C ILE D 321 40.33 31.38 28.64
N ASP D 322 39.71 32.56 28.64
CA ASP D 322 38.81 32.90 27.54
C ASP D 322 39.59 33.18 26.26
N ARG D 323 40.67 33.95 26.36
CA ARG D 323 41.48 34.23 25.20
C ARG D 323 42.18 32.98 24.68
N LEU D 324 42.41 32.00 25.55
CA LEU D 324 42.99 30.74 25.11
C LEU D 324 41.94 29.85 24.44
N SER D 325 40.72 29.84 24.96
CA SER D 325 39.64 29.06 24.34
C SER D 325 39.15 29.68 23.05
N ARG D 326 39.46 30.95 22.79
CA ARG D 326 39.15 31.50 21.47
C ARG D 326 40.02 30.92 20.37
N ILE D 327 41.06 30.15 20.70
CA ILE D 327 41.93 29.58 19.69
C ILE D 327 42.00 28.07 19.85
N ALA D 328 41.76 27.57 21.05
CA ALA D 328 41.93 26.13 21.28
C ALA D 328 40.78 25.33 20.68
N PHE D 329 39.55 25.84 20.76
CA PHE D 329 38.42 25.09 20.24
C PHE D 329 38.43 25.00 18.72
N PRO D 330 38.59 26.09 17.96
CA PRO D 330 38.51 25.96 16.50
C PRO D 330 39.61 25.11 15.90
N LEU D 331 40.85 25.22 16.38
CA LEU D 331 41.92 24.37 15.87
C LEU D 331 41.66 22.90 16.19
N LEU D 332 41.19 22.61 17.40
CA LEU D 332 40.92 21.22 17.75
C LEU D 332 39.79 20.65 16.89
N PHE D 333 38.77 21.46 16.63
CA PHE D 333 37.68 20.99 15.77
C PHE D 333 38.17 20.76 14.35
N GLY D 334 39.01 21.66 13.85
CA GLY D 334 39.57 21.46 12.51
C GLY D 334 40.40 20.21 12.41
N ILE D 335 41.25 19.97 13.41
CA ILE D 335 42.08 18.77 13.41
C ILE D 335 41.21 17.52 13.45
N PHE D 336 40.16 17.53 14.29
CA PHE D 336 39.28 16.38 14.35
C PHE D 336 38.59 16.15 13.02
N ASN D 337 38.14 17.23 12.37
CA ASN D 337 37.48 17.09 11.08
C ASN D 337 38.43 16.49 10.06
N LEU D 338 39.66 16.99 9.99
CA LEU D 338 40.63 16.44 9.05
C LEU D 338 40.85 14.96 9.30
N VAL D 339 41.08 14.58 10.56
CA VAL D 339 41.35 13.18 10.87
C VAL D 339 40.15 12.31 10.49
N TYR D 340 38.97 12.72 10.93
CA TYR D 340 37.77 11.94 10.65
C TYR D 340 37.58 11.73 9.15
N TRP D 341 37.58 12.83 8.39
CA TRP D 341 37.30 12.72 6.97
C TRP D 341 38.39 11.93 6.25
N ALA D 342 39.65 12.12 6.64
CA ALA D 342 40.73 11.40 5.99
C ALA D 342 40.62 9.91 6.24
N THR D 343 40.43 9.50 7.50
CA THR D 343 40.38 8.08 7.80
C THR D 343 39.07 7.42 7.34
N TYR D 344 38.03 8.19 7.03
CA TYR D 344 36.80 7.57 6.58
C TYR D 344 36.57 7.66 5.08
N LEU D 345 37.29 8.53 4.36
CA LEU D 345 37.16 8.59 2.91
C LEU D 345 38.20 7.74 2.19
N ASN D 346 39.28 7.35 2.86
CA ASN D 346 40.28 6.51 2.20
C ASN D 346 39.75 5.11 1.94
N ARG D 347 38.91 4.59 2.83
CA ARG D 347 38.38 3.24 2.69
C ARG D 347 37.52 3.14 1.44
N GLY E 62 8.20 -43.26 -18.76
CA GLY E 62 8.39 -44.69 -18.99
C GLY E 62 7.50 -45.53 -18.10
N ASP E 63 8.11 -46.19 -17.12
CA ASP E 63 7.37 -47.00 -16.17
C ASP E 63 6.99 -46.22 -14.92
N VAL E 64 7.62 -45.08 -14.67
CA VAL E 64 7.23 -44.27 -13.53
C VAL E 64 5.84 -43.71 -13.74
N THR E 65 5.48 -43.42 -14.99
CA THR E 65 4.10 -43.01 -15.29
C THR E 65 3.12 -44.11 -14.92
N VAL E 66 3.48 -45.36 -15.21
CA VAL E 66 2.59 -46.47 -14.86
C VAL E 66 2.44 -46.57 -13.35
N ILE E 67 3.53 -46.37 -12.61
CA ILE E 67 3.45 -46.43 -11.15
C ILE E 67 2.55 -45.32 -10.63
N LEU E 68 2.76 -44.10 -11.11
CA LEU E 68 1.96 -42.98 -10.64
C LEU E 68 0.49 -43.15 -11.00
N ASN E 69 0.20 -43.76 -12.14
CA ASN E 69 -1.19 -44.00 -12.51
C ASN E 69 -1.82 -45.09 -11.66
N ASN E 70 -1.04 -46.11 -11.29
CA ASN E 70 -1.58 -47.16 -10.44
C ASN E 70 -1.77 -46.70 -9.01
N LEU E 71 -0.99 -45.72 -8.56
CA LEU E 71 -1.17 -45.23 -7.19
C LEU E 71 -2.42 -44.37 -7.05
N LEU E 72 -2.86 -43.71 -8.12
CA LEU E 72 -3.99 -42.81 -8.06
C LEU E 72 -5.27 -43.43 -8.61
N GLU E 73 -5.28 -44.73 -8.86
CA GLU E 73 -6.48 -45.43 -9.28
C GLU E 73 -7.19 -45.97 -8.05
N GLY E 74 -8.40 -45.49 -7.81
CA GLY E 74 -9.11 -45.84 -6.60
C GLY E 74 -8.55 -45.17 -5.36
N TYR E 75 -8.19 -43.89 -5.48
CA TYR E 75 -7.62 -43.13 -4.38
C TYR E 75 -8.54 -41.99 -4.03
N ASP E 76 -8.84 -41.86 -2.74
CA ASP E 76 -9.72 -40.81 -2.22
C ASP E 76 -8.88 -39.92 -1.30
N ASN E 77 -8.60 -38.70 -1.74
CA ASN E 77 -7.78 -37.80 -0.96
C ASN E 77 -8.58 -37.03 0.07
N LYS E 78 -9.76 -37.52 0.42
CA LYS E 78 -10.55 -36.95 1.50
C LYS E 78 -10.49 -37.79 2.76
N LEU E 79 -9.88 -38.96 2.69
CA LEU E 79 -9.82 -39.90 3.81
C LEU E 79 -8.38 -40.06 4.23
N ARG E 80 -8.09 -39.76 5.49
CA ARG E 80 -6.74 -39.92 5.99
C ARG E 80 -6.35 -41.39 5.96
N PRO E 81 -5.07 -41.69 5.83
CA PRO E 81 -4.64 -43.10 5.89
C PRO E 81 -5.01 -43.72 7.23
N ASP E 82 -5.60 -44.92 7.17
CA ASP E 82 -6.16 -45.57 8.36
C ASP E 82 -7.24 -44.70 8.99
N ILE E 83 -8.31 -44.49 8.22
CA ILE E 83 -9.37 -43.59 8.66
C ILE E 83 -10.12 -44.18 9.86
N GLY E 84 -10.30 -45.49 9.88
CA GLY E 84 -11.03 -46.11 10.97
C GLY E 84 -10.25 -47.20 11.69
N VAL E 85 -8.94 -47.03 11.82
CA VAL E 85 -8.10 -48.04 12.45
C VAL E 85 -7.35 -47.42 13.62
N LYS E 86 -6.52 -46.42 13.35
CA LYS E 86 -5.63 -45.87 14.35
C LYS E 86 -5.25 -44.46 13.93
N PRO E 87 -4.75 -43.65 14.85
CA PRO E 87 -4.33 -42.29 14.47
C PRO E 87 -3.12 -42.30 13.56
N THR E 88 -2.99 -41.23 12.77
CA THR E 88 -1.90 -41.10 11.82
C THR E 88 -0.74 -40.38 12.50
N LEU E 89 0.39 -41.06 12.61
CA LEU E 89 1.57 -40.49 13.24
C LEU E 89 2.35 -39.67 12.23
N ILE E 90 2.55 -38.39 12.53
CA ILE E 90 3.22 -37.45 11.62
C ILE E 90 4.49 -36.96 12.32
N HIS E 91 5.63 -37.13 11.68
CA HIS E 91 6.91 -36.65 12.18
C HIS E 91 7.25 -35.32 11.52
N THR E 92 7.50 -34.30 12.34
CA THR E 92 7.69 -32.94 11.87
C THR E 92 9.13 -32.49 12.09
N ASP E 93 9.73 -31.89 11.05
CA ASP E 93 11.04 -31.29 11.13
C ASP E 93 10.98 -29.87 10.60
N MET E 94 12.02 -29.09 10.90
CA MET E 94 12.06 -27.69 10.49
C MET E 94 13.48 -27.32 10.11
N TYR E 95 13.61 -26.14 9.50
CA TYR E 95 14.91 -25.55 9.18
C TYR E 95 14.70 -24.04 9.16
N VAL E 96 15.07 -23.40 10.26
CA VAL E 96 14.85 -21.96 10.45
C VAL E 96 15.87 -21.20 9.61
N ASN E 97 15.41 -20.60 8.50
CA ASN E 97 16.29 -19.74 7.72
C ASN E 97 16.68 -18.52 8.53
N SER E 98 15.68 -17.72 8.93
CA SER E 98 15.94 -16.46 9.62
C SER E 98 14.77 -16.17 10.54
N ILE E 99 15.08 -15.67 11.74
CA ILE E 99 14.08 -15.19 12.67
C ILE E 99 14.00 -13.68 12.52
N GLY E 100 12.93 -13.21 11.91
CA GLY E 100 12.79 -11.83 11.53
C GLY E 100 12.72 -10.87 12.69
N PRO E 101 12.41 -9.61 12.40
CA PRO E 101 12.43 -8.56 13.42
C PRO E 101 11.39 -8.79 14.50
N VAL E 102 11.81 -8.67 15.76
CA VAL E 102 10.92 -8.81 16.89
C VAL E 102 10.44 -7.41 17.26
N ASN E 103 9.34 -6.97 16.66
CA ASN E 103 8.79 -5.66 16.95
C ASN E 103 7.88 -5.77 18.17
N ALA E 104 8.19 -5.02 19.23
CA ALA E 104 7.42 -5.09 20.46
C ALA E 104 6.09 -4.36 20.38
N ILE E 105 5.93 -3.43 19.43
CA ILE E 105 4.70 -2.65 19.37
C ILE E 105 3.51 -3.54 19.09
N ASN E 106 3.67 -4.51 18.19
CA ASN E 106 2.59 -5.43 17.84
C ASN E 106 2.68 -6.76 18.57
N MET E 107 3.70 -6.96 19.39
CA MET E 107 3.88 -8.21 20.13
C MET E 107 3.97 -9.40 19.17
N GLU E 108 4.72 -9.23 18.10
CA GLU E 108 4.85 -10.27 17.08
C GLU E 108 6.31 -10.38 16.65
N TYR E 109 6.61 -11.43 15.90
CA TYR E 109 7.94 -11.64 15.34
C TYR E 109 7.83 -12.55 14.12
N THR E 110 8.61 -12.24 13.10
CA THR E 110 8.59 -12.97 11.83
C THR E 110 9.62 -14.08 11.82
N ILE E 111 9.25 -15.22 11.24
CA ILE E 111 10.16 -16.36 11.12
C ILE E 111 9.93 -16.99 9.75
N ASP E 112 11.00 -17.52 9.16
CA ASP E 112 10.96 -18.14 7.83
C ASP E 112 11.56 -19.53 7.93
N ILE E 113 10.76 -20.55 7.62
CA ILE E 113 11.12 -21.94 7.89
C ILE E 113 10.89 -22.80 6.65
N PHE E 114 11.40 -24.03 6.74
CA PHE E 114 11.23 -25.09 5.76
C PHE E 114 10.51 -26.22 6.49
N PHE E 115 9.19 -26.20 6.47
CA PHE E 115 8.40 -27.14 7.26
C PHE E 115 8.35 -28.48 6.53
N ALA E 116 8.74 -29.56 7.22
CA ALA E 116 8.76 -30.90 6.65
C ALA E 116 7.89 -31.84 7.47
N GLN E 117 7.00 -32.56 6.80
CA GLN E 117 6.10 -33.53 7.42
C GLN E 117 6.22 -34.88 6.72
N THR E 118 6.41 -35.94 7.49
CA THR E 118 6.49 -37.28 6.93
C THR E 118 5.57 -38.23 7.68
N TRP E 119 4.79 -39.02 6.94
CA TRP E 119 3.84 -39.96 7.52
C TRP E 119 3.82 -41.20 6.64
N TYR E 120 3.05 -42.20 7.04
CA TYR E 120 2.92 -43.45 6.30
C TYR E 120 1.54 -43.56 5.66
N ASP E 121 1.51 -43.92 4.39
CA ASP E 121 0.28 -44.10 3.63
C ASP E 121 0.37 -45.45 2.91
N ARG E 122 -0.35 -46.44 3.42
CA ARG E 122 -0.28 -47.77 2.83
C ARG E 122 -0.94 -47.86 1.48
N ARG E 123 -1.60 -46.80 1.01
CA ARG E 123 -2.20 -46.78 -0.31
C ARG E 123 -1.21 -46.32 -1.37
N LEU E 124 -0.25 -45.48 -1.00
CA LEU E 124 0.83 -45.09 -1.92
C LEU E 124 2.02 -46.03 -1.78
N LYS E 125 1.77 -47.33 -1.90
CA LYS E 125 2.78 -48.35 -1.72
C LYS E 125 2.95 -49.07 -3.05
N PHE E 126 4.13 -48.97 -3.64
CA PHE E 126 4.41 -49.59 -4.92
C PHE E 126 5.57 -50.56 -4.77
N ASN E 127 5.77 -51.36 -5.82
CA ASN E 127 6.80 -52.41 -5.82
C ASN E 127 7.50 -52.37 -7.17
N SER E 128 8.64 -51.69 -7.24
CA SER E 128 9.42 -51.61 -8.46
C SER E 128 10.89 -51.47 -8.10
N THR E 129 11.73 -51.41 -9.13
CA THR E 129 13.17 -51.31 -8.89
C THR E 129 13.53 -49.99 -8.24
N ILE E 130 12.89 -48.90 -8.67
CA ILE E 130 13.15 -47.59 -8.07
C ILE E 130 12.66 -47.59 -6.64
N LYS E 131 13.47 -47.04 -5.75
CA LYS E 131 13.15 -47.05 -4.32
C LYS E 131 12.31 -45.85 -3.90
N VAL E 132 12.54 -44.68 -4.49
CA VAL E 132 11.90 -43.45 -4.08
C VAL E 132 11.42 -42.71 -5.31
N LEU E 133 10.26 -42.08 -5.20
CA LEU E 133 9.70 -41.24 -6.25
C LEU E 133 9.86 -39.79 -5.81
N ARG E 134 10.57 -39.01 -6.62
CA ARG E 134 10.85 -37.62 -6.31
C ARG E 134 10.00 -36.75 -7.23
N LEU E 135 9.13 -35.93 -6.64
CA LEU E 135 8.12 -35.22 -7.39
C LEU E 135 8.07 -33.77 -6.94
N ASN E 136 7.61 -32.91 -7.84
CA ASN E 136 7.41 -31.50 -7.55
C ASN E 136 6.00 -31.31 -7.00
N SER E 137 5.55 -30.07 -6.94
CA SER E 137 4.26 -29.73 -6.35
C SER E 137 3.08 -30.01 -7.27
N ASN E 138 3.26 -30.78 -8.34
CA ASN E 138 2.14 -31.10 -9.23
C ASN E 138 1.29 -32.24 -8.74
N MET E 139 1.77 -33.02 -7.77
CA MET E 139 1.03 -34.16 -7.24
C MET E 139 0.73 -34.00 -5.76
N VAL E 140 0.82 -32.77 -5.24
CA VAL E 140 0.50 -32.54 -3.83
C VAL E 140 -1.00 -32.47 -3.63
N GLY E 141 -1.73 -31.92 -4.60
CA GLY E 141 -3.16 -31.81 -4.50
C GLY E 141 -3.96 -33.02 -4.89
N LYS E 142 -3.31 -34.18 -5.04
CA LYS E 142 -4.00 -35.41 -5.40
C LYS E 142 -3.91 -36.50 -4.35
N ILE E 143 -3.08 -36.34 -3.32
CA ILE E 143 -3.01 -37.31 -2.24
C ILE E 143 -3.50 -36.64 -0.97
N TRP E 144 -3.56 -37.39 0.12
CA TRP E 144 -3.98 -36.83 1.39
C TRP E 144 -2.83 -36.07 2.01
N ILE E 145 -3.12 -34.87 2.51
CA ILE E 145 -2.12 -33.99 3.10
C ILE E 145 -2.66 -33.47 4.42
N PRO E 146 -1.95 -33.63 5.53
CA PRO E 146 -2.49 -33.19 6.82
C PRO E 146 -2.66 -31.68 6.86
N ASP E 147 -3.67 -31.24 7.61
CA ASP E 147 -4.06 -29.83 7.67
C ASP E 147 -3.39 -29.13 8.85
N THR E 148 -2.07 -29.09 8.83
CA THR E 148 -1.32 -28.45 9.90
C THR E 148 -1.44 -26.93 9.78
N PHE E 149 -1.84 -26.29 10.87
CA PHE E 149 -1.92 -24.83 10.94
C PHE E 149 -1.22 -24.36 12.21
N PHE E 150 -0.71 -23.14 12.17
CA PHE E 150 0.04 -22.57 13.28
C PHE E 150 -0.91 -21.76 14.15
N ARG E 151 -1.08 -22.17 15.41
CA ARG E 151 -2.14 -21.63 16.24
C ARG E 151 -1.88 -20.20 16.72
N ASN E 152 -0.66 -19.70 16.63
CA ASN E 152 -0.35 -18.38 17.14
C ASN E 152 0.24 -17.49 16.05
N SER E 153 -0.17 -17.73 14.82
CA SER E 153 0.29 -16.97 13.66
C SER E 153 -0.75 -15.91 13.30
N LYS E 154 -0.35 -14.64 13.37
CA LYS E 154 -1.23 -13.58 12.93
C LYS E 154 -1.47 -13.66 11.42
N LYS E 155 -0.39 -13.73 10.65
CA LYS E 155 -0.49 -13.90 9.21
C LYS E 155 0.72 -14.68 8.71
N ALA E 156 0.47 -15.70 7.91
CA ALA E 156 1.51 -16.54 7.37
C ALA E 156 1.12 -16.96 5.97
N ASP E 157 2.12 -17.22 5.12
CA ASP E 157 1.83 -17.56 3.74
C ASP E 157 3.00 -18.34 3.15
N ALA E 158 2.67 -19.26 2.24
CA ALA E 158 3.66 -20.02 1.51
C ALA E 158 4.25 -19.18 0.39
N HIS E 159 5.21 -19.75 -0.34
CA HIS E 159 5.86 -19.06 -1.44
C HIS E 159 5.47 -19.70 -2.76
N TRP E 160 5.32 -18.86 -3.78
CA TRP E 160 4.78 -19.28 -5.06
C TRP E 160 5.64 -18.93 -6.26
N ILE E 161 6.77 -18.24 -6.06
CA ILE E 161 7.63 -17.82 -7.16
C ILE E 161 8.85 -18.74 -7.16
N THR E 162 9.18 -19.34 -8.29
CA THR E 162 8.50 -19.21 -9.58
C THR E 162 7.38 -20.23 -9.68
N THR E 163 7.63 -21.40 -9.11
CA THR E 163 6.68 -22.48 -8.95
C THR E 163 6.39 -22.71 -7.46
N PRO E 164 5.17 -23.09 -7.08
CA PRO E 164 4.87 -23.33 -5.66
C PRO E 164 6.01 -24.07 -4.96
N ASN E 165 6.54 -23.51 -3.88
CA ASN E 165 7.69 -24.10 -3.20
C ASN E 165 7.19 -25.28 -2.38
N ARG E 166 7.12 -26.44 -3.02
CA ARG E 166 6.68 -27.66 -2.36
C ARG E 166 7.50 -28.83 -2.89
N MET E 167 7.49 -29.92 -2.12
CA MET E 167 8.25 -31.11 -2.46
C MET E 167 7.50 -32.34 -1.95
N LEU E 168 7.45 -33.38 -2.78
CA LEU E 168 6.76 -34.62 -2.40
C LEU E 168 7.62 -35.81 -2.79
N ARG E 169 7.97 -36.64 -1.81
CA ARG E 169 8.80 -37.81 -2.03
C ARG E 169 8.11 -39.04 -1.45
N ILE E 170 7.68 -39.95 -2.31
CA ILE E 170 6.94 -41.15 -1.91
C ILE E 170 7.89 -42.34 -1.99
N TRP E 171 8.22 -42.91 -0.84
CA TRP E 171 9.14 -44.05 -0.79
C TRP E 171 8.40 -45.33 -1.20
N ASN E 172 9.10 -46.46 -1.10
CA ASN E 172 8.59 -47.72 -1.61
C ASN E 172 7.53 -48.33 -0.69
N ASP E 173 7.66 -48.15 0.62
CA ASP E 173 6.74 -48.76 1.58
C ASP E 173 5.61 -47.83 1.99
N GLY E 174 5.31 -46.81 1.19
CA GLY E 174 4.24 -45.90 1.51
C GLY E 174 4.64 -44.67 2.28
N ARG E 175 5.88 -44.60 2.75
CA ARG E 175 6.35 -43.45 3.50
C ARG E 175 6.38 -42.20 2.61
N VAL E 176 5.66 -41.17 3.03
CA VAL E 176 5.55 -39.91 2.27
C VAL E 176 6.30 -38.82 3.02
N LEU E 177 7.03 -37.99 2.27
CA LEU E 177 7.64 -36.78 2.79
C LEU E 177 7.11 -35.57 2.05
N TYR E 178 6.63 -34.57 2.80
CA TYR E 178 6.01 -33.39 2.22
C TYR E 178 6.63 -32.16 2.86
N THR E 179 7.31 -31.33 2.08
CA THR E 179 8.05 -30.19 2.56
C THR E 179 7.60 -28.93 1.84
N LEU E 180 7.44 -27.83 2.59
CA LEU E 180 7.09 -26.56 1.98
C LEU E 180 7.79 -25.42 2.72
N ARG E 181 7.83 -24.27 2.07
CA ARG E 181 8.49 -23.07 2.56
C ARG E 181 7.46 -22.09 3.10
N LEU E 182 7.66 -21.59 4.32
CA LEU E 182 6.69 -20.75 5.00
C LEU E 182 7.35 -19.51 5.60
N THR E 183 6.58 -18.43 5.68
CA THR E 183 6.97 -17.19 6.35
C THR E 183 5.86 -16.81 7.31
N ILE E 184 6.08 -17.04 8.60
CA ILE E 184 5.05 -16.93 9.63
C ILE E 184 5.31 -15.68 10.46
N ASP E 185 4.29 -14.82 10.58
CA ASP E 185 4.32 -13.71 11.52
C ASP E 185 3.68 -14.15 12.81
N ALA E 186 4.44 -14.87 13.62
CA ALA E 186 3.91 -15.44 14.85
C ALA E 186 3.68 -14.34 15.88
N GLU E 187 2.87 -14.67 16.88
CA GLU E 187 2.47 -13.74 17.92
C GLU E 187 3.00 -14.19 19.27
N CYS E 188 3.51 -13.25 20.05
CA CYS E 188 3.88 -13.55 21.42
C CYS E 188 3.78 -12.30 22.28
N GLN E 189 3.03 -12.40 23.37
CA GLN E 189 2.77 -11.25 24.24
C GLN E 189 4.00 -11.04 25.11
N LEU E 190 4.82 -10.06 24.73
CA LEU E 190 6.04 -9.76 25.46
C LEU E 190 5.69 -9.03 26.75
N GLN E 191 6.20 -9.54 27.87
CA GLN E 191 6.06 -8.86 29.16
C GLN E 191 7.08 -7.75 29.19
N LEU E 192 6.66 -6.53 28.84
CA LEU E 192 7.60 -5.43 28.68
C LEU E 192 7.92 -4.76 30.00
N HIS E 193 8.30 -5.55 31.00
CA HIS E 193 8.97 -5.02 32.17
C HIS E 193 10.47 -5.13 31.97
N ASN E 194 11.23 -4.53 32.88
CA ASN E 194 12.68 -4.51 32.80
C ASN E 194 13.19 -3.93 31.49
N PHE E 195 12.33 -3.22 30.76
CA PHE E 195 12.72 -2.68 29.47
C PHE E 195 13.79 -1.61 29.65
N PRO E 196 14.86 -1.60 28.85
CA PRO E 196 15.20 -2.53 27.77
C PRO E 196 16.09 -3.68 28.22
N MET E 197 16.18 -3.92 29.53
CA MET E 197 16.94 -5.04 30.07
C MET E 197 16.04 -6.28 30.25
N ASP E 198 15.32 -6.64 29.19
CA ASP E 198 14.35 -7.72 29.25
C ASP E 198 14.76 -8.85 28.31
N GLU E 199 14.41 -10.07 28.70
CA GLU E 199 14.64 -11.27 27.90
C GLU E 199 13.32 -11.99 27.70
N HIS E 200 13.10 -12.47 26.47
CA HIS E 200 11.89 -13.19 26.12
C HIS E 200 12.25 -14.57 25.56
N SER E 201 11.28 -15.48 25.65
CA SER E 201 11.38 -16.80 25.03
C SER E 201 9.98 -17.16 24.49
N CYS E 202 9.71 -16.82 23.24
CA CYS E 202 8.31 -16.92 22.83
C CYS E 202 8.12 -17.85 21.65
N PRO E 203 6.99 -18.59 21.63
CA PRO E 203 6.92 -19.85 20.88
C PRO E 203 6.40 -19.78 19.45
N LEU E 204 6.37 -20.95 18.82
CA LEU E 204 5.70 -21.15 17.54
C LEU E 204 4.95 -22.47 17.65
N GLU E 205 3.62 -22.40 17.73
CA GLU E 205 2.77 -23.56 17.99
C GLU E 205 2.01 -23.96 16.73
N PHE E 206 1.92 -25.27 16.50
CA PHE E 206 1.14 -25.79 15.38
C PHE E 206 0.45 -27.08 15.78
N SER E 207 -0.64 -27.37 15.10
CA SER E 207 -1.43 -28.56 15.35
C SER E 207 -2.34 -28.79 14.16
N SER E 208 -2.97 -29.95 14.12
CA SER E 208 -3.99 -30.17 13.12
C SER E 208 -5.21 -29.31 13.41
N TYR E 209 -5.98 -29.03 12.36
CA TYR E 209 -7.15 -28.17 12.52
C TYR E 209 -8.40 -28.99 12.79
N GLY E 210 -8.73 -29.92 11.90
CA GLY E 210 -9.96 -30.69 12.02
C GLY E 210 -9.83 -32.06 12.65
N TYR E 211 -8.61 -32.59 12.76
CA TYR E 211 -8.42 -33.94 13.26
C TYR E 211 -8.02 -33.92 14.71
N PRO E 212 -8.82 -34.48 15.62
CA PRO E 212 -8.43 -34.48 17.04
C PRO E 212 -7.34 -35.50 17.36
N ARG E 213 -7.04 -35.66 18.65
CA ARG E 213 -5.95 -36.52 19.07
C ARG E 213 -6.17 -37.97 18.66
N GLU E 214 -7.40 -38.38 18.47
CA GLU E 214 -7.68 -39.78 18.12
C GLU E 214 -7.38 -40.08 16.66
N GLU E 215 -7.07 -39.07 15.85
CA GLU E 215 -6.87 -39.26 14.42
C GLU E 215 -5.49 -38.84 13.93
N ILE E 216 -4.96 -37.71 14.39
CA ILE E 216 -3.65 -37.24 13.98
C ILE E 216 -2.82 -36.96 15.23
N VAL E 217 -1.66 -37.60 15.32
CA VAL E 217 -0.71 -37.41 16.42
C VAL E 217 0.60 -36.94 15.81
N TYR E 218 1.08 -35.77 16.25
CA TYR E 218 2.37 -35.27 15.79
C TYR E 218 3.46 -35.75 16.73
N GLN E 219 4.70 -35.73 16.24
CA GLN E 219 5.82 -36.18 17.06
C GLN E 219 7.12 -35.63 16.50
N TRP E 220 7.90 -34.96 17.35
CA TRP E 220 9.18 -34.42 16.92
C TRP E 220 10.17 -35.54 16.64
N LYS E 221 11.11 -35.27 15.76
CA LYS E 221 12.25 -36.15 15.57
C LYS E 221 13.36 -35.76 16.54
N ARG E 222 14.37 -36.61 16.66
CA ARG E 222 15.46 -36.33 17.58
C ARG E 222 16.21 -35.06 17.18
N SER E 223 16.46 -34.88 15.89
CA SER E 223 17.19 -33.73 15.35
C SER E 223 16.26 -32.86 14.53
N SER E 224 15.05 -32.63 15.03
CA SER E 224 13.99 -31.95 14.29
C SER E 224 14.36 -30.53 13.88
N VAL E 225 14.52 -29.63 14.84
CA VAL E 225 14.70 -28.21 14.56
C VAL E 225 16.19 -27.90 14.48
N GLU E 226 16.62 -27.33 13.35
CA GLU E 226 18.02 -27.02 13.10
C GLU E 226 18.11 -25.61 12.54
N VAL E 227 18.59 -24.67 13.36
CA VAL E 227 18.74 -23.28 12.96
C VAL E 227 19.80 -23.16 11.87
N GLY E 228 19.84 -22.01 11.21
CA GLY E 228 20.79 -21.78 10.13
C GLY E 228 22.10 -21.22 10.62
N ASP E 229 22.52 -20.07 10.08
CA ASP E 229 23.79 -19.46 10.46
C ASP E 229 23.68 -18.50 11.63
N THR E 230 22.48 -17.98 11.89
CA THR E 230 22.22 -17.08 13.01
C THR E 230 22.97 -15.76 12.90
N ARG E 231 23.67 -15.51 11.79
CA ARG E 231 24.42 -14.27 11.61
C ARG E 231 23.75 -13.31 10.65
N SER E 232 23.14 -13.81 9.58
CA SER E 232 22.48 -12.95 8.60
C SER E 232 21.00 -12.80 8.91
N TRP E 233 20.61 -12.98 10.16
CA TRP E 233 19.24 -12.78 10.59
C TRP E 233 19.01 -11.31 10.91
N ARG E 234 17.74 -10.92 10.90
CA ARG E 234 17.36 -9.54 11.15
C ARG E 234 17.04 -9.29 12.61
N LEU E 235 17.64 -10.06 13.51
CA LEU E 235 17.52 -9.84 14.95
C LEU E 235 18.45 -8.71 15.33
N TYR E 236 17.91 -7.49 15.35
CA TYR E 236 18.73 -6.33 15.66
C TYR E 236 18.90 -6.17 17.17
N GLN E 237 17.78 -5.96 17.87
CA GLN E 237 17.84 -5.66 19.30
C GLN E 237 17.99 -6.90 20.16
N PHE E 238 17.75 -8.09 19.62
CA PHE E 238 17.82 -9.31 20.40
C PHE E 238 18.96 -10.18 19.91
N SER E 239 19.11 -11.35 20.53
CA SER E 239 20.20 -12.26 20.18
C SER E 239 19.77 -13.69 20.49
N PHE E 240 19.83 -14.56 19.47
CA PHE E 240 19.42 -15.94 19.63
C PHE E 240 20.36 -16.69 20.58
N VAL E 241 19.77 -17.34 21.59
CA VAL E 241 20.56 -18.10 22.56
C VAL E 241 20.21 -19.58 22.60
N GLY E 242 19.05 -20.00 22.11
CA GLY E 242 18.71 -21.41 22.14
C GLY E 242 17.25 -21.64 21.80
N LEU E 243 16.88 -22.92 21.76
CA LEU E 243 15.51 -23.31 21.49
C LEU E 243 15.22 -24.64 22.19
N ARG E 244 13.94 -24.98 22.26
CA ARG E 244 13.50 -26.24 22.84
C ARG E 244 12.11 -26.56 22.30
N ASN E 245 11.87 -27.84 22.04
CA ASN E 245 10.59 -28.32 21.53
C ASN E 245 9.74 -28.91 22.65
N THR E 246 8.43 -28.88 22.46
CA THR E 246 7.49 -29.28 23.50
C THR E 246 6.21 -29.79 22.84
N THR E 247 5.59 -30.79 23.45
CA THR E 247 4.34 -31.37 22.97
C THR E 247 3.35 -31.44 24.13
N GLU E 248 2.12 -30.97 23.90
CA GLU E 248 1.07 -31.03 24.88
C GLU E 248 -0.26 -31.35 24.19
N VAL E 249 -1.33 -31.39 24.97
CA VAL E 249 -2.67 -31.67 24.47
C VAL E 249 -3.59 -30.59 25.01
N VAL E 250 -4.33 -29.92 24.11
CA VAL E 250 -5.24 -28.86 24.49
C VAL E 250 -6.66 -29.30 24.23
N LYS E 251 -7.60 -28.65 24.92
CA LYS E 251 -9.02 -28.94 24.82
C LYS E 251 -9.69 -27.81 24.05
N THR E 252 -10.50 -28.18 23.06
CA THR E 252 -11.24 -27.21 22.27
C THR E 252 -12.69 -27.65 22.17
N THR E 253 -13.54 -26.74 21.68
CA THR E 253 -14.95 -27.07 21.50
C THR E 253 -15.15 -28.24 20.55
N SER E 254 -14.15 -28.54 19.71
CA SER E 254 -14.26 -29.62 18.76
C SER E 254 -13.73 -30.94 19.32
N GLY E 255 -12.62 -30.91 20.04
CA GLY E 255 -12.06 -32.12 20.60
C GLY E 255 -10.73 -31.86 21.26
N ASP E 256 -9.95 -32.93 21.44
CA ASP E 256 -8.63 -32.86 22.02
C ASP E 256 -7.59 -32.91 20.92
N TYR E 257 -6.68 -31.94 20.90
CA TYR E 257 -5.70 -31.82 19.84
C TYR E 257 -4.29 -31.88 20.41
N VAL E 258 -3.39 -32.45 19.62
CA VAL E 258 -1.97 -32.53 19.98
C VAL E 258 -1.29 -31.28 19.44
N VAL E 259 -0.84 -30.41 20.36
CA VAL E 259 -0.26 -29.13 20.01
C VAL E 259 1.24 -29.22 20.24
N MET E 260 2.01 -29.02 19.17
CA MET E 260 3.46 -28.96 19.27
C MET E 260 3.92 -27.51 19.34
N SER E 261 5.06 -27.29 19.99
CA SER E 261 5.58 -25.96 20.19
C SER E 261 7.10 -25.96 20.02
N VAL E 262 7.62 -24.85 19.52
CA VAL E 262 9.06 -24.61 19.47
C VAL E 262 9.30 -23.25 20.11
N TYR E 263 10.07 -23.25 21.20
CA TYR E 263 10.37 -22.03 21.93
C TYR E 263 11.73 -21.51 21.50
N PHE E 264 11.77 -20.26 21.03
CA PHE E 264 13.01 -19.58 20.70
C PHE E 264 13.36 -18.62 21.83
N ASP E 265 14.60 -18.67 22.29
CA ASP E 265 15.06 -17.85 23.40
C ASP E 265 15.77 -16.62 22.87
N LEU E 266 15.21 -15.44 23.11
CA LEU E 266 15.77 -14.19 22.66
C LEU E 266 16.18 -13.33 23.85
N SER E 267 17.36 -12.72 23.76
CA SER E 267 17.90 -11.85 24.80
C SER E 267 18.16 -10.48 24.20
N ARG E 268 17.55 -9.45 24.78
CA ARG E 268 17.69 -8.10 24.24
C ARG E 268 19.08 -7.58 24.54
N ARG E 269 19.87 -7.34 23.48
CA ARG E 269 21.19 -6.75 23.62
C ARG E 269 21.09 -5.25 23.76
N MET E 270 21.83 -4.68 24.70
CA MET E 270 21.74 -3.25 24.94
C MET E 270 22.61 -2.53 23.91
N GLY E 271 22.29 -1.26 23.69
CA GLY E 271 22.90 -0.54 22.59
C GLY E 271 22.04 0.62 22.16
N TYR E 272 21.17 0.39 21.19
CA TYR E 272 20.36 1.45 20.62
C TYR E 272 19.73 2.32 21.70
N PHE E 273 19.13 1.69 22.72
CA PHE E 273 18.51 2.48 23.78
C PHE E 273 19.56 3.17 24.64
N THR E 274 20.70 2.51 24.86
CA THR E 274 21.76 3.12 25.64
C THR E 274 22.17 4.47 25.05
N ILE E 275 22.18 4.56 23.72
CA ILE E 275 22.65 5.77 23.05
C ILE E 275 21.51 6.64 22.56
N GLN E 276 20.26 6.17 22.67
CA GLN E 276 19.10 6.92 22.21
C GLN E 276 18.39 7.68 23.31
N THR E 277 18.41 7.17 24.53
CA THR E 277 17.67 7.81 25.62
C THR E 277 18.48 7.97 26.89
N TYR E 278 19.31 7.01 27.26
CA TYR E 278 20.00 7.07 28.54
C TYR E 278 21.04 8.19 28.55
N ILE E 279 21.89 8.23 27.53
CA ILE E 279 22.97 9.20 27.46
C ILE E 279 22.38 10.60 27.29
N PRO E 280 21.44 10.81 26.37
CA PRO E 280 20.82 12.15 26.28
C PRO E 280 20.25 12.65 27.58
N CYS E 281 19.60 11.78 28.36
CA CYS E 281 18.95 12.23 29.58
C CYS E 281 19.97 12.49 30.69
N THR E 282 21.02 11.68 30.77
CA THR E 282 22.03 11.97 31.78
C THR E 282 22.81 13.24 31.42
N LEU E 283 22.95 13.51 30.12
CA LEU E 283 23.66 14.70 29.71
C LEU E 283 22.80 15.93 29.92
N ILE E 284 21.48 15.78 29.81
CA ILE E 284 20.58 16.88 30.16
C ILE E 284 20.63 17.14 31.65
N VAL E 285 20.72 16.07 32.46
CA VAL E 285 20.81 16.24 33.91
C VAL E 285 22.07 17.02 34.27
N VAL E 286 23.21 16.66 33.66
CA VAL E 286 24.42 17.40 34.02
C VAL E 286 24.35 18.82 33.48
N LEU E 287 23.62 19.02 32.38
CA LEU E 287 23.40 20.38 31.89
C LEU E 287 22.63 21.19 32.93
N SER E 288 21.64 20.57 33.57
CA SER E 288 20.90 21.25 34.62
C SER E 288 21.77 21.51 35.83
N TRP E 289 22.73 20.62 36.10
CA TRP E 289 23.65 20.86 37.20
C TRP E 289 24.58 22.03 36.91
N VAL E 290 24.88 22.27 35.64
CA VAL E 290 25.76 23.36 35.27
C VAL E 290 25.24 24.70 35.79
N SER E 291 23.93 24.80 36.03
CA SER E 291 23.37 26.04 36.53
C SER E 291 23.81 26.35 37.96
N PHE E 292 24.23 25.34 38.72
CA PHE E 292 24.61 25.55 40.11
C PHE E 292 25.89 26.35 40.27
N TRP E 293 26.66 26.54 39.20
CA TRP E 293 27.89 27.32 39.28
C TRP E 293 27.75 28.74 38.76
N ILE E 294 26.74 29.02 37.94
CA ILE E 294 26.52 30.37 37.48
C ILE E 294 26.11 31.24 38.65
N ASN E 295 26.63 32.48 38.68
CA ASN E 295 26.38 33.36 39.80
C ASN E 295 24.89 33.58 40.00
N LYS E 296 24.50 33.72 41.27
CA LYS E 296 23.09 33.80 41.64
C LYS E 296 22.43 35.12 41.27
N ASP E 297 23.19 36.14 40.85
CA ASP E 297 22.58 37.41 40.51
C ASP E 297 21.93 37.39 39.13
N ALA E 298 22.50 36.65 38.19
CA ALA E 298 21.96 36.55 36.83
C ALA E 298 20.73 35.65 36.87
N VAL E 299 19.56 36.27 37.06
CA VAL E 299 18.30 35.54 37.17
C VAL E 299 17.90 35.00 35.80
N PRO E 300 17.78 35.84 34.78
CA PRO E 300 17.24 35.33 33.50
C PRO E 300 18.04 34.17 32.94
N ALA E 301 19.37 34.18 33.11
CA ALA E 301 20.17 33.09 32.60
C ALA E 301 19.76 31.76 33.23
N ARG E 302 19.65 31.75 34.56
CA ARG E 302 19.34 30.50 35.25
C ARG E 302 17.91 30.06 35.02
N THR E 303 16.97 31.01 34.94
CA THR E 303 15.60 30.65 34.62
C THR E 303 15.52 30.04 33.22
N SER E 304 16.23 30.63 32.25
CA SER E 304 16.24 30.07 30.90
C SER E 304 16.82 28.66 30.92
N LEU E 305 17.95 28.49 31.61
CA LEU E 305 18.52 27.16 31.82
C LEU E 305 17.43 26.19 32.26
N GLY E 306 16.78 26.50 33.37
CA GLY E 306 15.81 25.57 33.92
C GLY E 306 14.70 25.25 32.95
N ILE E 307 14.12 26.27 32.33
CA ILE E 307 12.90 26.04 31.56
C ILE E 307 13.21 25.31 30.26
N THR E 308 14.32 25.66 29.61
CA THR E 308 14.69 24.94 28.40
C THR E 308 15.12 23.51 28.70
N THR E 309 15.78 23.30 29.84
CA THR E 309 16.13 21.94 30.23
C THR E 309 14.88 21.10 30.48
N VAL E 310 13.87 21.69 31.13
CA VAL E 310 12.62 20.97 31.35
C VAL E 310 11.95 20.65 30.02
N LEU E 311 11.97 21.60 29.09
CA LEU E 311 11.35 21.36 27.80
C LEU E 311 12.01 20.20 27.07
N THR E 312 13.35 20.20 27.03
CA THR E 312 14.05 19.10 26.38
C THR E 312 13.80 17.79 27.11
N MET E 313 13.71 17.84 28.44
CA MET E 313 13.46 16.63 29.21
C MET E 313 12.12 16.02 28.86
N THR E 314 11.08 16.86 28.77
CA THR E 314 9.76 16.32 28.44
C THR E 314 9.71 15.83 27.00
N THR E 315 10.42 16.51 26.09
CA THR E 315 10.49 16.01 24.72
C THR E 315 11.14 14.64 24.66
N LEU E 316 12.24 14.46 25.39
CA LEU E 316 12.94 13.18 25.38
C LEU E 316 12.10 12.09 26.03
N SER E 317 11.37 12.42 27.09
CA SER E 317 10.48 11.44 27.70
C SER E 317 9.38 11.03 26.73
N THR E 318 8.80 12.00 26.01
CA THR E 318 7.80 11.68 25.01
C THR E 318 8.37 10.73 23.97
N ILE E 319 9.56 11.03 23.46
CA ILE E 319 10.16 10.17 22.44
C ILE E 319 10.39 8.77 22.99
N ALA E 320 11.01 8.68 24.17
CA ALA E 320 11.33 7.39 24.76
C ALA E 320 10.07 6.54 24.93
N ARG E 321 8.99 7.14 25.43
CA ARG E 321 7.75 6.38 25.57
C ARG E 321 7.13 6.06 24.22
N LYS E 322 7.36 6.90 23.21
CA LYS E 322 6.85 6.60 21.89
C LYS E 322 7.61 5.45 21.25
N SER E 323 8.80 5.14 21.76
CA SER E 323 9.56 4.00 21.25
C SER E 323 8.74 2.72 21.36
N LEU E 324 8.35 2.35 22.60
CA LEU E 324 7.63 1.12 22.86
C LEU E 324 6.12 1.38 22.91
N PRO E 325 5.29 0.33 22.83
CA PRO E 325 3.83 0.57 22.72
C PRO E 325 3.19 1.15 23.97
N LYS E 326 1.90 1.41 23.89
CA LYS E 326 1.14 1.94 25.01
C LYS E 326 0.87 0.82 26.01
N VAL E 327 1.53 0.89 27.16
CA VAL E 327 1.33 -0.06 28.25
C VAL E 327 1.00 0.73 29.51
N SER E 328 0.03 0.23 30.27
CA SER E 328 -0.49 0.97 31.41
C SER E 328 0.35 0.79 32.67
N TYR E 329 1.41 0.00 32.62
CA TYR E 329 2.30 -0.18 33.77
C TYR E 329 3.59 0.61 33.57
N VAL E 330 4.42 0.61 34.59
CA VAL E 330 5.65 1.40 34.62
C VAL E 330 6.80 0.49 34.24
N THR E 331 7.52 0.86 33.19
CA THR E 331 8.65 0.07 32.73
C THR E 331 9.91 0.53 33.47
N ALA E 332 11.07 0.10 33.01
CA ALA E 332 12.33 0.52 33.61
C ALA E 332 12.97 1.72 32.91
N MET E 333 12.51 2.06 31.70
CA MET E 333 13.03 3.21 30.98
C MET E 333 12.29 4.48 31.34
N ASP E 334 10.95 4.42 31.37
CA ASP E 334 10.18 5.58 31.75
C ASP E 334 10.42 5.94 33.22
N LEU E 335 10.72 4.94 34.06
CA LEU E 335 11.16 5.24 35.41
C LEU E 335 12.43 6.08 35.41
N PHE E 336 13.40 5.70 34.58
CA PHE E 336 14.64 6.46 34.50
C PHE E 336 14.39 7.89 34.04
N VAL E 337 13.59 8.06 32.98
CA VAL E 337 13.37 9.42 32.48
C VAL E 337 12.56 10.22 33.49
N SER E 338 11.73 9.55 34.29
CA SER E 338 10.98 10.25 35.33
C SER E 338 11.91 10.72 36.44
N VAL E 339 12.86 9.88 36.82
CA VAL E 339 13.82 10.30 37.85
C VAL E 339 14.65 11.47 37.34
N CYS E 340 15.06 11.43 36.07
CA CYS E 340 15.82 12.55 35.52
C CYS E 340 14.96 13.82 35.50
N PHE E 341 13.69 13.69 35.12
CA PHE E 341 12.79 14.83 35.14
C PHE E 341 12.72 15.41 36.55
N ILE E 342 12.57 14.54 37.55
CA ILE E 342 12.50 14.99 38.94
C ILE E 342 13.76 15.75 39.31
N PHE E 343 14.93 15.21 38.93
CA PHE E 343 16.19 15.89 39.21
C PHE E 343 16.18 17.30 38.64
N VAL E 344 15.81 17.45 37.37
CA VAL E 344 15.84 18.77 36.75
C VAL E 344 14.85 19.71 37.43
N PHE E 345 13.66 19.21 37.75
CA PHE E 345 12.65 20.05 38.38
C PHE E 345 13.10 20.45 39.78
N SER E 346 13.85 19.59 40.45
CA SER E 346 14.30 19.89 41.80
C SER E 346 15.44 20.90 41.76
N ALA E 347 16.28 20.85 40.72
CA ALA E 347 17.29 21.88 40.57
C ALA E 347 16.67 23.23 40.29
N LEU E 348 15.56 23.25 39.56
CA LEU E 348 14.94 24.53 39.23
C LEU E 348 14.23 25.12 40.44
N VAL E 349 13.48 24.29 41.18
CA VAL E 349 12.84 24.82 42.39
C VAL E 349 13.90 25.19 43.42
N GLU E 350 15.03 24.49 43.42
CA GLU E 350 16.12 24.84 44.32
C GLU E 350 16.66 26.23 44.01
N TYR E 351 16.88 26.53 42.73
CA TYR E 351 17.32 27.88 42.40
C TYR E 351 16.24 28.91 42.74
N GLY E 352 14.98 28.55 42.56
CA GLY E 352 13.91 29.46 42.92
C GLY E 352 13.94 29.83 44.39
N THR E 353 14.05 28.82 45.25
CA THR E 353 14.14 29.09 46.69
C THR E 353 15.42 29.85 47.03
N LEU E 354 16.51 29.56 46.33
CA LEU E 354 17.75 30.29 46.57
C LEU E 354 17.56 31.78 46.27
N HIS E 355 16.96 32.09 45.13
CA HIS E 355 16.75 33.50 44.76
C HIS E 355 15.78 34.17 45.71
N TYR E 356 14.77 33.42 46.18
CA TYR E 356 13.82 34.01 47.13
C TYR E 356 14.50 34.30 48.46
N PHE E 357 15.40 33.42 48.89
CA PHE E 357 16.10 33.57 50.17
C PHE E 357 17.23 34.59 50.12
N VAL E 358 17.76 34.91 48.93
CA VAL E 358 18.80 35.94 48.85
C VAL E 358 18.26 37.25 49.43
N SER E 359 17.01 37.58 49.15
CA SER E 359 16.42 38.79 49.70
C SER E 359 16.24 38.70 51.21
N SER E 360 15.92 37.51 51.71
CA SER E 360 15.69 37.34 53.15
C SER E 360 17.01 37.19 53.91
N GLN E 361 17.71 36.07 53.72
CA GLN E 361 18.96 35.80 54.43
C GLN E 361 20.00 35.29 53.43
N PRO E 362 20.87 36.16 52.92
CA PRO E 362 21.92 35.68 52.01
C PRO E 362 22.74 34.53 52.57
N ALA E 363 22.85 34.41 53.91
CA ALA E 363 23.61 33.31 54.49
C ALA E 363 23.14 31.97 53.95
N ARG E 364 21.83 31.71 54.06
CA ARG E 364 21.29 30.43 53.59
C ARG E 364 21.32 30.33 52.08
N ALA E 365 21.22 31.47 51.38
CA ALA E 365 21.18 31.43 49.92
C ALA E 365 22.56 31.13 49.36
N ALA E 366 23.61 31.43 50.13
CA ALA E 366 24.99 31.24 49.75
C ALA E 366 25.42 29.82 50.11
N LYS E 367 25.07 29.39 51.33
CA LYS E 367 25.39 28.03 51.76
C LYS E 367 24.64 26.99 50.93
N MET E 368 23.40 27.29 50.51
CA MET E 368 22.61 26.34 49.76
C MET E 368 23.25 25.99 48.42
N ASP E 369 23.85 26.97 47.75
CA ASP E 369 24.47 26.69 46.46
C ASP E 369 25.59 25.66 46.60
N SER E 370 26.52 25.89 47.53
CA SER E 370 27.62 24.96 47.71
C SER E 370 27.14 23.63 48.27
N TYR E 371 26.04 23.63 49.02
CA TYR E 371 25.48 22.36 49.48
C TYR E 371 24.94 21.54 48.30
N ALA E 372 24.21 22.19 47.40
CA ALA E 372 23.63 21.50 46.27
C ALA E 372 24.72 21.01 45.32
N ARG E 373 25.79 21.80 45.14
CA ARG E 373 26.84 21.40 44.23
C ARG E 373 27.40 20.03 44.58
N ILE E 374 27.32 19.63 45.84
CA ILE E 374 27.83 18.34 46.27
C ILE E 374 26.68 17.34 46.38
N PHE E 375 25.50 17.82 46.79
CA PHE E 375 24.39 16.91 47.05
C PHE E 375 23.80 16.34 45.77
N PHE E 376 23.83 17.09 44.67
CA PHE E 376 23.15 16.61 43.46
C PHE E 376 23.94 15.50 42.77
N PRO E 377 25.21 15.67 42.42
CA PRO E 377 25.92 14.58 41.73
C PRO E 377 26.01 13.32 42.56
N THR E 378 26.14 13.44 43.88
CA THR E 378 26.17 12.25 44.73
C THR E 378 24.84 11.51 44.67
N ALA E 379 23.74 12.25 44.79
CA ALA E 379 22.43 11.62 44.73
C ALA E 379 22.18 10.98 43.36
N PHE E 380 22.76 11.54 42.31
CA PHE E 380 22.53 10.97 40.99
C PHE E 380 23.36 9.71 40.81
N CYS E 381 24.62 9.73 41.24
CA CYS E 381 25.44 8.53 41.23
C CYS E 381 24.75 7.41 42.00
N LEU E 382 24.27 7.73 43.22
CA LEU E 382 23.56 6.74 44.02
C LEU E 382 22.37 6.16 43.26
N PHE E 383 21.50 7.04 42.74
CA PHE E 383 20.34 6.57 41.98
C PHE E 383 20.78 5.62 40.88
N ASN E 384 21.74 6.06 40.05
CA ASN E 384 22.21 5.22 38.95
C ASN E 384 22.63 3.86 39.47
N LEU E 385 23.63 3.84 40.36
CA LEU E 385 24.13 2.59 40.92
C LEU E 385 22.97 1.68 41.29
N VAL E 386 22.09 2.15 42.18
CA VAL E 386 20.96 1.34 42.63
C VAL E 386 20.21 0.76 41.42
N TYR E 387 19.66 1.65 40.59
CA TYR E 387 18.90 1.26 39.41
C TYR E 387 19.60 0.17 38.60
N TRP E 388 20.81 0.49 38.11
CA TRP E 388 21.53 -0.42 37.25
C TRP E 388 21.77 -1.77 37.92
N VAL E 389 22.33 -1.77 39.12
CA VAL E 389 22.62 -3.03 39.79
C VAL E 389 21.34 -3.85 39.92
N SER E 390 20.28 -3.23 40.45
CA SER E 390 19.02 -3.94 40.65
C SER E 390 18.54 -4.59 39.36
N TYR E 391 18.43 -3.81 38.29
CA TYR E 391 17.87 -4.35 37.06
C TYR E 391 18.79 -5.39 36.42
N LEU E 392 20.10 -5.20 36.54
CA LEU E 392 21.02 -6.18 35.96
C LEU E 392 20.97 -7.50 36.70
N TYR E 393 20.66 -7.47 38.00
CA TYR E 393 20.49 -8.71 38.75
C TYR E 393 19.11 -9.29 38.57
N LEU E 394 18.10 -8.45 38.32
CA LEU E 394 16.73 -8.90 38.15
C LEU E 394 16.55 -9.51 36.77
N ASN F 1 -44.75 17.16 -1.67
CA ASN F 1 -45.39 17.62 -2.94
C ASN F 1 -44.52 18.66 -3.63
N ILE F 2 -44.10 18.35 -4.85
CA ILE F 2 -43.29 19.23 -5.66
C ILE F 2 -44.24 19.92 -6.63
N VAL F 3 -44.41 21.21 -6.47
CA VAL F 3 -45.33 21.98 -7.31
C VAL F 3 -44.60 22.45 -8.56
N MET F 4 -45.29 22.39 -9.69
CA MET F 4 -44.74 22.79 -10.98
C MET F 4 -45.56 23.96 -11.49
N THR F 5 -44.95 25.14 -11.52
CA THR F 5 -45.59 26.34 -12.06
C THR F 5 -45.26 26.43 -13.54
N GLN F 6 -46.27 26.22 -14.38
CA GLN F 6 -46.11 26.27 -15.82
C GLN F 6 -46.63 27.59 -16.36
N SER F 7 -45.80 28.26 -17.17
CA SER F 7 -46.13 29.56 -17.73
C SER F 7 -45.85 29.56 -19.22
N PRO F 8 -46.60 30.35 -20.02
CA PRO F 8 -47.72 31.20 -19.63
C PRO F 8 -49.04 30.45 -19.61
N LYS F 9 -50.05 30.99 -18.92
CA LYS F 9 -51.30 30.27 -18.78
C LYS F 9 -52.02 30.10 -20.11
N SER F 10 -51.85 31.02 -21.03
CA SER F 10 -52.51 30.93 -22.33
C SER F 10 -51.84 31.90 -23.29
N MET F 11 -51.38 31.39 -24.43
CA MET F 11 -50.71 32.22 -25.41
C MET F 11 -51.11 31.78 -26.80
N SER F 12 -51.11 32.72 -27.73
CA SER F 12 -51.59 32.50 -29.09
C SER F 12 -50.52 32.94 -30.07
N MET F 13 -50.16 32.05 -31.00
CA MET F 13 -49.17 32.34 -32.02
C MET F 13 -49.67 31.81 -33.36
N SER F 14 -49.32 32.52 -34.42
CA SER F 14 -49.74 32.14 -35.76
C SER F 14 -48.89 30.95 -36.22
N VAL F 15 -49.01 30.57 -37.49
CA VAL F 15 -48.36 29.38 -37.99
C VAL F 15 -46.99 29.74 -38.55
N GLY F 16 -45.96 29.03 -38.11
CA GLY F 16 -44.63 29.17 -38.66
C GLY F 16 -43.61 29.86 -37.79
N GLU F 17 -43.88 30.07 -36.50
CA GLU F 17 -42.96 30.75 -35.61
C GLU F 17 -42.59 29.86 -34.44
N ARG F 18 -41.37 30.07 -33.94
CA ARG F 18 -40.88 29.31 -32.80
C ARG F 18 -41.58 29.78 -31.53
N VAL F 19 -42.15 28.83 -30.79
CA VAL F 19 -42.83 29.08 -29.54
C VAL F 19 -42.13 28.31 -28.43
N THR F 20 -41.98 28.96 -27.28
CA THR F 20 -41.27 28.40 -26.14
C THR F 20 -42.18 28.40 -24.92
N LEU F 21 -42.42 27.22 -24.36
CA LEU F 21 -43.14 27.08 -23.11
C LEU F 21 -42.16 26.78 -21.98
N SER F 22 -42.48 27.26 -20.79
CA SER F 22 -41.62 27.09 -19.63
C SER F 22 -42.35 26.40 -18.50
N CYS F 23 -41.61 25.64 -17.71
CA CYS F 23 -42.14 24.91 -16.57
C CYS F 23 -41.04 24.85 -15.53
N LYS F 24 -41.21 25.56 -14.42
CA LYS F 24 -40.20 25.64 -13.38
C LYS F 24 -40.69 24.90 -12.15
N ALA F 25 -39.89 23.97 -11.65
CA ALA F 25 -40.27 23.20 -10.49
C ALA F 25 -39.96 23.97 -9.20
N SER F 26 -40.35 23.40 -8.07
CA SER F 26 -40.05 23.97 -6.77
C SER F 26 -38.78 23.37 -6.17
N GLU F 27 -38.76 22.06 -5.99
CA GLU F 27 -37.60 21.36 -5.47
C GLU F 27 -36.74 20.88 -6.63
N TYR F 28 -35.79 20.00 -6.31
CA TYR F 28 -34.95 19.39 -7.34
C TYR F 28 -35.71 18.28 -8.04
N VAL F 29 -35.74 18.33 -9.36
CA VAL F 29 -36.24 17.22 -10.17
C VAL F 29 -35.26 17.06 -11.32
N GLY F 30 -34.36 16.10 -11.23
CA GLY F 30 -33.26 16.07 -12.17
C GLY F 30 -33.59 15.35 -13.46
N THR F 31 -33.96 16.11 -14.48
CA THR F 31 -34.26 15.54 -15.80
C THR F 31 -35.29 14.44 -15.73
N TYR F 32 -36.33 14.65 -14.92
CA TYR F 32 -37.40 13.68 -14.73
C TYR F 32 -38.74 14.35 -14.95
N VAL F 33 -38.81 15.26 -15.92
CA VAL F 33 -40.03 15.99 -16.23
C VAL F 33 -40.42 15.69 -17.67
N SER F 34 -41.64 15.18 -17.85
CA SER F 34 -42.18 14.85 -19.16
C SER F 34 -43.22 15.87 -19.58
N TRP F 35 -43.41 15.98 -20.90
CA TRP F 35 -44.33 16.92 -21.52
C TRP F 35 -45.42 16.17 -22.29
N TYR F 36 -46.68 16.46 -21.98
CA TYR F 36 -47.81 15.82 -22.60
C TYR F 36 -48.61 16.82 -23.42
N GLN F 37 -49.21 16.33 -24.50
CA GLN F 37 -50.05 17.14 -25.39
C GLN F 37 -51.46 16.56 -25.35
N GLN F 38 -52.40 17.31 -24.79
CA GLN F 38 -53.79 16.86 -24.68
C GLN F 38 -54.66 17.68 -25.61
N LYS F 39 -54.99 17.13 -26.77
CA LYS F 39 -55.96 17.75 -27.64
C LYS F 39 -57.35 17.64 -27.01
N PRO F 40 -58.30 18.45 -27.45
CA PRO F 40 -59.65 18.38 -26.88
C PRO F 40 -60.28 17.01 -27.07
N GLU F 41 -61.15 16.65 -26.12
CA GLU F 41 -61.84 15.36 -26.10
C GLU F 41 -60.89 14.19 -26.35
N GLN F 42 -59.64 14.31 -25.89
CA GLN F 42 -58.65 13.27 -26.09
C GLN F 42 -57.83 13.11 -24.81
N SER F 43 -57.21 11.94 -24.69
CA SER F 43 -56.31 11.69 -23.57
C SER F 43 -54.93 12.26 -23.86
N PRO F 44 -54.18 12.63 -22.82
CA PRO F 44 -52.85 13.22 -23.05
C PRO F 44 -51.94 12.25 -23.78
N LYS F 45 -51.09 12.81 -24.65
CA LYS F 45 -50.11 12.04 -25.39
C LYS F 45 -48.72 12.49 -24.97
N LEU F 46 -47.87 11.54 -24.60
CA LEU F 46 -46.52 11.87 -24.18
C LEU F 46 -45.71 12.39 -25.36
N LEU F 47 -45.11 13.57 -25.18
CA LEU F 47 -44.24 14.17 -26.19
C LEU F 47 -42.75 14.04 -25.85
N ILE F 48 -42.36 14.52 -24.68
CA ILE F 48 -40.96 14.60 -24.29
C ILE F 48 -40.80 13.92 -22.94
N TYR F 49 -40.23 12.73 -22.93
CA TYR F 49 -39.92 12.06 -21.67
C TYR F 49 -38.49 12.39 -21.25
N GLY F 50 -38.13 11.97 -20.05
CA GLY F 50 -36.85 12.38 -19.51
C GLY F 50 -36.88 13.89 -19.32
N ALA F 51 -35.95 14.58 -19.94
CA ALA F 51 -35.99 16.04 -20.04
C ALA F 51 -36.02 16.51 -21.48
N SER F 52 -35.15 15.95 -22.31
CA SER F 52 -35.10 16.25 -23.74
C SER F 52 -34.96 14.92 -24.47
N ASN F 53 -36.10 14.30 -24.79
CA ASN F 53 -36.10 13.01 -25.45
C ASN F 53 -37.46 12.88 -26.14
N ARG F 54 -37.46 12.90 -27.47
CA ARG F 54 -38.74 12.82 -28.18
C ARG F 54 -39.27 11.39 -28.10
N TYR F 55 -40.55 11.28 -27.75
CA TYR F 55 -41.17 9.97 -27.75
C TYR F 55 -41.34 9.47 -29.18
N THR F 56 -41.38 8.15 -29.33
CA THR F 56 -41.42 7.53 -30.65
C THR F 56 -42.72 7.89 -31.36
N GLY F 57 -42.62 8.76 -32.37
CA GLY F 57 -43.79 9.18 -33.12
C GLY F 57 -44.06 10.68 -32.98
N VAL F 58 -43.13 11.40 -32.38
CA VAL F 58 -43.27 12.83 -32.16
C VAL F 58 -42.52 13.57 -33.27
N PRO F 59 -43.11 14.58 -33.90
CA PRO F 59 -42.38 15.31 -34.94
C PRO F 59 -41.13 15.97 -34.37
N ASP F 60 -40.25 16.37 -35.29
CA ASP F 60 -38.95 16.91 -34.90
C ASP F 60 -39.00 18.38 -34.48
N ARG F 61 -40.16 19.00 -34.48
CA ARG F 61 -40.23 20.40 -34.06
C ARG F 61 -40.33 20.53 -32.55
N PHE F 62 -40.85 19.52 -31.88
CA PHE F 62 -40.89 19.48 -30.42
C PHE F 62 -39.52 19.07 -29.89
N THR F 63 -38.94 19.91 -29.04
CA THR F 63 -37.71 19.54 -28.36
C THR F 63 -37.68 20.18 -26.98
N GLY F 64 -37.09 19.46 -26.03
CA GLY F 64 -37.08 19.89 -24.65
C GLY F 64 -35.71 20.34 -24.20
N SER F 65 -35.66 21.08 -23.11
CA SER F 65 -34.40 21.56 -22.54
C SER F 65 -34.48 21.43 -21.03
N GLY F 66 -33.57 20.65 -20.45
CA GLY F 66 -33.65 20.28 -19.06
C GLY F 66 -32.66 21.00 -18.17
N SER F 67 -32.91 20.89 -16.87
CA SER F 67 -32.05 21.43 -15.84
C SER F 67 -32.45 20.77 -14.52
N ALA F 68 -31.99 21.34 -13.41
CA ALA F 68 -32.41 20.82 -12.11
C ALA F 68 -33.80 21.30 -11.75
N THR F 69 -34.12 22.56 -12.03
CA THR F 69 -35.40 23.16 -11.66
C THR F 69 -36.18 23.69 -12.86
N ASP F 70 -35.55 24.44 -13.75
CA ASP F 70 -36.25 25.09 -14.85
C ASP F 70 -36.18 24.25 -16.12
N PHE F 71 -37.32 24.14 -16.80
CA PHE F 71 -37.42 23.35 -18.02
C PHE F 71 -38.21 24.11 -19.07
N THR F 72 -37.88 23.89 -20.34
CA THR F 72 -38.55 24.53 -21.45
C THR F 72 -38.96 23.52 -22.50
N LEU F 73 -39.99 23.85 -23.27
CA LEU F 73 -40.43 23.07 -24.41
C LEU F 73 -40.58 24.00 -25.59
N THR F 74 -39.83 23.75 -26.66
CA THR F 74 -39.80 24.61 -27.83
C THR F 74 -40.44 23.90 -29.01
N ILE F 75 -41.33 24.60 -29.70
CA ILE F 75 -41.96 24.11 -30.93
C ILE F 75 -41.52 25.07 -32.03
N GLY F 76 -40.55 24.65 -32.84
CA GLY F 76 -40.15 25.45 -33.99
C GLY F 76 -41.12 25.25 -35.14
N SER F 77 -41.62 26.35 -35.69
CA SER F 77 -42.51 26.33 -36.85
C SER F 77 -43.75 25.50 -36.56
N VAL F 78 -44.56 26.02 -35.64
CA VAL F 78 -45.79 25.34 -35.27
C VAL F 78 -46.68 25.14 -36.49
N GLN F 79 -47.41 24.04 -36.51
CA GLN F 79 -48.39 23.73 -37.55
C GLN F 79 -49.79 24.10 -37.07
N ALA F 80 -50.79 23.74 -37.85
CA ALA F 80 -52.18 24.00 -37.47
C ALA F 80 -52.73 22.97 -36.49
N GLU F 81 -52.12 21.80 -36.40
CA GLU F 81 -52.59 20.73 -35.54
C GLU F 81 -51.92 20.73 -34.18
N ASP F 82 -50.96 21.62 -33.96
CA ASP F 82 -50.25 21.71 -32.69
C ASP F 82 -51.03 22.47 -31.63
N LEU F 83 -52.30 22.77 -31.88
CA LEU F 83 -53.12 23.54 -30.94
C LEU F 83 -53.75 22.59 -29.94
N ALA F 84 -53.25 22.61 -28.70
CA ALA F 84 -53.76 21.72 -27.67
C ALA F 84 -53.30 22.25 -26.32
N ASP F 85 -53.57 21.48 -25.27
CA ASP F 85 -53.02 21.75 -23.95
C ASP F 85 -51.65 21.09 -23.84
N TYR F 86 -50.76 21.73 -23.09
CA TYR F 86 -49.39 21.24 -22.94
C TYR F 86 -49.08 21.21 -21.45
N HIS F 87 -48.98 20.00 -20.90
CA HIS F 87 -48.80 19.79 -19.47
C HIS F 87 -47.39 19.30 -19.20
N CYS F 88 -46.71 19.95 -18.27
CA CYS F 88 -45.44 19.45 -17.75
C CYS F 88 -45.70 18.71 -16.44
N GLY F 89 -45.00 17.60 -16.26
CA GLY F 89 -45.16 16.81 -15.06
C GLY F 89 -43.88 16.16 -14.59
N GLN F 90 -43.51 16.38 -13.34
CA GLN F 90 -42.32 15.76 -12.79
C GLN F 90 -42.62 14.33 -12.36
N SER F 91 -41.57 13.52 -12.27
CA SER F 91 -41.69 12.16 -11.80
C SER F 91 -40.57 11.77 -10.84
N TYR F 92 -39.69 12.70 -10.48
CA TYR F 92 -38.62 12.39 -9.54
C TYR F 92 -39.17 11.92 -8.21
N SER F 93 -40.31 12.45 -7.80
CA SER F 93 -41.09 11.96 -6.67
C SER F 93 -42.45 11.53 -7.20
N TYR F 94 -43.39 11.33 -6.29
CA TYR F 94 -44.76 11.05 -6.69
C TYR F 94 -45.25 12.11 -7.67
N PRO F 95 -45.84 11.71 -8.80
CA PRO F 95 -46.05 12.65 -9.91
C PRO F 95 -47.01 13.78 -9.56
N THR F 96 -46.58 15.01 -9.86
CA THR F 96 -47.41 16.21 -9.74
C THR F 96 -47.33 16.98 -11.04
N PHE F 97 -48.48 17.27 -11.65
CA PHE F 97 -48.52 17.90 -12.96
C PHE F 97 -48.63 19.41 -12.82
N GLY F 98 -48.37 20.10 -13.94
CA GLY F 98 -48.55 21.54 -14.01
C GLY F 98 -49.95 21.90 -14.46
N ALA F 99 -50.25 23.20 -14.37
CA ALA F 99 -51.59 23.68 -14.72
C ALA F 99 -51.88 23.62 -16.22
N GLY F 100 -50.85 23.56 -17.05
CA GLY F 100 -51.07 23.50 -18.49
C GLY F 100 -51.20 24.87 -19.11
N THR F 101 -50.86 24.94 -20.39
CA THR F 101 -50.92 26.18 -21.17
C THR F 101 -51.79 25.98 -22.40
N LYS F 102 -52.79 26.84 -22.56
CA LYS F 102 -53.63 26.83 -23.75
C LYS F 102 -52.87 27.45 -24.92
N LEU F 103 -52.72 26.70 -26.00
CA LEU F 103 -52.09 27.17 -27.23
C LEU F 103 -53.19 27.44 -28.25
N GLU F 104 -53.31 28.69 -28.70
CA GLU F 104 -54.34 29.09 -29.63
C GLU F 104 -53.71 29.76 -30.85
N LEU F 105 -54.56 30.00 -31.85
CA LEU F 105 -54.15 30.73 -33.05
C LEU F 105 -55.04 31.94 -33.23
N VAL G 2 -50.14 -1.83 -24.83
CA VAL G 2 -50.24 -1.03 -26.03
C VAL G 2 -51.63 -0.40 -26.13
N GLN G 3 -52.56 -0.89 -25.33
CA GLN G 3 -53.92 -0.37 -25.33
C GLN G 3 -54.52 -0.54 -23.94
N LEU G 4 -54.82 0.58 -23.28
CA LEU G 4 -55.44 0.58 -21.96
C LEU G 4 -56.91 0.94 -22.15
N GLN G 5 -57.78 -0.07 -22.11
CA GLN G 5 -59.21 0.12 -22.34
C GLN G 5 -59.90 0.26 -20.99
N GLN G 6 -60.52 1.42 -20.78
CA GLN G 6 -61.21 1.70 -19.53
C GLN G 6 -62.68 1.32 -19.66
N SER G 7 -63.44 1.48 -18.59
CA SER G 7 -64.85 1.18 -18.62
C SER G 7 -65.62 2.37 -19.20
N GLY G 8 -66.95 2.33 -19.14
CA GLY G 8 -67.77 3.40 -19.65
C GLY G 8 -68.08 4.45 -18.60
N ALA G 9 -68.75 5.51 -19.04
CA ALA G 9 -69.12 6.56 -18.11
C ALA G 9 -70.18 6.05 -17.14
N GLU G 10 -70.51 6.87 -16.15
CA GLU G 10 -71.53 6.48 -15.19
C GLU G 10 -72.11 7.73 -14.54
N LEU G 11 -73.40 7.66 -14.22
CA LEU G 11 -74.13 8.72 -13.55
C LEU G 11 -74.64 8.17 -12.22
N VAL G 12 -74.09 8.68 -11.12
CA VAL G 12 -74.41 8.13 -9.80
C VAL G 12 -74.95 9.24 -8.91
N LYS G 13 -75.68 8.83 -7.90
CA LYS G 13 -76.24 9.77 -6.93
C LYS G 13 -75.18 10.14 -5.88
N PRO G 14 -75.15 11.40 -5.43
CA PRO G 14 -74.17 11.78 -4.41
C PRO G 14 -74.30 10.92 -3.16
N GLY G 15 -73.16 10.45 -2.67
CA GLY G 15 -73.11 9.57 -1.53
C GLY G 15 -72.86 8.12 -1.86
N ALA G 16 -72.93 7.74 -3.14
CA ALA G 16 -72.74 6.36 -3.55
C ALA G 16 -71.24 6.08 -3.72
N SER G 17 -70.92 4.88 -4.21
CA SER G 17 -69.54 4.48 -4.46
C SER G 17 -69.44 3.85 -5.85
N VAL G 18 -68.36 4.16 -6.55
CA VAL G 18 -68.15 3.67 -7.91
C VAL G 18 -66.82 2.91 -7.96
N LYS G 19 -66.73 2.00 -8.94
CA LYS G 19 -65.54 1.18 -9.14
C LYS G 19 -65.24 1.14 -10.63
N LEU G 20 -64.24 1.90 -11.05
CA LEU G 20 -63.85 1.94 -12.45
C LEU G 20 -63.01 0.71 -12.80
N SER G 21 -62.60 0.62 -14.07
CA SER G 21 -61.87 -0.55 -14.55
C SER G 21 -60.94 -0.13 -15.68
N CYS G 22 -59.75 -0.73 -15.70
CA CYS G 22 -58.71 -0.40 -16.68
C CYS G 22 -58.07 -1.71 -17.15
N THR G 23 -58.63 -2.28 -18.22
CA THR G 23 -58.12 -3.53 -18.77
C THR G 23 -56.90 -3.25 -19.65
N ALA G 24 -55.76 -3.85 -19.29
CA ALA G 24 -54.56 -3.73 -20.09
C ALA G 24 -54.54 -4.76 -21.21
N SER G 25 -54.03 -4.36 -22.36
CA SER G 25 -53.93 -5.24 -23.53
C SER G 25 -52.61 -4.97 -24.24
N GLY G 26 -51.76 -5.99 -24.33
CA GLY G 26 -50.47 -5.86 -24.96
C GLY G 26 -49.29 -5.93 -24.03
N PHE G 27 -49.53 -6.07 -22.73
CA PHE G 27 -48.45 -6.19 -21.75
C PHE G 27 -49.05 -6.75 -20.48
N ASN G 28 -48.18 -7.03 -19.51
CA ASN G 28 -48.59 -7.52 -18.20
C ASN G 28 -48.44 -6.41 -17.19
N ILE G 29 -49.50 -6.16 -16.42
CA ILE G 29 -49.45 -5.09 -15.43
C ILE G 29 -48.46 -5.40 -14.33
N LYS G 30 -48.04 -6.65 -14.19
CA LYS G 30 -47.06 -7.01 -13.18
C LYS G 30 -45.66 -6.58 -13.55
N ASP G 31 -45.46 -5.96 -14.70
CA ASP G 31 -44.15 -5.50 -15.13
C ASP G 31 -43.91 -4.04 -14.76
N THR G 32 -44.93 -3.20 -14.85
CA THR G 32 -44.82 -1.77 -14.59
C THR G 32 -45.80 -1.39 -13.49
N TYR G 33 -45.84 -0.10 -13.17
CA TYR G 33 -46.81 0.44 -12.24
C TYR G 33 -48.07 0.82 -13.02
N MET G 34 -49.11 1.24 -12.28
CA MET G 34 -50.34 1.71 -12.90
C MET G 34 -50.82 2.94 -12.13
N TYR G 35 -50.94 4.06 -12.83
CA TYR G 35 -51.37 5.32 -12.25
C TYR G 35 -52.82 5.60 -12.58
N TRP G 36 -53.50 6.31 -11.68
CA TRP G 36 -54.86 6.79 -11.89
C TRP G 36 -54.84 8.30 -11.74
N VAL G 37 -55.19 9.01 -12.81
CA VAL G 37 -55.14 10.46 -12.87
C VAL G 37 -56.56 10.98 -13.07
N LYS G 38 -56.88 12.09 -12.41
CA LYS G 38 -58.19 12.72 -12.51
C LYS G 38 -58.04 14.13 -13.05
N GLN G 39 -58.85 14.49 -14.03
CA GLN G 39 -58.84 15.83 -14.61
C GLN G 39 -60.24 16.43 -14.51
N ARG G 40 -60.39 17.46 -13.70
CA ARG G 40 -61.62 18.23 -13.72
C ARG G 40 -61.69 19.04 -15.02
N PRO G 41 -62.89 19.46 -15.41
CA PRO G 41 -63.02 20.22 -16.66
C PRO G 41 -62.18 21.50 -16.64
N GLU G 42 -61.62 21.85 -17.79
CA GLU G 42 -60.85 23.08 -17.99
C GLU G 42 -59.81 23.28 -16.89
N GLN G 43 -59.31 22.20 -16.31
CA GLN G 43 -58.29 22.30 -15.26
C GLN G 43 -57.16 21.32 -15.57
N GLY G 44 -56.12 21.39 -14.74
CA GLY G 44 -54.96 20.56 -14.93
C GLY G 44 -55.12 19.16 -14.37
N LEU G 45 -54.22 18.28 -14.81
CA LEU G 45 -54.23 16.90 -14.37
C LEU G 45 -53.91 16.81 -12.89
N GLU G 46 -54.44 15.77 -12.24
CA GLU G 46 -54.21 15.55 -10.82
C GLU G 46 -53.95 14.08 -10.57
N TRP G 47 -52.95 13.80 -9.74
CA TRP G 47 -52.57 12.43 -9.42
C TRP G 47 -53.45 11.91 -8.29
N ILE G 48 -53.98 10.70 -8.45
CA ILE G 48 -54.83 10.10 -7.44
C ILE G 48 -54.02 9.06 -6.68
N GLY G 49 -53.53 8.05 -7.39
CA GLY G 49 -52.83 6.98 -6.73
C GLY G 49 -51.81 6.26 -7.59
N ARG G 50 -51.43 5.06 -7.14
CA ARG G 50 -50.37 4.29 -7.77
C ARG G 50 -50.41 2.88 -7.21
N ILE G 51 -50.30 1.86 -8.06
CA ILE G 51 -50.27 0.49 -7.57
C ILE G 51 -49.19 -0.28 -8.32
N ASP G 52 -48.46 -1.10 -7.57
CA ASP G 52 -47.43 -1.98 -8.11
C ASP G 52 -48.00 -3.40 -8.16
N PRO G 53 -48.56 -3.81 -9.30
CA PRO G 53 -49.29 -5.10 -9.32
C PRO G 53 -48.41 -6.30 -9.02
N ALA G 54 -47.08 -6.17 -9.10
CA ALA G 54 -46.22 -7.30 -8.77
C ALA G 54 -46.21 -7.56 -7.27
N ASN G 55 -46.24 -6.50 -6.47
CA ASN G 55 -46.25 -6.59 -5.03
C ASN G 55 -47.62 -6.37 -4.43
N GLY G 56 -48.26 -5.25 -4.78
CA GLY G 56 -49.59 -4.92 -4.27
C GLY G 56 -49.64 -3.64 -3.48
N ASP G 57 -48.51 -3.04 -3.13
CA ASP G 57 -48.55 -1.82 -2.34
C ASP G 57 -49.07 -0.66 -3.18
N THR G 58 -49.59 0.36 -2.48
CA THR G 58 -50.18 1.51 -3.13
C THR G 58 -49.78 2.78 -2.41
N LYS G 59 -49.64 3.86 -3.18
CA LYS G 59 -49.44 5.20 -2.66
C LYS G 59 -50.50 6.11 -3.24
N TYR G 60 -51.18 6.86 -2.38
CA TYR G 60 -52.21 7.79 -2.80
C TYR G 60 -51.78 9.22 -2.51
N ASP G 61 -52.41 10.15 -3.23
CA ASP G 61 -52.18 11.55 -2.97
C ASP G 61 -52.75 11.87 -1.59
N PRO G 62 -52.07 12.71 -0.79
CA PRO G 62 -52.58 12.97 0.56
C PRO G 62 -54.00 13.52 0.58
N LYS G 63 -54.49 14.08 -0.52
CA LYS G 63 -55.85 14.59 -0.57
C LYS G 63 -56.83 13.56 -1.13
N PHE G 64 -56.36 12.36 -1.49
CA PHE G 64 -57.23 11.30 -1.95
C PHE G 64 -57.13 10.06 -1.07
N GLN G 65 -56.50 10.17 0.10
CA GLN G 65 -56.32 9.01 0.96
C GLN G 65 -57.59 8.73 1.74
N GLY G 66 -58.02 7.47 1.71
CA GLY G 66 -59.25 7.05 2.33
C GLY G 66 -60.45 7.17 1.41
N LYS G 67 -60.44 8.16 0.50
CA LYS G 67 -61.54 8.34 -0.42
C LYS G 67 -61.44 7.38 -1.61
N ALA G 68 -60.22 7.06 -2.05
CA ALA G 68 -60.00 6.18 -3.18
C ALA G 68 -59.22 4.95 -2.73
N THR G 69 -59.37 3.87 -3.50
CA THR G 69 -58.63 2.64 -3.26
C THR G 69 -58.36 1.96 -4.59
N ILE G 70 -57.10 1.73 -4.90
CA ILE G 70 -56.68 1.13 -6.16
C ILE G 70 -56.32 -0.33 -5.90
N THR G 71 -56.79 -1.22 -6.76
CA THR G 71 -56.48 -2.63 -6.65
C THR G 71 -56.50 -3.24 -8.04
N THR G 72 -55.66 -4.26 -8.23
CA THR G 72 -55.49 -4.90 -9.51
C THR G 72 -55.89 -6.36 -9.44
N ASP G 73 -56.22 -6.91 -10.61
CA ASP G 73 -56.51 -8.33 -10.79
C ASP G 73 -55.53 -8.82 -11.85
N THR G 74 -54.44 -9.45 -11.41
CA THR G 74 -53.41 -9.90 -12.34
C THR G 74 -53.83 -11.09 -13.17
N PHE G 75 -55.03 -11.64 -12.94
CA PHE G 75 -55.51 -12.74 -13.78
C PHE G 75 -56.09 -12.22 -15.08
N SER G 76 -57.01 -11.25 -14.99
CA SER G 76 -57.56 -10.60 -16.17
C SER G 76 -56.74 -9.40 -16.61
N ASN G 77 -55.65 -9.07 -15.92
CA ASN G 77 -54.78 -7.97 -16.33
C ASN G 77 -55.55 -6.65 -16.27
N THR G 78 -56.19 -6.41 -15.14
CA THR G 78 -57.03 -5.23 -14.95
C THR G 78 -56.60 -4.47 -13.70
N ALA G 79 -57.06 -3.22 -13.62
CA ALA G 79 -56.77 -2.35 -12.49
C ALA G 79 -58.03 -1.55 -12.17
N TYR G 80 -58.42 -1.55 -10.90
CA TYR G 80 -59.66 -0.95 -10.47
C TYR G 80 -59.40 0.22 -9.53
N LEU G 81 -60.30 1.21 -9.59
CA LEU G 81 -60.26 2.38 -8.73
C LEU G 81 -61.59 2.45 -8.00
N GLN G 82 -61.55 2.39 -6.68
CA GLN G 82 -62.75 2.39 -5.85
C GLN G 82 -62.90 3.77 -5.22
N LEU G 83 -63.85 4.55 -5.72
CA LEU G 83 -64.16 5.85 -5.16
C LEU G 83 -65.39 5.72 -4.26
N SER G 84 -65.30 6.31 -3.06
CA SER G 84 -66.34 6.19 -2.06
C SER G 84 -66.74 7.56 -1.55
N SER G 85 -67.99 7.68 -1.12
CA SER G 85 -68.53 8.93 -0.59
C SER G 85 -68.32 10.06 -1.58
N LEU G 86 -68.94 9.93 -2.75
CA LEU G 86 -68.77 10.92 -3.80
C LEU G 86 -69.52 12.20 -3.46
N THR G 87 -68.94 13.33 -3.84
CA THR G 87 -69.51 14.65 -3.62
C THR G 87 -69.74 15.32 -4.97
N SER G 88 -70.34 16.51 -4.91
CA SER G 88 -70.63 17.27 -6.13
C SER G 88 -69.38 17.74 -6.84
N GLU G 89 -68.24 17.80 -6.15
CA GLU G 89 -66.99 18.25 -6.75
C GLU G 89 -66.20 17.10 -7.35
N ASP G 90 -66.68 15.86 -7.24
CA ASP G 90 -65.97 14.70 -7.73
C ASP G 90 -66.35 14.36 -9.17
N THR G 91 -67.03 15.25 -9.86
CA THR G 91 -67.36 15.05 -11.27
C THR G 91 -66.15 15.42 -12.11
N ALA G 92 -65.55 14.44 -12.77
CA ALA G 92 -64.34 14.67 -13.54
C ALA G 92 -64.16 13.53 -14.52
N VAL G 93 -63.02 13.49 -15.19
CA VAL G 93 -62.62 12.40 -16.07
C VAL G 93 -61.43 11.72 -15.44
N TYR G 94 -61.50 10.40 -15.32
CA TYR G 94 -60.47 9.61 -14.64
C TYR G 94 -59.71 8.80 -15.67
N TYR G 95 -58.42 9.09 -15.80
CA TYR G 95 -57.53 8.41 -16.72
C TYR G 95 -56.71 7.34 -16.03
N CYS G 96 -56.34 6.32 -16.79
CA CYS G 96 -55.54 5.19 -16.33
C CYS G 96 -54.27 5.15 -17.16
N ALA G 97 -53.16 5.59 -16.58
CA ALA G 97 -51.89 5.67 -17.28
C ALA G 97 -50.97 4.53 -16.85
N ARG G 98 -49.92 4.31 -17.64
CA ARG G 98 -48.97 3.24 -17.41
C ARG G 98 -47.57 3.82 -17.39
N LYS G 99 -46.83 3.56 -16.32
CA LYS G 99 -45.46 4.01 -16.22
C LYS G 99 -44.62 3.42 -17.35
N GLY G 100 -43.61 4.16 -17.77
CA GLY G 100 -42.71 3.67 -18.79
C GLY G 100 -41.70 4.68 -19.30
N LEU G 101 -40.49 4.21 -19.58
CA LEU G 101 -39.44 5.03 -20.18
C LEU G 101 -39.11 6.23 -19.28
N ARG G 102 -38.52 5.90 -18.13
CA ARG G 102 -38.02 6.89 -17.20
C ARG G 102 -39.15 7.65 -16.52
N TRP G 103 -40.15 6.89 -16.06
CA TRP G 103 -41.23 7.42 -15.23
C TRP G 103 -41.96 8.56 -15.94
N ALA G 104 -42.60 8.21 -17.06
CA ALA G 104 -43.17 9.20 -17.96
C ALA G 104 -44.67 9.07 -18.20
N MET G 105 -45.30 7.95 -17.82
CA MET G 105 -46.72 7.73 -18.09
C MET G 105 -47.00 7.82 -19.60
N ASP G 106 -46.43 6.88 -20.34
CA ASP G 106 -46.44 6.97 -21.79
C ASP G 106 -47.82 6.63 -22.35
N TYR G 107 -48.40 5.52 -21.93
CA TYR G 107 -49.68 5.05 -22.45
C TYR G 107 -50.81 5.43 -21.50
N TRP G 108 -51.81 6.12 -22.02
CA TRP G 108 -52.96 6.56 -21.26
C TRP G 108 -54.23 5.87 -21.75
N GLY G 109 -55.18 5.71 -20.84
CA GLY G 109 -56.47 5.16 -21.22
C GLY G 109 -57.40 6.22 -21.77
N GLN G 110 -58.50 5.76 -22.37
CA GLN G 110 -59.47 6.68 -22.94
C GLN G 110 -60.15 7.55 -21.88
N GLY G 111 -60.18 7.10 -20.63
CA GLY G 111 -60.73 7.90 -19.56
C GLY G 111 -62.23 7.83 -19.46
N THR G 112 -62.75 7.57 -18.26
CA THR G 112 -64.19 7.51 -18.03
C THR G 112 -64.68 8.84 -17.47
N SER G 113 -65.91 9.20 -17.81
CA SER G 113 -66.54 10.43 -17.38
C SER G 113 -67.45 10.11 -16.20
N VAL G 114 -66.97 10.33 -14.99
CA VAL G 114 -67.74 10.09 -13.78
C VAL G 114 -68.42 11.39 -13.36
N THR G 115 -69.74 11.39 -13.37
CA THR G 115 -70.52 12.56 -12.97
C THR G 115 -71.54 12.18 -11.90
N VAL G 116 -71.79 13.10 -11.00
CA VAL G 116 -72.77 12.91 -9.93
C VAL G 116 -73.93 13.88 -10.16
N SER G 117 -74.99 13.71 -9.37
CA SER G 117 -76.17 14.55 -9.50
C SER G 117 -76.86 14.75 -8.16
N ASN H 1 40.65 -8.62 -19.94
CA ASN H 1 41.43 -9.88 -20.01
C ASN H 1 41.97 -10.28 -18.63
N ILE H 2 41.55 -11.43 -18.16
CA ILE H 2 41.98 -11.97 -16.87
C ILE H 2 43.22 -12.80 -17.12
N VAL H 3 44.28 -12.53 -16.36
CA VAL H 3 45.55 -13.24 -16.48
C VAL H 3 45.74 -14.11 -15.25
N MET H 4 46.26 -15.31 -15.45
CA MET H 4 46.45 -16.30 -14.40
C MET H 4 47.94 -16.54 -14.23
N THR H 5 48.50 -16.06 -13.12
CA THR H 5 49.90 -16.27 -12.79
C THR H 5 50.03 -17.58 -12.04
N GLN H 6 50.57 -18.60 -12.71
CA GLN H 6 50.74 -19.91 -12.11
C GLN H 6 52.16 -20.08 -11.60
N SER H 7 52.29 -20.63 -10.40
CA SER H 7 53.57 -20.80 -9.74
C SER H 7 53.66 -22.17 -9.10
N PRO H 8 54.86 -22.78 -9.05
CA PRO H 8 56.11 -22.27 -9.62
C PRO H 8 56.24 -22.62 -11.10
N LYS H 9 57.32 -22.16 -11.74
CA LYS H 9 57.47 -22.43 -13.16
C LYS H 9 57.80 -23.90 -13.41
N SER H 10 58.70 -24.46 -12.61
CA SER H 10 59.06 -25.87 -12.77
C SER H 10 59.66 -26.36 -11.46
N MET H 11 59.07 -27.42 -10.90
CA MET H 11 59.52 -27.99 -9.64
C MET H 11 59.90 -29.45 -9.86
N SER H 12 60.85 -29.91 -9.06
CA SER H 12 61.32 -31.29 -9.09
C SER H 12 61.16 -31.89 -7.70
N MET H 13 60.47 -33.03 -7.63
CA MET H 13 60.15 -33.64 -6.35
C MET H 13 60.17 -35.15 -6.50
N SER H 14 60.45 -35.83 -5.39
CA SER H 14 60.56 -37.29 -5.40
C SER H 14 59.18 -37.92 -5.25
N VAL H 15 59.15 -39.25 -5.35
CA VAL H 15 57.90 -40.00 -5.33
C VAL H 15 57.39 -40.09 -3.90
N GLY H 16 56.08 -39.94 -3.74
CA GLY H 16 55.42 -40.20 -2.48
C GLY H 16 55.34 -39.03 -1.53
N GLU H 17 55.67 -37.82 -1.98
CA GLU H 17 55.61 -36.63 -1.15
C GLU H 17 54.51 -35.71 -1.63
N ARG H 18 53.94 -34.94 -0.69
CA ARG H 18 52.89 -34.00 -1.03
C ARG H 18 53.43 -32.82 -1.81
N VAL H 19 52.70 -32.41 -2.84
CA VAL H 19 53.08 -31.29 -3.69
C VAL H 19 51.87 -30.40 -3.88
N THR H 20 52.14 -29.10 -4.05
CA THR H 20 51.08 -28.11 -4.18
C THR H 20 51.43 -27.14 -5.30
N LEU H 21 50.42 -26.74 -6.06
CA LEU H 21 50.57 -25.76 -7.13
C LEU H 21 49.59 -24.62 -6.90
N SER H 22 50.01 -23.41 -7.26
CA SER H 22 49.23 -22.21 -7.02
C SER H 22 48.92 -21.52 -8.34
N CYS H 23 47.73 -20.92 -8.40
CA CYS H 23 47.26 -20.20 -9.58
C CYS H 23 46.50 -18.99 -9.09
N LYS H 24 47.11 -17.80 -9.20
CA LYS H 24 46.51 -16.56 -8.72
C LYS H 24 45.90 -15.80 -9.89
N ALA H 25 44.61 -15.53 -9.81
CA ALA H 25 43.90 -14.78 -10.84
C ALA H 25 44.05 -13.28 -10.60
N SER H 26 44.04 -12.52 -11.69
CA SER H 26 44.14 -11.06 -11.61
C SER H 26 42.85 -10.45 -11.08
N GLU H 27 41.76 -10.64 -11.81
CA GLU H 27 40.46 -10.11 -11.43
C GLU H 27 39.70 -11.19 -10.64
N TYR H 28 38.41 -10.99 -10.46
CA TYR H 28 37.59 -11.95 -9.76
C TYR H 28 37.19 -13.08 -10.71
N VAL H 29 37.35 -14.31 -10.24
CA VAL H 29 36.85 -15.50 -10.90
C VAL H 29 36.29 -16.36 -9.78
N GLY H 30 34.98 -16.55 -9.77
CA GLY H 30 34.40 -17.07 -8.55
C GLY H 30 34.90 -18.46 -8.19
N THR H 31 34.48 -19.47 -8.93
CA THR H 31 35.02 -20.82 -8.75
C THR H 31 35.20 -21.50 -10.11
N TYR H 32 35.40 -20.71 -11.16
CA TYR H 32 35.43 -21.19 -12.53
C TYR H 32 36.85 -21.44 -13.00
N VAL H 33 37.69 -21.93 -12.11
CA VAL H 33 39.08 -22.26 -12.41
C VAL H 33 39.19 -23.77 -12.59
N SER H 34 39.73 -24.18 -13.74
CA SER H 34 39.90 -25.58 -14.09
C SER H 34 41.38 -25.93 -14.16
N TRP H 35 41.70 -27.17 -13.79
CA TRP H 35 43.06 -27.68 -13.83
C TRP H 35 43.15 -28.80 -14.87
N TYR H 36 44.08 -28.66 -15.81
CA TYR H 36 44.30 -29.64 -16.87
C TYR H 36 45.68 -30.25 -16.74
N GLN H 37 45.78 -31.54 -17.06
CA GLN H 37 47.03 -32.29 -17.00
C GLN H 37 47.39 -32.73 -18.41
N GLN H 38 48.43 -32.14 -18.98
CA GLN H 38 48.87 -32.44 -20.34
C GLN H 38 50.16 -33.24 -20.26
N LYS H 39 50.08 -34.51 -20.58
CA LYS H 39 51.27 -35.35 -20.70
C LYS H 39 51.94 -35.08 -22.04
N PRO H 40 53.25 -35.34 -22.14
CA PRO H 40 53.95 -35.05 -23.39
C PRO H 40 53.35 -35.84 -24.55
N GLU H 41 53.24 -35.17 -25.70
CA GLU H 41 52.69 -35.80 -26.91
C GLU H 41 51.24 -36.22 -26.71
N GLN H 42 50.48 -35.45 -25.92
CA GLN H 42 49.06 -35.74 -25.75
C GLN H 42 48.30 -34.43 -25.56
N SER H 43 46.98 -34.55 -25.59
CA SER H 43 46.06 -33.44 -25.42
C SER H 43 45.73 -33.23 -23.95
N PRO H 44 45.50 -31.99 -23.51
CA PRO H 44 45.22 -31.76 -22.09
C PRO H 44 43.97 -32.51 -21.64
N LYS H 45 44.01 -33.02 -20.40
CA LYS H 45 42.90 -33.74 -19.81
C LYS H 45 42.40 -32.97 -18.60
N LEU H 46 41.09 -32.78 -18.52
CA LEU H 46 40.52 -32.01 -17.43
C LEU H 46 40.61 -32.80 -16.13
N LEU H 47 41.22 -32.19 -15.12
CA LEU H 47 41.31 -32.79 -13.79
C LEU H 47 40.23 -32.25 -12.84
N ILE H 48 40.20 -30.94 -12.64
CA ILE H 48 39.34 -30.29 -11.65
C ILE H 48 38.48 -29.28 -12.39
N TYR H 49 37.22 -29.61 -12.63
CA TYR H 49 36.27 -28.66 -13.19
C TYR H 49 35.64 -27.87 -12.06
N GLY H 50 35.56 -26.56 -12.22
CA GLY H 50 35.23 -25.73 -11.09
C GLY H 50 36.34 -25.88 -10.08
N ALA H 51 36.29 -25.17 -8.97
CA ALA H 51 37.32 -25.31 -7.95
C ALA H 51 36.91 -26.44 -7.01
N SER H 52 37.80 -27.42 -6.86
CA SER H 52 37.55 -28.53 -5.96
C SER H 52 36.37 -29.41 -6.39
N ASN H 53 36.45 -29.96 -7.59
CA ASN H 53 35.52 -30.98 -8.06
C ASN H 53 36.28 -31.87 -9.02
N ARG H 54 36.63 -33.08 -8.59
CA ARG H 54 37.40 -33.95 -9.45
C ARG H 54 36.54 -34.43 -10.61
N TYR H 55 37.17 -34.56 -11.78
CA TYR H 55 36.49 -35.05 -12.96
C TYR H 55 36.40 -36.57 -12.92
N THR H 56 35.43 -37.10 -13.66
CA THR H 56 35.20 -38.54 -13.67
C THR H 56 36.43 -39.26 -14.18
N GLY H 57 36.98 -40.14 -13.36
CA GLY H 57 38.16 -40.90 -13.72
C GLY H 57 39.46 -40.37 -13.17
N VAL H 58 39.41 -39.42 -12.25
CA VAL H 58 40.61 -38.81 -11.68
C VAL H 58 40.86 -39.45 -10.31
N PRO H 59 42.09 -39.88 -10.02
CA PRO H 59 42.34 -40.47 -8.70
C PRO H 59 42.09 -39.48 -7.58
N ASP H 60 41.84 -40.03 -6.39
CA ASP H 60 41.48 -39.20 -5.25
C ASP H 60 42.68 -38.47 -4.64
N ARG H 61 43.87 -38.61 -5.21
CA ARG H 61 45.02 -37.87 -4.70
C ARG H 61 45.09 -36.45 -5.23
N PHE H 62 44.22 -36.08 -6.16
CA PHE H 62 44.13 -34.72 -6.66
C PHE H 62 43.01 -33.98 -5.97
N THR H 63 43.30 -32.80 -5.43
CA THR H 63 42.30 -31.99 -4.76
C THR H 63 42.50 -30.53 -5.12
N GLY H 64 41.38 -29.84 -5.39
CA GLY H 64 41.40 -28.42 -5.66
C GLY H 64 40.97 -27.63 -4.44
N SER H 65 41.31 -26.34 -4.44
CA SER H 65 40.93 -25.45 -3.35
C SER H 65 40.70 -24.08 -3.93
N GLY H 66 39.48 -23.58 -3.82
CA GLY H 66 39.09 -22.37 -4.51
C GLY H 66 38.89 -21.16 -3.63
N SER H 67 38.91 -19.99 -4.28
CA SER H 67 38.68 -18.71 -3.63
C SER H 67 38.24 -17.74 -4.71
N ALA H 68 38.27 -16.45 -4.42
CA ALA H 68 37.93 -15.47 -5.44
C ALA H 68 39.06 -15.32 -6.44
N THR H 69 40.31 -15.26 -5.98
CA THR H 69 41.46 -15.08 -6.84
C THR H 69 42.52 -16.15 -6.70
N ASP H 70 42.81 -16.64 -5.50
CA ASP H 70 43.88 -17.61 -5.30
C ASP H 70 43.32 -19.02 -5.35
N PHE H 71 43.98 -19.90 -6.09
CA PHE H 71 43.56 -21.29 -6.25
C PHE H 71 44.75 -22.23 -6.12
N THR H 72 44.50 -23.44 -5.64
CA THR H 72 45.54 -24.39 -5.31
C THR H 72 45.19 -25.79 -5.81
N LEU H 73 46.18 -26.50 -6.34
CA LEU H 73 46.06 -27.90 -6.73
C LEU H 73 47.07 -28.69 -5.91
N THR H 74 46.57 -29.52 -5.00
CA THR H 74 47.41 -30.35 -4.14
C THR H 74 47.33 -31.80 -4.59
N ILE H 75 48.48 -32.40 -4.83
CA ILE H 75 48.60 -33.84 -5.06
C ILE H 75 49.16 -34.48 -3.82
N GLY H 76 48.60 -35.63 -3.43
CA GLY H 76 49.02 -36.30 -2.23
C GLY H 76 50.16 -37.27 -2.49
N SER H 77 49.90 -38.56 -2.32
CA SER H 77 50.91 -39.58 -2.64
C SER H 77 51.14 -39.54 -4.14
N VAL H 78 52.24 -38.94 -4.55
CA VAL H 78 52.51 -38.73 -5.97
C VAL H 78 53.12 -40.00 -6.56
N GLN H 79 52.52 -40.48 -7.64
CA GLN H 79 52.97 -41.70 -8.29
C GLN H 79 53.99 -41.35 -9.37
N ALA H 80 54.33 -42.33 -10.20
CA ALA H 80 55.36 -42.15 -11.20
C ALA H 80 54.83 -41.72 -12.56
N GLU H 81 53.51 -41.74 -12.76
CA GLU H 81 52.91 -41.32 -14.01
C GLU H 81 52.30 -39.93 -13.93
N ASP H 82 52.56 -39.19 -12.86
CA ASP H 82 52.07 -37.83 -12.69
C ASP H 82 53.09 -36.79 -13.14
N LEU H 83 53.98 -37.17 -14.05
CA LEU H 83 55.02 -36.28 -14.55
C LEU H 83 54.52 -35.63 -15.84
N ALA H 84 53.88 -34.47 -15.70
CA ALA H 84 53.28 -33.81 -16.84
C ALA H 84 53.10 -32.34 -16.51
N ASP H 85 52.68 -31.57 -17.51
CA ASP H 85 52.33 -30.17 -17.31
C ASP H 85 50.98 -30.06 -16.62
N TYR H 86 50.79 -28.96 -15.91
CA TYR H 86 49.57 -28.73 -15.14
C TYR H 86 49.15 -27.28 -15.37
N HIS H 87 48.19 -27.09 -16.28
CA HIS H 87 47.71 -25.75 -16.62
C HIS H 87 46.48 -25.43 -15.79
N CYS H 88 46.37 -24.18 -15.37
CA CYS H 88 45.17 -23.67 -14.71
C CYS H 88 44.53 -22.63 -15.62
N GLY H 89 43.23 -22.75 -15.83
CA GLY H 89 42.51 -21.84 -16.69
C GLY H 89 41.19 -21.40 -16.12
N GLN H 90 40.96 -20.10 -16.04
CA GLN H 90 39.67 -19.61 -15.58
C GLN H 90 38.65 -19.71 -16.71
N SER H 91 37.37 -19.63 -16.34
CA SER H 91 36.30 -19.59 -17.32
C SER H 91 35.21 -18.59 -16.94
N TYR H 92 35.42 -17.80 -15.90
CA TYR H 92 34.41 -16.80 -15.51
C TYR H 92 34.18 -15.80 -16.63
N SER H 93 35.23 -15.46 -17.35
CA SER H 93 35.15 -14.68 -18.58
C SER H 93 35.67 -15.53 -19.72
N TYR H 94 35.90 -14.90 -20.86
CA TYR H 94 36.50 -15.62 -21.98
C TYR H 94 37.76 -16.34 -21.51
N PRO H 95 37.93 -17.62 -21.83
CA PRO H 95 38.95 -18.44 -21.15
C PRO H 95 40.36 -17.98 -21.44
N THR H 96 41.15 -17.84 -20.37
CA THR H 96 42.58 -17.56 -20.45
C THR H 96 43.31 -18.55 -19.55
N PHE H 97 44.31 -19.23 -20.10
CA PHE H 97 45.05 -20.24 -19.35
C PHE H 97 46.29 -19.65 -18.71
N GLY H 98 46.89 -20.42 -17.81
CA GLY H 98 48.17 -20.09 -17.23
C GLY H 98 49.32 -20.61 -18.06
N ALA H 99 50.54 -20.40 -17.55
CA ALA H 99 51.73 -20.83 -18.26
C ALA H 99 52.05 -22.30 -18.07
N GLY H 100 51.56 -22.92 -17.00
CA GLY H 100 51.82 -24.33 -16.75
C GLY H 100 53.09 -24.55 -15.96
N THR H 101 53.13 -25.67 -15.24
CA THR H 101 54.26 -26.04 -14.40
C THR H 101 54.76 -27.42 -14.80
N LYS H 102 56.00 -27.49 -15.27
CA LYS H 102 56.64 -28.75 -15.64
C LYS H 102 57.04 -29.51 -14.38
N LEU H 103 56.22 -30.49 -13.99
CA LEU H 103 56.55 -31.35 -12.86
C LEU H 103 57.63 -32.36 -13.25
N GLU H 104 58.60 -32.57 -12.37
CA GLU H 104 59.73 -33.44 -12.66
C GLU H 104 59.99 -34.35 -11.46
N LEU H 105 60.69 -35.44 -11.73
CA LEU H 105 61.09 -36.39 -10.71
C LEU H 105 62.60 -36.33 -10.51
N LYS H 106 63.02 -36.37 -9.25
CA LYS H 106 64.45 -36.36 -8.92
C LYS H 106 64.68 -37.03 -7.57
N VAL I 2 32.15 -36.70 -26.73
CA VAL I 2 32.63 -38.01 -26.30
C VAL I 2 33.88 -38.38 -27.09
N GLN I 3 33.89 -38.06 -28.38
CA GLN I 3 35.06 -38.34 -29.21
C GLN I 3 35.17 -37.25 -30.27
N LEU I 4 36.21 -36.42 -30.18
CA LEU I 4 36.45 -35.35 -31.13
C LEU I 4 37.59 -35.74 -32.05
N GLN I 5 37.32 -35.74 -33.36
CA GLN I 5 38.30 -36.09 -34.37
C GLN I 5 38.69 -34.84 -35.15
N GLN I 6 39.94 -34.44 -35.04
CA GLN I 6 40.44 -33.27 -35.74
C GLN I 6 40.94 -33.70 -37.12
N SER I 7 41.56 -32.79 -37.85
CA SER I 7 42.11 -33.07 -39.16
C SER I 7 43.55 -33.58 -39.00
N GLY I 8 44.26 -33.73 -40.11
CA GLY I 8 45.65 -34.12 -40.08
C GLY I 8 46.59 -32.92 -40.07
N ALA I 9 47.87 -33.23 -40.01
CA ALA I 9 48.89 -32.18 -40.01
C ALA I 9 48.92 -31.48 -41.36
N GLU I 10 49.23 -30.19 -41.33
CA GLU I 10 49.30 -29.37 -42.54
C GLU I 10 50.69 -28.79 -42.70
N LEU I 11 51.16 -28.74 -43.94
CA LEU I 11 52.45 -28.15 -44.31
C LEU I 11 52.12 -27.07 -45.33
N VAL I 12 51.96 -25.83 -44.87
CA VAL I 12 51.43 -24.75 -45.69
C VAL I 12 52.53 -23.74 -45.91
N LYS I 13 52.57 -23.18 -47.11
CA LYS I 13 53.53 -22.14 -47.42
C LYS I 13 53.13 -20.84 -46.74
N PRO I 14 54.09 -20.02 -46.32
CA PRO I 14 53.75 -18.75 -45.66
C PRO I 14 53.00 -17.82 -46.61
N GLY I 15 51.86 -17.33 -46.14
CA GLY I 15 51.01 -16.45 -46.92
C GLY I 15 49.75 -17.08 -47.45
N ALA I 16 49.45 -18.32 -47.09
CA ALA I 16 48.26 -19.02 -47.56
C ALA I 16 47.26 -19.19 -46.41
N SER I 17 46.15 -19.85 -46.71
CA SER I 17 45.06 -20.05 -45.76
C SER I 17 44.86 -21.55 -45.54
N VAL I 18 44.79 -21.95 -44.28
CA VAL I 18 44.55 -23.34 -43.88
C VAL I 18 43.23 -23.40 -43.14
N LYS I 19 42.44 -24.44 -43.44
CA LYS I 19 41.12 -24.63 -42.85
C LYS I 19 41.13 -25.98 -42.13
N LEU I 20 41.21 -25.94 -40.80
CA LEU I 20 41.23 -27.15 -39.99
C LEU I 20 39.81 -27.54 -39.56
N SER I 21 39.55 -28.84 -39.53
CA SER I 21 38.23 -29.37 -39.24
C SER I 21 38.26 -30.19 -37.96
N CYS I 22 37.13 -30.21 -37.26
CA CYS I 22 36.98 -30.90 -35.99
C CYS I 22 35.60 -31.57 -35.98
N THR I 23 35.58 -32.88 -36.22
CA THR I 23 34.33 -33.62 -36.31
C THR I 23 33.97 -34.20 -34.94
N ALA I 24 32.80 -33.82 -34.44
CA ALA I 24 32.32 -34.29 -33.14
C ALA I 24 31.43 -35.52 -33.32
N SER I 25 31.84 -36.63 -32.73
CA SER I 25 31.07 -37.87 -32.74
C SER I 25 30.74 -38.25 -31.30
N GLY I 26 29.46 -38.46 -31.02
CA GLY I 26 29.00 -38.80 -29.68
C GLY I 26 28.06 -37.78 -29.06
N PHE I 27 27.81 -36.66 -29.72
CA PHE I 27 26.91 -35.64 -29.20
C PHE I 27 26.59 -34.69 -30.34
N ASN I 28 25.67 -33.76 -30.08
CA ASN I 28 25.32 -32.72 -31.05
C ASN I 28 26.00 -31.43 -30.65
N ILE I 29 26.59 -30.75 -31.63
CA ILE I 29 27.32 -29.52 -31.34
C ILE I 29 26.39 -28.37 -31.02
N LYS I 30 25.10 -28.49 -31.31
CA LYS I 30 24.17 -27.42 -30.97
C LYS I 30 23.98 -27.28 -29.47
N ASP I 31 24.39 -28.28 -28.69
CA ASP I 31 24.14 -28.24 -27.26
C ASP I 31 25.19 -27.44 -26.51
N THR I 32 26.45 -27.52 -26.94
CA THR I 32 27.56 -26.91 -26.25
C THR I 32 28.27 -25.91 -27.17
N TYR I 33 29.28 -25.25 -26.62
CA TYR I 33 30.14 -24.38 -27.39
C TYR I 33 31.30 -25.21 -27.96
N MET I 34 32.10 -24.58 -28.79
CA MET I 34 33.25 -25.25 -29.41
C MET I 34 34.42 -24.28 -29.42
N TYR I 35 35.41 -24.56 -28.57
CA TYR I 35 36.59 -23.73 -28.42
C TYR I 35 37.73 -24.22 -29.29
N TRP I 36 38.51 -23.26 -29.80
CA TRP I 36 39.73 -23.56 -30.54
C TRP I 36 40.91 -23.00 -29.74
N VAL I 37 41.90 -23.84 -29.49
CA VAL I 37 43.07 -23.49 -28.68
C VAL I 37 44.32 -23.79 -29.50
N LYS I 38 45.31 -22.91 -29.40
CA LYS I 38 46.62 -23.14 -29.96
C LYS I 38 47.65 -23.30 -28.85
N GLN I 39 48.73 -24.01 -29.16
CA GLN I 39 49.83 -24.19 -28.20
C GLN I 39 51.13 -24.29 -28.97
N ARG I 40 51.96 -23.26 -28.89
CA ARG I 40 53.29 -23.33 -29.44
C ARG I 40 54.14 -24.31 -28.63
N PRO I 41 55.21 -24.83 -29.21
CA PRO I 41 56.02 -25.83 -28.49
C PRO I 41 56.56 -25.27 -27.18
N GLU I 42 56.34 -26.02 -26.10
CA GLU I 42 56.89 -25.69 -24.78
C GLU I 42 56.40 -24.33 -24.31
N GLN I 43 55.11 -24.04 -24.50
CA GLN I 43 54.51 -22.82 -24.02
C GLN I 43 53.12 -23.12 -23.50
N GLY I 44 52.47 -22.09 -22.97
CA GLY I 44 51.15 -22.27 -22.41
C GLY I 44 50.07 -22.29 -23.46
N LEU I 45 48.90 -22.80 -23.05
CA LEU I 45 47.77 -22.86 -23.95
C LEU I 45 47.27 -21.45 -24.23
N GLU I 46 46.65 -21.26 -25.39
CA GLU I 46 46.16 -19.95 -25.77
C GLU I 46 44.83 -20.08 -26.47
N TRP I 47 43.90 -19.20 -26.11
CA TRP I 47 42.55 -19.23 -26.66
C TRP I 47 42.48 -18.47 -27.97
N ILE I 48 41.76 -19.03 -28.94
CA ILE I 48 41.56 -18.38 -30.23
C ILE I 48 40.16 -17.81 -30.27
N GLY I 49 39.16 -18.67 -30.15
CA GLY I 49 37.79 -18.23 -30.20
C GLY I 49 36.85 -19.40 -30.01
N ARG I 50 35.61 -19.05 -29.71
CA ARG I 50 34.53 -20.02 -29.53
C ARG I 50 33.38 -19.70 -30.47
N ILE I 51 32.51 -20.68 -30.66
CA ILE I 51 31.34 -20.55 -31.53
C ILE I 51 30.18 -21.26 -30.86
N ASP I 52 29.01 -20.64 -30.91
CA ASP I 52 27.78 -21.27 -30.45
C ASP I 52 27.09 -21.88 -31.66
N PRO I 53 27.20 -23.20 -31.89
CA PRO I 53 26.69 -23.76 -33.15
C PRO I 53 25.19 -23.68 -33.30
N ALA I 54 24.45 -23.34 -32.24
CA ALA I 54 23.00 -23.22 -32.37
C ALA I 54 22.62 -21.94 -33.09
N ASN I 55 23.37 -20.86 -32.88
CA ASN I 55 23.11 -19.58 -33.51
C ASN I 55 24.15 -19.20 -34.56
N GLY I 56 25.43 -19.34 -34.21
CA GLY I 56 26.51 -18.88 -35.04
C GLY I 56 27.28 -17.73 -34.43
N ASP I 57 27.01 -17.38 -33.18
CA ASP I 57 27.72 -16.30 -32.50
C ASP I 57 29.14 -16.75 -32.15
N THR I 58 30.12 -16.08 -32.73
CA THR I 58 31.52 -16.42 -32.54
C THR I 58 32.26 -15.26 -31.88
N LYS I 59 33.01 -15.56 -30.83
CA LYS I 59 33.86 -14.61 -30.15
C LYS I 59 35.31 -15.01 -30.34
N TYR I 60 36.19 -14.01 -30.49
CA TYR I 60 37.60 -14.27 -30.74
C TYR I 60 38.44 -13.55 -29.70
N ASP I 61 39.64 -14.06 -29.48
CA ASP I 61 40.62 -13.34 -28.69
C ASP I 61 41.02 -12.07 -29.43
N PRO I 62 41.18 -10.95 -28.73
CA PRO I 62 41.55 -9.70 -29.44
C PRO I 62 42.78 -9.82 -30.32
N LYS I 63 43.75 -10.65 -29.95
CA LYS I 63 44.95 -10.82 -30.76
C LYS I 63 44.79 -11.83 -31.87
N PHE I 64 43.60 -12.41 -32.03
CA PHE I 64 43.32 -13.32 -33.14
C PHE I 64 42.18 -12.84 -34.00
N GLN I 65 41.71 -11.61 -33.79
CA GLN I 65 40.60 -11.08 -34.57
C GLN I 65 41.05 -10.78 -35.98
N GLY I 66 40.28 -11.26 -36.95
CA GLY I 66 40.56 -11.07 -38.37
C GLY I 66 41.44 -12.14 -38.97
N LYS I 67 42.44 -12.61 -38.23
CA LYS I 67 43.30 -13.67 -38.75
C LYS I 67 42.56 -14.99 -38.84
N ALA I 68 41.79 -15.33 -37.81
CA ALA I 68 41.05 -16.58 -37.78
C ALA I 68 39.55 -16.34 -37.83
N THR I 69 38.83 -17.33 -38.37
CA THR I 69 37.38 -17.33 -38.39
C THR I 69 36.92 -18.74 -38.07
N ILE I 70 35.80 -18.84 -37.34
CA ILE I 70 35.27 -20.11 -36.88
C ILE I 70 33.86 -20.26 -37.43
N THR I 71 33.63 -21.33 -38.18
CA THR I 71 32.32 -21.67 -38.70
C THR I 71 31.95 -23.07 -38.21
N THR I 72 30.72 -23.48 -38.50
CA THR I 72 30.22 -24.77 -38.05
C THR I 72 29.53 -25.47 -39.22
N ASP I 73 29.11 -26.70 -38.97
CA ASP I 73 28.34 -27.47 -39.94
C ASP I 73 27.47 -28.43 -39.14
N THR I 74 26.18 -28.10 -39.01
CA THR I 74 25.30 -28.88 -38.16
C THR I 74 25.01 -30.25 -38.74
N PHE I 75 25.07 -30.39 -40.06
CA PHE I 75 24.73 -31.67 -40.68
C PHE I 75 25.76 -32.75 -40.33
N SER I 76 27.04 -32.41 -40.39
CA SER I 76 28.11 -33.36 -40.07
C SER I 76 28.68 -33.21 -38.67
N ASN I 77 28.17 -32.28 -37.86
CA ASN I 77 28.68 -32.04 -36.51
C ASN I 77 30.18 -31.74 -36.56
N THR I 78 30.54 -30.72 -37.32
CA THR I 78 31.93 -30.33 -37.48
C THR I 78 32.09 -28.84 -37.21
N ALA I 79 33.23 -28.49 -36.64
CA ALA I 79 33.65 -27.10 -36.45
C ALA I 79 34.89 -26.83 -37.29
N TYR I 80 34.87 -25.74 -38.05
CA TYR I 80 35.97 -25.36 -38.91
C TYR I 80 36.65 -24.10 -38.38
N LEU I 81 37.99 -24.12 -38.41
CA LEU I 81 38.80 -22.96 -38.05
C LEU I 81 39.67 -22.65 -39.26
N GLN I 82 39.51 -21.46 -39.81
CA GLN I 82 40.25 -21.05 -41.01
C GLN I 82 41.15 -19.88 -40.63
N LEU I 83 42.45 -20.06 -40.86
CA LEU I 83 43.44 -19.01 -40.62
C LEU I 83 43.61 -18.22 -41.91
N SER I 84 43.08 -16.99 -41.93
CA SER I 84 43.00 -16.22 -43.16
C SER I 84 44.38 -15.94 -43.74
N SER I 85 45.19 -15.17 -43.02
CA SER I 85 46.54 -14.83 -43.47
C SER I 85 47.50 -15.20 -42.35
N LEU I 86 48.44 -16.07 -42.66
CA LEU I 86 49.35 -16.62 -41.66
C LEU I 86 50.79 -16.35 -42.05
N THR I 87 51.60 -15.99 -41.05
CA THR I 87 53.02 -15.77 -41.22
C THR I 87 53.77 -17.06 -40.89
N SER I 88 55.09 -16.95 -40.73
CA SER I 88 55.94 -18.09 -40.43
C SER I 88 56.10 -18.31 -38.93
N GLU I 89 55.32 -17.62 -38.10
CA GLU I 89 55.46 -17.73 -36.65
C GLU I 89 54.43 -18.63 -36.00
N ASP I 90 53.23 -18.75 -36.57
CA ASP I 90 52.16 -19.55 -35.95
C ASP I 90 52.29 -21.03 -36.34
N THR I 91 53.45 -21.61 -36.06
CA THR I 91 53.69 -23.04 -36.30
C THR I 91 53.41 -23.84 -35.04
N ALA I 92 52.18 -23.75 -34.56
CA ALA I 92 51.77 -24.33 -33.30
C ALA I 92 50.87 -25.53 -33.53
N VAL I 93 50.38 -26.09 -32.43
CA VAL I 93 49.43 -27.20 -32.44
C VAL I 93 48.07 -26.65 -32.07
N TYR I 94 47.07 -26.94 -32.88
CA TYR I 94 45.75 -26.36 -32.73
C TYR I 94 44.79 -27.42 -32.21
N TYR I 95 44.19 -27.16 -31.06
CA TYR I 95 43.28 -28.10 -30.41
C TYR I 95 41.84 -27.62 -30.53
N CYS I 96 40.92 -28.58 -30.51
CA CYS I 96 39.49 -28.33 -30.59
C CYS I 96 38.85 -28.94 -29.34
N ALA I 97 38.12 -28.12 -28.60
CA ALA I 97 37.54 -28.55 -27.33
C ALA I 97 36.10 -28.09 -27.23
N ARG I 98 35.33 -28.82 -26.43
CA ARG I 98 33.95 -28.46 -26.11
C ARG I 98 33.84 -28.13 -24.63
N LYS I 99 32.93 -27.22 -24.30
CA LYS I 99 32.77 -26.82 -22.91
C LYS I 99 32.13 -27.95 -22.10
N GLY I 100 32.54 -28.06 -20.85
CA GLY I 100 32.16 -29.13 -19.96
C GLY I 100 31.02 -28.74 -19.03
N LEU I 101 31.14 -29.15 -17.77
CA LEU I 101 30.06 -28.93 -16.82
C LEU I 101 30.08 -27.51 -16.26
N ARG I 102 31.14 -27.16 -15.54
CA ARG I 102 31.26 -25.82 -14.98
C ARG I 102 32.09 -24.93 -15.89
N TRP I 103 31.69 -24.86 -17.16
CA TRP I 103 32.34 -24.03 -18.17
C TRP I 103 33.79 -24.41 -18.41
N ALA I 104 34.22 -25.56 -17.92
CA ALA I 104 35.53 -26.11 -18.26
C ALA I 104 35.49 -26.75 -19.65
N MET I 105 36.64 -27.17 -20.13
CA MET I 105 36.78 -27.83 -21.43
C MET I 105 37.09 -29.30 -21.14
N ASP I 106 36.04 -30.11 -21.04
CA ASP I 106 36.20 -31.49 -20.59
C ASP I 106 36.82 -32.37 -21.67
N TYR I 107 36.29 -32.31 -22.90
CA TYR I 107 36.74 -33.15 -24.00
C TYR I 107 37.54 -32.32 -24.99
N TRP I 108 38.82 -32.67 -25.14
CA TRP I 108 39.69 -32.04 -26.12
C TRP I 108 39.83 -32.92 -27.36
N GLY I 109 40.35 -32.32 -28.42
CA GLY I 109 40.61 -33.04 -29.64
C GLY I 109 41.92 -33.79 -29.56
N GLN I 110 42.69 -33.78 -30.65
CA GLN I 110 44.00 -34.41 -30.68
C GLN I 110 45.10 -33.52 -31.18
N GLY I 111 44.79 -32.43 -31.89
CA GLY I 111 45.81 -31.50 -32.33
C GLY I 111 46.24 -31.69 -33.77
N THR I 112 46.05 -30.66 -34.59
CA THR I 112 46.53 -30.64 -35.97
C THR I 112 47.74 -29.71 -36.03
N SER I 113 48.92 -30.29 -35.92
CA SER I 113 50.16 -29.52 -35.88
C SER I 113 50.41 -28.92 -37.26
N VAL I 114 50.12 -27.63 -37.43
CA VAL I 114 50.39 -26.97 -38.69
C VAL I 114 51.87 -26.58 -38.72
N THR I 115 52.41 -26.46 -39.93
CA THR I 115 53.82 -26.15 -40.13
C THR I 115 53.96 -25.16 -41.27
N VAL I 116 54.62 -24.04 -41.00
CA VAL I 116 54.80 -22.98 -41.98
C VAL I 116 56.30 -22.91 -42.32
N SER I 117 56.62 -23.19 -43.57
CA SER I 117 58.01 -23.19 -44.04
C SER I 117 57.98 -23.17 -45.56
N THR I 118 59.14 -23.36 -46.18
CA THR I 118 59.26 -23.39 -47.63
C THR I 118 60.05 -24.61 -48.09
#